data_4TMD
# 
_entry.id   4TMD 
# 
_audit_conform.dict_name       mmcif_pdbx.dic 
_audit_conform.dict_version    5.399 
_audit_conform.dict_location   http://mmcif.pdb.org/dictionaries/ascii/mmcif_pdbx.dic 
# 
loop_
_database_2.database_id 
_database_2.database_code 
_database_2.pdbx_database_accession 
_database_2.pdbx_DOI 
PDB   4TMD         pdb_00004tmd 10.2210/pdb4tmd/pdb 
WWPDB D_1000201860 ?            ?                   
# 
loop_
_pdbx_audit_revision_history.ordinal 
_pdbx_audit_revision_history.data_content_type 
_pdbx_audit_revision_history.major_revision 
_pdbx_audit_revision_history.minor_revision 
_pdbx_audit_revision_history.revision_date 
1 'Structure model' 1 0 2014-07-02 
2 'Structure model' 1 1 2015-02-04 
3 'Structure model' 1 2 2017-11-22 
4 'Structure model' 1 3 2023-12-27 
5 'Structure model' 1 4 2024-11-20 
# 
_pdbx_audit_revision_details.ordinal             1 
_pdbx_audit_revision_details.revision_ordinal    1 
_pdbx_audit_revision_details.data_content_type   'Structure model' 
_pdbx_audit_revision_details.provider            repository 
_pdbx_audit_revision_details.type                'Initial release' 
_pdbx_audit_revision_details.description         ? 
_pdbx_audit_revision_details.details             ? 
# 
loop_
_pdbx_audit_revision_group.ordinal 
_pdbx_audit_revision_group.revision_ordinal 
_pdbx_audit_revision_group.data_content_type 
_pdbx_audit_revision_group.group 
1  2 'Structure model' 'Derived calculations'   
2  3 'Structure model' 'Database references'    
3  3 'Structure model' 'Derived calculations'   
4  3 'Structure model' Other                    
5  3 'Structure model' 'Refinement description' 
6  3 'Structure model' 'Source and taxonomy'    
7  4 'Structure model' 'Data collection'        
8  4 'Structure model' 'Database references'    
9  4 'Structure model' 'Refinement description' 
10 5 'Structure model' 'Structure summary'      
# 
loop_
_pdbx_audit_revision_category.ordinal 
_pdbx_audit_revision_category.revision_ordinal 
_pdbx_audit_revision_category.data_content_type 
_pdbx_audit_revision_category.category 
1  3 'Structure model' citation                  
2  3 'Structure model' entity_src_gen            
3  3 'Structure model' pdbx_database_status      
4  3 'Structure model' pdbx_struct_assembly      
5  3 'Structure model' pdbx_struct_oper_list     
6  3 'Structure model' software                  
7  4 'Structure model' chem_comp_atom            
8  4 'Structure model' chem_comp_bond            
9  4 'Structure model' database_2                
10 4 'Structure model' refine_hist               
11 5 'Structure model' pdbx_entry_details        
12 5 'Structure model' pdbx_modification_feature 
# 
loop_
_pdbx_audit_revision_item.ordinal 
_pdbx_audit_revision_item.revision_ordinal 
_pdbx_audit_revision_item.data_content_type 
_pdbx_audit_revision_item.item 
1  3 'Structure model' '_citation.journal_id_CSD'                    
2  3 'Structure model' '_entity_src_gen.pdbx_alt_source_flag'        
3  3 'Structure model' '_pdbx_database_status.pdb_format_compatible' 
4  3 'Structure model' '_pdbx_struct_assembly.oligomeric_details'    
5  3 'Structure model' '_pdbx_struct_oper_list.symmetry_operation'   
6  3 'Structure model' '_software.classification'                    
7  4 'Structure model' '_database_2.pdbx_DOI'                        
8  4 'Structure model' '_database_2.pdbx_database_accession'         
9  4 'Structure model' '_refine_hist.number_atoms_total'             
10 4 'Structure model' '_refine_hist.pdbx_number_atoms_nucleic_acid' 
11 4 'Structure model' '_refine_hist.pdbx_number_atoms_protein'      
# 
_pdbx_database_status.status_code                     REL 
_pdbx_database_status.status_code_sf                  REL 
_pdbx_database_status.status_code_mr                  ? 
_pdbx_database_status.entry_id                        4TMD 
_pdbx_database_status.recvd_initial_deposition_date   2014-06-01 
_pdbx_database_status.SG_entry                        Y 
_pdbx_database_status.deposit_site                    RCSB 
_pdbx_database_status.process_site                    RCSB 
_pdbx_database_status.status_code_cs                  ? 
_pdbx_database_status.methods_development_category    ? 
_pdbx_database_status.pdb_format_compatible           Y 
_pdbx_database_status.status_code_nmr_data            ? 
# 
_pdbx_database_related.db_name        TargetTrack 
_pdbx_database_related.db_id          SSGCID-MysmA.18640.a 
_pdbx_database_related.content_type   unspecified 
_pdbx_database_related.details        . 
# 
loop_
_audit_author.name 
_audit_author.pdbx_ordinal 
'Horanyi, P.S.'                                                      1 
'Dranow, D.M.'                                                       2 
'Abendroth, J.'                                                      3 
'Lorimer, D.'                                                        4 
'Edwards, T.'                                                        5 
'Seattle Structural Genomics Center for Infectious Disease (SSGCID)' 6 
# 
_citation.abstract                  ? 
_citation.abstract_id_CAS           ? 
_citation.book_id_ISBN              ? 
_citation.book_publisher            ? 
_citation.book_publisher_city       ? 
_citation.book_title                ? 
_citation.coordinate_linkage        ? 
_citation.country                   ? 
_citation.database_id_Medline       ? 
_citation.details                   ? 
_citation.id                        primary 
_citation.journal_abbrev            'To Be Published' 
_citation.journal_id_ASTM           ? 
_citation.journal_id_CSD            0353 
_citation.journal_id_ISSN           ? 
_citation.journal_full              ? 
_citation.journal_issue             ? 
_citation.journal_volume            ? 
_citation.language                  ? 
_citation.page_first                ? 
_citation.page_last                 ? 
_citation.title                     
'X-ray structure of Putative uncharacterized protein (Rv0999 ortholog) from Mycobacterium smegmatis' 
_citation.year                      ? 
_citation.database_id_CSD           ? 
_citation.pdbx_database_id_DOI      ? 
_citation.pdbx_database_id_PubMed   ? 
_citation.unpublished_flag          ? 
# 
loop_
_citation_author.citation_id 
_citation_author.name 
_citation_author.ordinal 
_citation_author.identifier_ORCID 
primary 'Horanyi, P.S.' 1 ? 
primary 'Dranow, D.M.'  2 ? 
primary 'Abendroth, J.' 3 ? 
primary 'Lorimer, D.'   4 ? 
primary 'Edwards, T.'   5 ? 
# 
loop_
_entity.id 
_entity.type 
_entity.src_method 
_entity.pdbx_description 
_entity.formula_weight 
_entity.pdbx_number_of_molecules 
_entity.pdbx_ec 
_entity.pdbx_mutation 
_entity.pdbx_fragment 
_entity.details 
1 polymer     man 'Uncharacterized protein' 20832.590 1   ? ? 'UNP residues 31-224' ? 
2 non-polymer syn 'IODIDE ION'              126.904   6   ? ? ?                     ? 
3 water       nat water                     18.015    129 ? ? ?                     ? 
# 
_entity_name_com.entity_id   1 
_entity_name_com.name        'Rv0999 ortholog' 
# 
_entity_poly.entity_id                      1 
_entity_poly.type                           'polypeptide(L)' 
_entity_poly.nstd_linkage                   no 
_entity_poly.nstd_monomer                   no 
_entity_poly.pdbx_seq_one_letter_code       
;AYPDADIAKVAQLKSSFGPEFKVSEVAPTGIDPKLLSPQKLPEGVKFEPADCAKFAEGQQFPPGLQGNMAATAAEGEGNR
FIVMAVETSEPVPLSDPGDECKRVKFLGTGARGQVDVVESPQIDDARTVGTHRIIQTMVQGQPRTGELYNYVASFDNYMV
IVTANPLVLPDKPVAKVDTERARELLSAAVAAVRA
;
_entity_poly.pdbx_seq_one_letter_code_can   
;AYPDADIAKVAQLKSSFGPEFKVSEVAPTGIDPKLLSPQKLPEGVKFEPADCAKFAEGQQFPPGLQGNMAATAAEGEGNR
FIVMAVETSEPVPLSDPGDECKRVKFLGTGARGQVDVVESPQIDDARTVGTHRIIQTMVQGQPRTGELYNYVASFDNYMV
IVTANPLVLPDKPVAKVDTERARELLSAAVAAVRA
;
_entity_poly.pdbx_strand_id                 A 
_entity_poly.pdbx_target_identifier         SSGCID-MysmA.18640.a 
# 
loop_
_pdbx_entity_nonpoly.entity_id 
_pdbx_entity_nonpoly.name 
_pdbx_entity_nonpoly.comp_id 
2 'IODIDE ION' IOD 
3 water        HOH 
# 
loop_
_entity_poly_seq.entity_id 
_entity_poly_seq.num 
_entity_poly_seq.mon_id 
_entity_poly_seq.hetero 
1 1   ALA n 
1 2   TYR n 
1 3   PRO n 
1 4   ASP n 
1 5   ALA n 
1 6   ASP n 
1 7   ILE n 
1 8   ALA n 
1 9   LYS n 
1 10  VAL n 
1 11  ALA n 
1 12  GLN n 
1 13  LEU n 
1 14  LYS n 
1 15  SER n 
1 16  SER n 
1 17  PHE n 
1 18  GLY n 
1 19  PRO n 
1 20  GLU n 
1 21  PHE n 
1 22  LYS n 
1 23  VAL n 
1 24  SER n 
1 25  GLU n 
1 26  VAL n 
1 27  ALA n 
1 28  PRO n 
1 29  THR n 
1 30  GLY n 
1 31  ILE n 
1 32  ASP n 
1 33  PRO n 
1 34  LYS n 
1 35  LEU n 
1 36  LEU n 
1 37  SER n 
1 38  PRO n 
1 39  GLN n 
1 40  LYS n 
1 41  LEU n 
1 42  PRO n 
1 43  GLU n 
1 44  GLY n 
1 45  VAL n 
1 46  LYS n 
1 47  PHE n 
1 48  GLU n 
1 49  PRO n 
1 50  ALA n 
1 51  ASP n 
1 52  CYS n 
1 53  ALA n 
1 54  LYS n 
1 55  PHE n 
1 56  ALA n 
1 57  GLU n 
1 58  GLY n 
1 59  GLN n 
1 60  GLN n 
1 61  PHE n 
1 62  PRO n 
1 63  PRO n 
1 64  GLY n 
1 65  LEU n 
1 66  GLN n 
1 67  GLY n 
1 68  ASN n 
1 69  MET n 
1 70  ALA n 
1 71  ALA n 
1 72  THR n 
1 73  ALA n 
1 74  ALA n 
1 75  GLU n 
1 76  GLY n 
1 77  GLU n 
1 78  GLY n 
1 79  ASN n 
1 80  ARG n 
1 81  PHE n 
1 82  ILE n 
1 83  VAL n 
1 84  MET n 
1 85  ALA n 
1 86  VAL n 
1 87  GLU n 
1 88  THR n 
1 89  SER n 
1 90  GLU n 
1 91  PRO n 
1 92  VAL n 
1 93  PRO n 
1 94  LEU n 
1 95  SER n 
1 96  ASP n 
1 97  PRO n 
1 98  GLY n 
1 99  ASP n 
1 100 GLU n 
1 101 CYS n 
1 102 LYS n 
1 103 ARG n 
1 104 VAL n 
1 105 LYS n 
1 106 PHE n 
1 107 LEU n 
1 108 GLY n 
1 109 THR n 
1 110 GLY n 
1 111 ALA n 
1 112 ARG n 
1 113 GLY n 
1 114 GLN n 
1 115 VAL n 
1 116 ASP n 
1 117 VAL n 
1 118 VAL n 
1 119 GLU n 
1 120 SER n 
1 121 PRO n 
1 122 GLN n 
1 123 ILE n 
1 124 ASP n 
1 125 ASP n 
1 126 ALA n 
1 127 ARG n 
1 128 THR n 
1 129 VAL n 
1 130 GLY n 
1 131 THR n 
1 132 HIS n 
1 133 ARG n 
1 134 ILE n 
1 135 ILE n 
1 136 GLN n 
1 137 THR n 
1 138 MET n 
1 139 VAL n 
1 140 GLN n 
1 141 GLY n 
1 142 GLN n 
1 143 PRO n 
1 144 ARG n 
1 145 THR n 
1 146 GLY n 
1 147 GLU n 
1 148 LEU n 
1 149 TYR n 
1 150 ASN n 
1 151 TYR n 
1 152 VAL n 
1 153 ALA n 
1 154 SER n 
1 155 PHE n 
1 156 ASP n 
1 157 ASN n 
1 158 TYR n 
1 159 MET n 
1 160 VAL n 
1 161 ILE n 
1 162 VAL n 
1 163 THR n 
1 164 ALA n 
1 165 ASN n 
1 166 PRO n 
1 167 LEU n 
1 168 VAL n 
1 169 LEU n 
1 170 PRO n 
1 171 ASP n 
1 172 LYS n 
1 173 PRO n 
1 174 VAL n 
1 175 ALA n 
1 176 LYS n 
1 177 VAL n 
1 178 ASP n 
1 179 THR n 
1 180 GLU n 
1 181 ARG n 
1 182 ALA n 
1 183 ARG n 
1 184 GLU n 
1 185 LEU n 
1 186 LEU n 
1 187 SER n 
1 188 ALA n 
1 189 ALA n 
1 190 VAL n 
1 191 ALA n 
1 192 ALA n 
1 193 VAL n 
1 194 ARG n 
1 195 ALA n 
# 
_entity_src_gen.entity_id                          1 
_entity_src_gen.pdbx_src_id                        1 
_entity_src_gen.pdbx_alt_source_flag               sample 
_entity_src_gen.pdbx_seq_type                      'Biological sequence' 
_entity_src_gen.pdbx_beg_seq_num                   1 
_entity_src_gen.pdbx_end_seq_num                   195 
_entity_src_gen.gene_src_common_name               ? 
_entity_src_gen.gene_src_genus                     ? 
_entity_src_gen.pdbx_gene_src_gene                 MSMEG_5452 
_entity_src_gen.gene_src_species                   ? 
_entity_src_gen.gene_src_strain                    'ATCC 700084 / mc(2)155' 
_entity_src_gen.gene_src_tissue                    ? 
_entity_src_gen.gene_src_tissue_fraction           ? 
_entity_src_gen.gene_src_details                   ? 
_entity_src_gen.pdbx_gene_src_fragment             ? 
_entity_src_gen.pdbx_gene_src_scientific_name      'Mycobacterium smegmatis' 
_entity_src_gen.pdbx_gene_src_ncbi_taxonomy_id     246196 
_entity_src_gen.pdbx_gene_src_variant              ? 
_entity_src_gen.pdbx_gene_src_cell_line            ? 
_entity_src_gen.pdbx_gene_src_atcc                 ? 
_entity_src_gen.pdbx_gene_src_organ                ? 
_entity_src_gen.pdbx_gene_src_organelle            ? 
_entity_src_gen.pdbx_gene_src_cell                 ? 
_entity_src_gen.pdbx_gene_src_cellular_location    ? 
_entity_src_gen.host_org_common_name               ? 
_entity_src_gen.pdbx_host_org_scientific_name      'Escherichia coli' 
_entity_src_gen.pdbx_host_org_ncbi_taxonomy_id     469008 
_entity_src_gen.host_org_genus                     ? 
_entity_src_gen.pdbx_host_org_gene                 ? 
_entity_src_gen.pdbx_host_org_organ                ? 
_entity_src_gen.host_org_species                   ? 
_entity_src_gen.pdbx_host_org_tissue               ? 
_entity_src_gen.pdbx_host_org_tissue_fraction      ? 
_entity_src_gen.pdbx_host_org_strain               'BL21(DE3)' 
_entity_src_gen.pdbx_host_org_variant              ? 
_entity_src_gen.pdbx_host_org_cell_line            ? 
_entity_src_gen.pdbx_host_org_atcc                 ? 
_entity_src_gen.pdbx_host_org_culture_collection   ? 
_entity_src_gen.pdbx_host_org_cell                 ? 
_entity_src_gen.pdbx_host_org_organelle            ? 
_entity_src_gen.pdbx_host_org_cellular_location    ? 
_entity_src_gen.pdbx_host_org_vector_type          ? 
_entity_src_gen.pdbx_host_org_vector               ? 
_entity_src_gen.host_org_details                   ? 
_entity_src_gen.expression_system_id               ? 
_entity_src_gen.plasmid_name                       ? 
_entity_src_gen.plasmid_details                    ? 
_entity_src_gen.pdbx_description                   ? 
# 
loop_
_chem_comp.id 
_chem_comp.type 
_chem_comp.mon_nstd_flag 
_chem_comp.name 
_chem_comp.pdbx_synonyms 
_chem_comp.formula 
_chem_comp.formula_weight 
ALA 'L-peptide linking' y ALANINE         ? 'C3 H7 N O2'     89.093  
ARG 'L-peptide linking' y ARGININE        ? 'C6 H15 N4 O2 1' 175.209 
ASN 'L-peptide linking' y ASPARAGINE      ? 'C4 H8 N2 O3'    132.118 
ASP 'L-peptide linking' y 'ASPARTIC ACID' ? 'C4 H7 N O4'     133.103 
CYS 'L-peptide linking' y CYSTEINE        ? 'C3 H7 N O2 S'   121.158 
GLN 'L-peptide linking' y GLUTAMINE       ? 'C5 H10 N2 O3'   146.144 
GLU 'L-peptide linking' y 'GLUTAMIC ACID' ? 'C5 H9 N O4'     147.129 
GLY 'peptide linking'   y GLYCINE         ? 'C2 H5 N O2'     75.067  
HIS 'L-peptide linking' y HISTIDINE       ? 'C6 H10 N3 O2 1' 156.162 
HOH non-polymer         . WATER           ? 'H2 O'           18.015  
ILE 'L-peptide linking' y ISOLEUCINE      ? 'C6 H13 N O2'    131.173 
IOD non-polymer         . 'IODIDE ION'    ? 'I -1'           126.904 
LEU 'L-peptide linking' y LEUCINE         ? 'C6 H13 N O2'    131.173 
LYS 'L-peptide linking' y LYSINE          ? 'C6 H15 N2 O2 1' 147.195 
MET 'L-peptide linking' y METHIONINE      ? 'C5 H11 N O2 S'  149.211 
PHE 'L-peptide linking' y PHENYLALANINE   ? 'C9 H11 N O2'    165.189 
PRO 'L-peptide linking' y PROLINE         ? 'C5 H9 N O2'     115.130 
SER 'L-peptide linking' y SERINE          ? 'C3 H7 N O3'     105.093 
THR 'L-peptide linking' y THREONINE       ? 'C4 H9 N O3'     119.119 
TYR 'L-peptide linking' y TYROSINE        ? 'C9 H11 N O3'    181.189 
VAL 'L-peptide linking' y VALINE          ? 'C5 H11 N O2'    117.146 
# 
loop_
_pdbx_poly_seq_scheme.asym_id 
_pdbx_poly_seq_scheme.entity_id 
_pdbx_poly_seq_scheme.seq_id 
_pdbx_poly_seq_scheme.mon_id 
_pdbx_poly_seq_scheme.ndb_seq_num 
_pdbx_poly_seq_scheme.pdb_seq_num 
_pdbx_poly_seq_scheme.auth_seq_num 
_pdbx_poly_seq_scheme.pdb_mon_id 
_pdbx_poly_seq_scheme.auth_mon_id 
_pdbx_poly_seq_scheme.pdb_strand_id 
_pdbx_poly_seq_scheme.pdb_ins_code 
_pdbx_poly_seq_scheme.hetero 
A 1 1   ALA 1   17  17  ALA ALA A . n 
A 1 2   TYR 2   18  18  TYR TYR A . n 
A 1 3   PRO 3   19  19  PRO PRO A . n 
A 1 4   ASP 4   20  20  ASP ASP A . n 
A 1 5   ALA 5   21  21  ALA ALA A . n 
A 1 6   ASP 6   22  22  ASP ASP A . n 
A 1 7   ILE 7   23  23  ILE ILE A . n 
A 1 8   ALA 8   24  24  ALA ALA A . n 
A 1 9   LYS 9   25  25  LYS LYS A . n 
A 1 10  VAL 10  26  26  VAL VAL A . n 
A 1 11  ALA 11  27  27  ALA ALA A . n 
A 1 12  GLN 12  28  28  GLN GLN A . n 
A 1 13  LEU 13  29  29  LEU LEU A . n 
A 1 14  LYS 14  30  30  LYS LYS A . n 
A 1 15  SER 15  31  31  SER SER A . n 
A 1 16  SER 16  32  32  SER SER A . n 
A 1 17  PHE 17  33  33  PHE PHE A . n 
A 1 18  GLY 18  34  34  GLY GLY A . n 
A 1 19  PRO 19  35  35  PRO PRO A . n 
A 1 20  GLU 20  36  36  GLU GLU A . n 
A 1 21  PHE 21  37  37  PHE PHE A . n 
A 1 22  LYS 22  38  38  LYS LYS A . n 
A 1 23  VAL 23  39  39  VAL VAL A . n 
A 1 24  SER 24  40  40  SER SER A . n 
A 1 25  GLU 25  41  41  GLU GLU A . n 
A 1 26  VAL 26  42  42  VAL VAL A . n 
A 1 27  ALA 27  43  43  ALA ALA A . n 
A 1 28  PRO 28  44  44  PRO PRO A . n 
A 1 29  THR 29  45  45  THR THR A . n 
A 1 30  GLY 30  46  46  GLY GLY A . n 
A 1 31  ILE 31  47  47  ILE ILE A . n 
A 1 32  ASP 32  48  48  ASP ASP A . n 
A 1 33  PRO 33  49  49  PRO PRO A . n 
A 1 34  LYS 34  50  50  LYS LYS A . n 
A 1 35  LEU 35  51  51  LEU LEU A . n 
A 1 36  LEU 36  52  52  LEU LEU A . n 
A 1 37  SER 37  53  53  SER SER A . n 
A 1 38  PRO 38  54  54  PRO PRO A . n 
A 1 39  GLN 39  55  55  GLN GLN A . n 
A 1 40  LYS 40  56  56  LYS LYS A . n 
A 1 41  LEU 41  57  57  LEU LEU A . n 
A 1 42  PRO 42  58  58  PRO PRO A . n 
A 1 43  GLU 43  59  59  GLU GLU A . n 
A 1 44  GLY 44  60  60  GLY GLY A . n 
A 1 45  VAL 45  61  61  VAL VAL A . n 
A 1 46  LYS 46  62  62  LYS LYS A . n 
A 1 47  PHE 47  63  63  PHE PHE A . n 
A 1 48  GLU 48  64  64  GLU GLU A . n 
A 1 49  PRO 49  65  65  PRO PRO A . n 
A 1 50  ALA 50  66  66  ALA ALA A . n 
A 1 51  ASP 51  67  67  ASP ASP A . n 
A 1 52  CYS 52  68  68  CYS CYS A . n 
A 1 53  ALA 53  69  69  ALA ALA A . n 
A 1 54  LYS 54  70  70  LYS LYS A . n 
A 1 55  PHE 55  71  71  PHE PHE A . n 
A 1 56  ALA 56  72  72  ALA ALA A . n 
A 1 57  GLU 57  73  73  GLU GLU A . n 
A 1 58  GLY 58  74  74  GLY GLY A . n 
A 1 59  GLN 59  75  75  GLN GLN A . n 
A 1 60  GLN 60  76  76  GLN GLN A . n 
A 1 61  PHE 61  77  77  PHE PHE A . n 
A 1 62  PRO 62  78  78  PRO PRO A . n 
A 1 63  PRO 63  79  79  PRO PRO A . n 
A 1 64  GLY 64  80  80  GLY GLY A . n 
A 1 65  LEU 65  81  81  LEU LEU A . n 
A 1 66  GLN 66  82  82  GLN GLN A . n 
A 1 67  GLY 67  83  83  GLY GLY A . n 
A 1 68  ASN 68  84  84  ASN ASN A . n 
A 1 69  MET 69  85  85  MET MET A . n 
A 1 70  ALA 70  86  86  ALA ALA A . n 
A 1 71  ALA 71  87  87  ALA ALA A . n 
A 1 72  THR 72  88  88  THR THR A . n 
A 1 73  ALA 73  89  89  ALA ALA A . n 
A 1 74  ALA 74  90  90  ALA ALA A . n 
A 1 75  GLU 75  91  91  GLU GLU A . n 
A 1 76  GLY 76  92  92  GLY GLY A . n 
A 1 77  GLU 77  93  93  GLU GLU A . n 
A 1 78  GLY 78  94  94  GLY GLY A . n 
A 1 79  ASN 79  95  95  ASN ASN A . n 
A 1 80  ARG 80  96  96  ARG ARG A . n 
A 1 81  PHE 81  97  97  PHE PHE A . n 
A 1 82  ILE 82  98  98  ILE ILE A . n 
A 1 83  VAL 83  99  99  VAL VAL A . n 
A 1 84  MET 84  100 100 MET MET A . n 
A 1 85  ALA 85  101 101 ALA ALA A . n 
A 1 86  VAL 86  102 102 VAL VAL A . n 
A 1 87  GLU 87  103 103 GLU GLU A . n 
A 1 88  THR 88  104 104 THR THR A . n 
A 1 89  SER 89  105 105 SER SER A . n 
A 1 90  GLU 90  106 106 GLU GLU A . n 
A 1 91  PRO 91  107 107 PRO PRO A . n 
A 1 92  VAL 92  108 108 VAL VAL A . n 
A 1 93  PRO 93  109 109 PRO PRO A . n 
A 1 94  LEU 94  110 110 LEU LEU A . n 
A 1 95  SER 95  111 111 SER SER A . n 
A 1 96  ASP 96  112 112 ASP ASP A . n 
A 1 97  PRO 97  113 113 PRO PRO A . n 
A 1 98  GLY 98  114 114 GLY GLY A . n 
A 1 99  ASP 99  115 115 ASP ASP A . n 
A 1 100 GLU 100 116 116 GLU GLU A . n 
A 1 101 CYS 101 117 117 CYS CYS A . n 
A 1 102 LYS 102 118 118 LYS LYS A . n 
A 1 103 ARG 103 119 119 ARG ARG A . n 
A 1 104 VAL 104 120 120 VAL VAL A . n 
A 1 105 LYS 105 121 121 LYS LYS A . n 
A 1 106 PHE 106 122 122 PHE PHE A . n 
A 1 107 LEU 107 123 123 LEU LEU A . n 
A 1 108 GLY 108 124 124 GLY GLY A . n 
A 1 109 THR 109 125 125 THR THR A . n 
A 1 110 GLY 110 126 126 GLY GLY A . n 
A 1 111 ALA 111 127 127 ALA ALA A . n 
A 1 112 ARG 112 128 128 ARG ARG A . n 
A 1 113 GLY 113 129 129 GLY GLY A . n 
A 1 114 GLN 114 130 130 GLN GLN A . n 
A 1 115 VAL 115 131 131 VAL VAL A . n 
A 1 116 ASP 116 132 132 ASP ASP A . n 
A 1 117 VAL 117 133 133 VAL VAL A . n 
A 1 118 VAL 118 134 134 VAL VAL A . n 
A 1 119 GLU 119 135 135 GLU GLU A . n 
A 1 120 SER 120 136 136 SER SER A . n 
A 1 121 PRO 121 137 137 PRO PRO A . n 
A 1 122 GLN 122 138 138 GLN GLN A . n 
A 1 123 ILE 123 139 139 ILE ILE A . n 
A 1 124 ASP 124 140 140 ASP ASP A . n 
A 1 125 ASP 125 141 141 ASP ASP A . n 
A 1 126 ALA 126 142 142 ALA ALA A . n 
A 1 127 ARG 127 143 143 ARG ARG A . n 
A 1 128 THR 128 144 144 THR THR A . n 
A 1 129 VAL 129 145 145 VAL VAL A . n 
A 1 130 GLY 130 146 146 GLY GLY A . n 
A 1 131 THR 131 147 147 THR THR A . n 
A 1 132 HIS 132 148 148 HIS HIS A . n 
A 1 133 ARG 133 149 149 ARG ARG A . n 
A 1 134 ILE 134 150 150 ILE ILE A . n 
A 1 135 ILE 135 151 151 ILE ILE A . n 
A 1 136 GLN 136 152 152 GLN GLN A . n 
A 1 137 THR 137 153 153 THR THR A . n 
A 1 138 MET 138 154 154 MET MET A . n 
A 1 139 VAL 139 155 ?   ?   ?   A . n 
A 1 140 GLN 140 156 ?   ?   ?   A . n 
A 1 141 GLY 141 157 ?   ?   ?   A . n 
A 1 142 GLN 142 158 ?   ?   ?   A . n 
A 1 143 PRO 143 159 ?   ?   ?   A . n 
A 1 144 ARG 144 160 160 ARG ARG A . n 
A 1 145 THR 145 161 161 THR THR A . n 
A 1 146 GLY 146 162 162 GLY GLY A . n 
A 1 147 GLU 147 163 163 GLU GLU A . n 
A 1 148 LEU 148 164 164 LEU LEU A . n 
A 1 149 TYR 149 165 165 TYR TYR A . n 
A 1 150 ASN 150 166 166 ASN ASN A . n 
A 1 151 TYR 151 167 167 TYR TYR A . n 
A 1 152 VAL 152 168 168 VAL VAL A . n 
A 1 153 ALA 153 169 169 ALA ALA A . n 
A 1 154 SER 154 170 170 SER SER A . n 
A 1 155 PHE 155 171 171 PHE PHE A . n 
A 1 156 ASP 156 172 172 ASP ASP A . n 
A 1 157 ASN 157 173 173 ASN ASN A . n 
A 1 158 TYR 158 174 174 TYR TYR A . n 
A 1 159 MET 159 175 175 MET MET A . n 
A 1 160 VAL 160 176 176 VAL VAL A . n 
A 1 161 ILE 161 177 177 ILE ILE A . n 
A 1 162 VAL 162 178 178 VAL VAL A . n 
A 1 163 THR 163 179 179 THR THR A . n 
A 1 164 ALA 164 180 180 ALA ALA A . n 
A 1 165 ASN 165 181 181 ASN ASN A . n 
A 1 166 PRO 166 182 182 PRO PRO A . n 
A 1 167 LEU 167 183 183 LEU LEU A . n 
A 1 168 VAL 168 184 184 VAL VAL A . n 
A 1 169 LEU 169 185 185 LEU LEU A . n 
A 1 170 PRO 170 186 186 PRO PRO A . n 
A 1 171 ASP 171 187 187 ASP ASP A . n 
A 1 172 LYS 172 188 188 LYS LYS A . n 
A 1 173 PRO 173 189 189 PRO PRO A . n 
A 1 174 VAL 174 190 190 VAL VAL A . n 
A 1 175 ALA 175 191 191 ALA ALA A . n 
A 1 176 LYS 176 192 192 LYS LYS A . n 
A 1 177 VAL 177 193 193 VAL VAL A . n 
A 1 178 ASP 178 194 194 ASP ASP A . n 
A 1 179 THR 179 195 195 THR THR A . n 
A 1 180 GLU 180 196 196 GLU GLU A . n 
A 1 181 ARG 181 197 197 ARG ARG A . n 
A 1 182 ALA 182 198 198 ALA ALA A . n 
A 1 183 ARG 183 199 199 ARG ARG A . n 
A 1 184 GLU 184 200 200 GLU GLU A . n 
A 1 185 LEU 185 201 201 LEU LEU A . n 
A 1 186 LEU 186 202 202 LEU LEU A . n 
A 1 187 SER 187 203 203 SER SER A . n 
A 1 188 ALA 188 204 204 ALA ALA A . n 
A 1 189 ALA 189 205 205 ALA ALA A . n 
A 1 190 VAL 190 206 206 VAL VAL A . n 
A 1 191 ALA 191 207 207 ALA ALA A . n 
A 1 192 ALA 192 208 208 ALA ALA A . n 
A 1 193 VAL 193 209 209 VAL VAL A . n 
A 1 194 ARG 194 210 210 ARG ARG A . n 
A 1 195 ALA 195 211 211 ALA ALA A . n 
# 
loop_
_pdbx_nonpoly_scheme.asym_id 
_pdbx_nonpoly_scheme.entity_id 
_pdbx_nonpoly_scheme.mon_id 
_pdbx_nonpoly_scheme.ndb_seq_num 
_pdbx_nonpoly_scheme.pdb_seq_num 
_pdbx_nonpoly_scheme.auth_seq_num 
_pdbx_nonpoly_scheme.pdb_mon_id 
_pdbx_nonpoly_scheme.auth_mon_id 
_pdbx_nonpoly_scheme.pdb_strand_id 
_pdbx_nonpoly_scheme.pdb_ins_code 
B 2 IOD 1   301 1   IOD IOD A . 
C 2 IOD 1   302 2   IOD IOD A . 
D 2 IOD 1   303 3   IOD IOD A . 
E 2 IOD 1   304 4   IOD IOD A . 
F 2 IOD 1   305 6   IOD IOD A . 
G 2 IOD 1   306 7   IOD IOD A . 
H 3 HOH 1   401 120 HOH HOH A . 
H 3 HOH 2   402 100 HOH HOH A . 
H 3 HOH 3   403 44  HOH HOH A . 
H 3 HOH 4   404 34  HOH HOH A . 
H 3 HOH 5   405 113 HOH HOH A . 
H 3 HOH 6   406 105 HOH HOH A . 
H 3 HOH 7   407 39  HOH HOH A . 
H 3 HOH 8   408 58  HOH HOH A . 
H 3 HOH 9   409 56  HOH HOH A . 
H 3 HOH 10  410 48  HOH HOH A . 
H 3 HOH 11  411 65  HOH HOH A . 
H 3 HOH 12  412 109 HOH HOH A . 
H 3 HOH 13  413 129 HOH HOH A . 
H 3 HOH 14  414 1   HOH HOH A . 
H 3 HOH 15  415 5   HOH HOH A . 
H 3 HOH 16  416 54  HOH HOH A . 
H 3 HOH 17  417 46  HOH HOH A . 
H 3 HOH 18  418 81  HOH HOH A . 
H 3 HOH 19  419 78  HOH HOH A . 
H 3 HOH 20  420 61  HOH HOH A . 
H 3 HOH 21  421 22  HOH HOH A . 
H 3 HOH 22  422 11  HOH HOH A . 
H 3 HOH 23  423 3   HOH HOH A . 
H 3 HOH 24  424 26  HOH HOH A . 
H 3 HOH 25  425 70  HOH HOH A . 
H 3 HOH 26  426 96  HOH HOH A . 
H 3 HOH 27  427 80  HOH HOH A . 
H 3 HOH 28  428 85  HOH HOH A . 
H 3 HOH 29  429 103 HOH HOH A . 
H 3 HOH 30  430 124 HOH HOH A . 
H 3 HOH 31  431 112 HOH HOH A . 
H 3 HOH 32  432 101 HOH HOH A . 
H 3 HOH 33  433 110 HOH HOH A . 
H 3 HOH 34  434 40  HOH HOH A . 
H 3 HOH 35  435 49  HOH HOH A . 
H 3 HOH 36  436 90  HOH HOH A . 
H 3 HOH 37  437 37  HOH HOH A . 
H 3 HOH 38  438 17  HOH HOH A . 
H 3 HOH 39  439 67  HOH HOH A . 
H 3 HOH 40  440 45  HOH HOH A . 
H 3 HOH 41  441 118 HOH HOH A . 
H 3 HOH 42  442 12  HOH HOH A . 
H 3 HOH 43  443 55  HOH HOH A . 
H 3 HOH 44  444 16  HOH HOH A . 
H 3 HOH 45  445 122 HOH HOH A . 
H 3 HOH 46  446 123 HOH HOH A . 
H 3 HOH 47  447 52  HOH HOH A . 
H 3 HOH 48  448 23  HOH HOH A . 
H 3 HOH 49  449 62  HOH HOH A . 
H 3 HOH 50  450 74  HOH HOH A . 
H 3 HOH 51  451 94  HOH HOH A . 
H 3 HOH 52  452 82  HOH HOH A . 
H 3 HOH 53  453 68  HOH HOH A . 
H 3 HOH 54  454 72  HOH HOH A . 
H 3 HOH 55  455 121 HOH HOH A . 
H 3 HOH 56  456 83  HOH HOH A . 
H 3 HOH 57  457 89  HOH HOH A . 
H 3 HOH 58  458 63  HOH HOH A . 
H 3 HOH 59  459 77  HOH HOH A . 
H 3 HOH 60  460 114 HOH HOH A . 
H 3 HOH 61  461 73  HOH HOH A . 
H 3 HOH 62  462 79  HOH HOH A . 
H 3 HOH 63  463 125 HOH HOH A . 
H 3 HOH 64  464 64  HOH HOH A . 
H 3 HOH 65  465 87  HOH HOH A . 
H 3 HOH 66  466 35  HOH HOH A . 
H 3 HOH 67  467 57  HOH HOH A . 
H 3 HOH 68  468 2   HOH HOH A . 
H 3 HOH 69  469 4   HOH HOH A . 
H 3 HOH 70  470 6   HOH HOH A . 
H 3 HOH 71  471 7   HOH HOH A . 
H 3 HOH 72  472 8   HOH HOH A . 
H 3 HOH 73  473 9   HOH HOH A . 
H 3 HOH 74  474 10  HOH HOH A . 
H 3 HOH 75  475 13  HOH HOH A . 
H 3 HOH 76  476 14  HOH HOH A . 
H 3 HOH 77  477 15  HOH HOH A . 
H 3 HOH 78  478 18  HOH HOH A . 
H 3 HOH 79  479 19  HOH HOH A . 
H 3 HOH 80  480 20  HOH HOH A . 
H 3 HOH 81  481 21  HOH HOH A . 
H 3 HOH 82  482 24  HOH HOH A . 
H 3 HOH 83  483 25  HOH HOH A . 
H 3 HOH 84  484 27  HOH HOH A . 
H 3 HOH 85  485 28  HOH HOH A . 
H 3 HOH 86  486 29  HOH HOH A . 
H 3 HOH 87  487 30  HOH HOH A . 
H 3 HOH 88  488 31  HOH HOH A . 
H 3 HOH 89  489 32  HOH HOH A . 
H 3 HOH 90  490 33  HOH HOH A . 
H 3 HOH 91  491 36  HOH HOH A . 
H 3 HOH 92  492 38  HOH HOH A . 
H 3 HOH 93  493 41  HOH HOH A . 
H 3 HOH 94  494 42  HOH HOH A . 
H 3 HOH 95  495 43  HOH HOH A . 
H 3 HOH 96  496 47  HOH HOH A . 
H 3 HOH 97  497 50  HOH HOH A . 
H 3 HOH 98  498 51  HOH HOH A . 
H 3 HOH 99  499 53  HOH HOH A . 
H 3 HOH 100 500 59  HOH HOH A . 
H 3 HOH 101 501 60  HOH HOH A . 
H 3 HOH 102 502 66  HOH HOH A . 
H 3 HOH 103 503 69  HOH HOH A . 
H 3 HOH 104 504 71  HOH HOH A . 
H 3 HOH 105 505 75  HOH HOH A . 
H 3 HOH 106 506 76  HOH HOH A . 
H 3 HOH 107 507 84  HOH HOH A . 
H 3 HOH 108 508 86  HOH HOH A . 
H 3 HOH 109 509 88  HOH HOH A . 
H 3 HOH 110 510 91  HOH HOH A . 
H 3 HOH 111 511 92  HOH HOH A . 
H 3 HOH 112 512 93  HOH HOH A . 
H 3 HOH 113 513 95  HOH HOH A . 
H 3 HOH 114 514 97  HOH HOH A . 
H 3 HOH 115 515 98  HOH HOH A . 
H 3 HOH 116 516 99  HOH HOH A . 
H 3 HOH 117 517 102 HOH HOH A . 
H 3 HOH 118 518 104 HOH HOH A . 
H 3 HOH 119 519 106 HOH HOH A . 
H 3 HOH 120 520 107 HOH HOH A . 
H 3 HOH 121 521 108 HOH HOH A . 
H 3 HOH 122 522 111 HOH HOH A . 
H 3 HOH 123 523 115 HOH HOH A . 
H 3 HOH 124 524 116 HOH HOH A . 
H 3 HOH 125 525 117 HOH HOH A . 
H 3 HOH 126 526 119 HOH HOH A . 
H 3 HOH 127 527 126 HOH HOH A . 
H 3 HOH 128 528 127 HOH HOH A . 
H 3 HOH 129 529 128 HOH HOH A . 
# 
loop_
_pdbx_unobs_or_zero_occ_atoms.id 
_pdbx_unobs_or_zero_occ_atoms.PDB_model_num 
_pdbx_unobs_or_zero_occ_atoms.polymer_flag 
_pdbx_unobs_or_zero_occ_atoms.occupancy_flag 
_pdbx_unobs_or_zero_occ_atoms.auth_asym_id 
_pdbx_unobs_or_zero_occ_atoms.auth_comp_id 
_pdbx_unobs_or_zero_occ_atoms.auth_seq_id 
_pdbx_unobs_or_zero_occ_atoms.PDB_ins_code 
_pdbx_unobs_or_zero_occ_atoms.auth_atom_id 
_pdbx_unobs_or_zero_occ_atoms.label_alt_id 
_pdbx_unobs_or_zero_occ_atoms.label_asym_id 
_pdbx_unobs_or_zero_occ_atoms.label_comp_id 
_pdbx_unobs_or_zero_occ_atoms.label_seq_id 
_pdbx_unobs_or_zero_occ_atoms.label_atom_id 
1  1 Y 1 A THR 153 ? OG1 ? A THR 137 OG1 
2  1 Y 1 A THR 153 ? CG2 ? A THR 137 CG2 
3  1 Y 1 A MET 154 ? CG  ? A MET 138 CG  
4  1 Y 1 A MET 154 ? SD  ? A MET 138 SD  
5  1 Y 1 A MET 154 ? CE  ? A MET 138 CE  
6  1 Y 1 A ARG 160 ? CG  ? A ARG 144 CG  
7  1 Y 1 A ARG 160 ? CD  ? A ARG 144 CD  
8  1 Y 1 A ARG 160 ? NE  ? A ARG 144 NE  
9  1 Y 1 A ARG 160 ? CZ  ? A ARG 144 CZ  
10 1 Y 1 A ARG 160 ? NH1 ? A ARG 144 NH1 
11 1 Y 1 A ARG 160 ? NH2 ? A ARG 144 NH2 
12 1 Y 1 A THR 161 ? OG1 ? A THR 145 OG1 
13 1 Y 1 A THR 161 ? CG2 ? A THR 145 CG2 
# 
loop_
_software.citation_id 
_software.classification 
_software.compiler_name 
_software.compiler_version 
_software.contact_author 
_software.contact_author_email 
_software.date 
_software.description 
_software.dependencies 
_software.hardware 
_software.language 
_software.location 
_software.mods 
_software.name 
_software.os 
_software.os_version 
_software.type 
_software.version 
_software.pdbx_ordinal 
? 'data reduction'  ? ? ? ? ? ? ? ? ? ? ? XDS         ? ? ? .                           1 
? phasing           ? ? ? ? ? ? ? ? ? ? ? SHELX       ? ? ? .                           2 
? 'data extraction' ? ? ? ? ? ? ? ? ? ? ? PDB_EXTRACT ? ? ? 3.14                        3 
? 'model building'  ? ? ? ? ? ? ? ? ? ? ? Coot        ? ? ? .                           4 
? refinement        ? ? ? ? ? ? ? ? ? ? ? PHENIX      ? ? ? '(phenix.refine: 1.9_1692)' 5 
? phasing           ? ? ? ? ? ? ? ? ? ? ? SHELXD      ? ? ? .                           6 
# 
_cell.length_a           32.980 
_cell.length_b           37.830 
_cell.length_c           151.630 
_cell.angle_alpha        90.000 
_cell.angle_beta         90.000 
_cell.angle_gamma        90.000 
_cell.entry_id           4TMD 
_cell.Z_PDB              4 
_cell.pdbx_unique_axis   ? 
# 
_symmetry.entry_id                         4TMD 
_symmetry.cell_setting                     ? 
_symmetry.Int_Tables_number                17 
_symmetry.space_group_name_Hall            ? 
_symmetry.space_group_name_H-M             'P 2 2 21' 
_symmetry.pdbx_full_space_group_name_H-M   ? 
# 
_exptl.absorpt_coefficient_mu     ? 
_exptl.absorpt_correction_T_max   ? 
_exptl.absorpt_correction_T_min   ? 
_exptl.absorpt_correction_type    ? 
_exptl.absorpt_process_details    ? 
_exptl.entry_id                   4TMD 
_exptl.crystals_number            1 
_exptl.details                    ? 
_exptl.method                     'X-RAY DIFFRACTION' 
_exptl.method_details             ? 
# 
_exptl_crystal.colour                      ? 
_exptl_crystal.density_diffrn              ? 
_exptl_crystal.density_Matthews            2.28 
_exptl_crystal.density_method              ? 
_exptl_crystal.density_percent_sol         46.07 
_exptl_crystal.description                 ? 
_exptl_crystal.F_000                       ? 
_exptl_crystal.id                          1 
_exptl_crystal.preparation                 ? 
_exptl_crystal.size_max                    ? 
_exptl_crystal.size_mid                    ? 
_exptl_crystal.size_min                    ? 
_exptl_crystal.size_rad                    ? 
_exptl_crystal.colour_lustre               ? 
_exptl_crystal.colour_modifier             ? 
_exptl_crystal.colour_primary              ? 
_exptl_crystal.density_meas                ? 
_exptl_crystal.density_meas_esd            ? 
_exptl_crystal.density_meas_gt             ? 
_exptl_crystal.density_meas_lt             ? 
_exptl_crystal.density_meas_temp           ? 
_exptl_crystal.density_meas_temp_esd       ? 
_exptl_crystal.density_meas_temp_gt        ? 
_exptl_crystal.density_meas_temp_lt        ? 
_exptl_crystal.pdbx_crystal_image_url      ? 
_exptl_crystal.pdbx_crystal_image_format   ? 
_exptl_crystal.pdbx_mosaicity              ? 
_exptl_crystal.pdbx_mosaicity_esd          ? 
# 
_exptl_crystal_grow.apparatus       ? 
_exptl_crystal_grow.atmosphere      ? 
_exptl_crystal_grow.crystal_id      1 
_exptl_crystal_grow.details         ? 
_exptl_crystal_grow.method          'VAPOR DIFFUSION, SITTING DROP' 
_exptl_crystal_grow.method_ref      ? 
_exptl_crystal_grow.pH              ? 
_exptl_crystal_grow.pressure        ? 
_exptl_crystal_grow.pressure_esd    ? 
_exptl_crystal_grow.seeding         ? 
_exptl_crystal_grow.seeding_ref     ? 
_exptl_crystal_grow.temp            290 
_exptl_crystal_grow.temp_details    ? 
_exptl_crystal_grow.temp_esd        ? 
_exptl_crystal_grow.time            ? 
_exptl_crystal_grow.pdbx_details    '24 % w/v PEG 1500/ 20 % v/v Glycerol' 
_exptl_crystal_grow.pdbx_pH_range   ? 
# 
_diffrn.ambient_environment    ? 
_diffrn.ambient_temp           100 
_diffrn.ambient_temp_details   ? 
_diffrn.ambient_temp_esd       ? 
_diffrn.crystal_id             1 
_diffrn.crystal_support        ? 
_diffrn.crystal_treatment      ? 
_diffrn.details                ? 
_diffrn.id                     1 
_diffrn.ambient_pressure       ? 
_diffrn.ambient_pressure_esd   ? 
_diffrn.ambient_pressure_gt    ? 
_diffrn.ambient_pressure_lt    ? 
_diffrn.ambient_temp_gt        ? 
_diffrn.ambient_temp_lt        ? 
# 
_diffrn_detector.details                      ? 
_diffrn_detector.detector                     CCD 
_diffrn_detector.diffrn_id                    1 
_diffrn_detector.type                         'RIGAKU SATURN 92' 
_diffrn_detector.area_resol_mean              ? 
_diffrn_detector.dtime                        ? 
_diffrn_detector.pdbx_frames_total            ? 
_diffrn_detector.pdbx_collection_time_total   ? 
_diffrn_detector.pdbx_collection_date         2014-05-16 
# 
_diffrn_radiation.collimation                      ? 
_diffrn_radiation.diffrn_id                        1 
_diffrn_radiation.filter_edge                      ? 
_diffrn_radiation.inhomogeneity                    ? 
_diffrn_radiation.monochromator                    ? 
_diffrn_radiation.polarisn_norm                    ? 
_diffrn_radiation.polarisn_ratio                   ? 
_diffrn_radiation.probe                            ? 
_diffrn_radiation.type                             ? 
_diffrn_radiation.xray_symbol                      ? 
_diffrn_radiation.wavelength_id                    1 
_diffrn_radiation.pdbx_monochromatic_or_laue_m_l   M 
_diffrn_radiation.pdbx_wavelength_list             ? 
_diffrn_radiation.pdbx_wavelength                  ? 
_diffrn_radiation.pdbx_diffrn_protocol             'SINGLE WAVELENGTH' 
_diffrn_radiation.pdbx_analyzer                    ? 
_diffrn_radiation.pdbx_scattering_type             x-ray 
# 
_diffrn_radiation_wavelength.id           1 
_diffrn_radiation_wavelength.wavelength   1.54 
_diffrn_radiation_wavelength.wt           1.0 
# 
_diffrn_source.current                     ? 
_diffrn_source.details                     ? 
_diffrn_source.diffrn_id                   1 
_diffrn_source.power                       ? 
_diffrn_source.size                        ? 
_diffrn_source.source                      'ROTATING ANODE' 
_diffrn_source.target                      ? 
_diffrn_source.type                        'RIGAKU FR-E+ SUPERBRIGHT' 
_diffrn_source.voltage                     ? 
_diffrn_source.take-off_angle              ? 
_diffrn_source.pdbx_wavelength_list        1.54 
_diffrn_source.pdbx_wavelength             ? 
_diffrn_source.pdbx_synchrotron_beamline   ? 
_diffrn_source.pdbx_synchrotron_site       ? 
# 
_reflns.B_iso_Wilson_estimate            ? 
_reflns.entry_id                         4TMD 
_reflns.data_reduction_details           ? 
_reflns.data_reduction_method            ? 
_reflns.d_resolution_high                2.000 
_reflns.d_resolution_low                 37.91 
_reflns.details                          ? 
_reflns.limit_h_max                      ? 
_reflns.limit_h_min                      ? 
_reflns.limit_k_max                      ? 
_reflns.limit_k_min                      ? 
_reflns.limit_l_max                      ? 
_reflns.limit_l_min                      ? 
_reflns.number_all                       ? 
_reflns.number_obs                       24800 
_reflns.observed_criterion               ? 
_reflns.observed_criterion_F_max         ? 
_reflns.observed_criterion_F_min         ? 
_reflns.observed_criterion_I_max         ? 
_reflns.observed_criterion_I_min         ? 
_reflns.observed_criterion_sigma_F       ? 
_reflns.observed_criterion_sigma_I       -3.000 
_reflns.percent_possible_obs             100.000 
_reflns.R_free_details                   ? 
_reflns.Rmerge_F_all                     ? 
_reflns.Rmerge_F_obs                     1.000 
_reflns.Friedel_coverage                 ? 
_reflns.number_gt                        ? 
_reflns.threshold_expression             ? 
_reflns.pdbx_redundancy                  28.06 
_reflns.pdbx_Rmerge_I_obs                0.053 
_reflns.pdbx_Rmerge_I_all                ? 
_reflns.pdbx_Rsym_value                  ? 
_reflns.pdbx_netI_over_av_sigmaI         ? 
_reflns.pdbx_netI_over_sigmaI            56.030 
_reflns.pdbx_res_netI_over_av_sigmaI_2   ? 
_reflns.pdbx_res_netI_over_sigmaI_2      ? 
_reflns.pdbx_chi_squared                 1.035 
_reflns.pdbx_scaling_rejects             ? 
_reflns.pdbx_d_res_high_opt              ? 
_reflns.pdbx_d_res_low_opt               ? 
_reflns.pdbx_d_res_opt_method            ? 
_reflns.phase_calculation_details        ? 
_reflns.pdbx_Rrim_I_all                  0.054 
_reflns.pdbx_Rpim_I_all                  ? 
_reflns.pdbx_d_opt                       ? 
_reflns.pdbx_number_measured_all         695979 
_reflns.pdbx_diffrn_id                   1 
_reflns.pdbx_ordinal                     1 
_reflns.pdbx_CC_half                     ? 
_reflns.pdbx_R_split                     ? 
# 
loop_
_reflns_shell.d_res_high 
_reflns_shell.d_res_low 
_reflns_shell.meanI_over_sigI_all 
_reflns_shell.meanI_over_sigI_obs 
_reflns_shell.number_measured_all 
_reflns_shell.number_measured_obs 
_reflns_shell.number_possible 
_reflns_shell.number_unique_all 
_reflns_shell.number_unique_obs 
_reflns_shell.percent_possible_all 
_reflns_shell.percent_possible_obs 
_reflns_shell.Rmerge_F_all 
_reflns_shell.Rmerge_F_obs 
_reflns_shell.Rmerge_I_all 
_reflns_shell.Rmerge_I_obs 
_reflns_shell.meanI_over_sigI_gt 
_reflns_shell.meanI_over_uI_all 
_reflns_shell.meanI_over_uI_gt 
_reflns_shell.number_measured_gt 
_reflns_shell.number_unique_gt 
_reflns_shell.percent_possible_gt 
_reflns_shell.Rmerge_F_gt 
_reflns_shell.Rmerge_I_gt 
_reflns_shell.pdbx_redundancy 
_reflns_shell.pdbx_Rsym_value 
_reflns_shell.pdbx_chi_squared 
_reflns_shell.pdbx_netI_over_sigmaI_all 
_reflns_shell.pdbx_netI_over_sigmaI_obs 
_reflns_shell.pdbx_Rrim_I_all 
_reflns_shell.pdbx_Rpim_I_all 
_reflns_shell.pdbx_rejects 
_reflns_shell.pdbx_ordinal 
_reflns_shell.pdbx_diffrn_id 
_reflns_shell.pdbx_CC_half 
_reflns_shell.pdbx_R_split 
2.000 2.050 ? 10.520  ? 27487 1817 ? 1815 99.900  ? ? 0.981 ? 0.296 ? ? ? ? ? ? ? ? ? ? ? ? ? 0.306 ? 0 1  1 ? ? 
2.050 2.110 ? 15.070  ? 36092 1820 ? 1820 100.000 ? ? 0.991 ? 0.238 ? ? ? ? ? ? ? ? ? ? ? ? ? 0.244 ? 0 2  1 ? ? 
2.110 2.170 ? 20.130  ? 44910 1709 ? 1709 100.000 ? ? 0.995 ? 0.211 ? ? ? ? ? ? ? ? ? ? ? ? ? 0.215 ? 0 3  1 ? ? 
2.170 2.240 ? 24.520  ? 50221 1690 ? 1690 100.000 ? ? 0.997 ? 0.179 ? ? ? ? ? ? ? ? ? ? ? ? ? 0.182 ? 0 4  1 ? ? 
2.240 2.310 ? 27.500  ? 48811 1636 ? 1636 100.000 ? ? 0.998 ? 0.157 ? ? ? ? ? ? ? ? ? ? ? ? ? 0.160 ? 0 5  1 ? ? 
2.310 2.390 ? 29.560  ? 48397 1610 ? 1610 100.000 ? ? 0.998 ? 0.147 ? ? ? ? ? ? ? ? ? ? ? ? ? 0.149 ? 0 6  1 ? ? 
2.390 2.480 ? 33.300  ? 44589 1484 ? 1484 100.000 ? ? 0.998 ? 0.127 ? ? ? ? ? ? ? ? ? ? ? ? ? 0.129 ? 0 7  1 ? ? 
2.480 2.580 ? 36.810  ? 44758 1481 ? 1481 100.000 ? ? 0.999 ? 0.113 ? ? ? ? ? ? ? ? ? ? ? ? ? 0.115 ? 0 8  1 ? ? 
2.580 2.700 ? 45.250  ? 42949 1413 ? 1413 100.000 ? ? 0.999 ? 0.088 ? ? ? ? ? ? ? ? ? ? ? ? ? 0.089 ? 0 9  1 ? ? 
2.700 2.830 ? 50.540  ? 40810 1339 ? 1339 100.000 ? ? 0.999 ? 0.080 ? ? ? ? ? ? ? ? ? ? ? ? ? 0.081 ? 0 10 1 ? ? 
2.830 2.980 ? 61.460  ? 39933 1304 ? 1304 100.000 ? ? 1.000 ? 0.063 ? ? ? ? ? ? ? ? ? ? ? ? ? 0.064 ? 0 11 1 ? ? 
2.980 3.160 ? 72.100  ? 36985 1209 ? 1209 100.000 ? ? 1.000 ? 0.052 ? ? ? ? ? ? ? ? ? ? ? ? ? 0.053 ? 0 12 1 ? ? 
3.160 3.380 ? 91.610  ? 34950 1138 ? 1138 100.000 ? ? 1.000 ? 0.042 ? ? ? ? ? ? ? ? ? ? ? ? ? 0.043 ? 0 13 1 ? ? 
3.380 3.650 ? 109.800 ? 32655 1064 ? 1064 100.000 ? ? 1.000 ? 0.036 ? ? ? ? ? ? ? ? ? ? ? ? ? 0.036 ? 0 14 1 ? ? 
3.650 4.000 ? 120.980 ? 29282 960  ? 960  100.000 ? ? 1.000 ? 0.035 ? ? ? ? ? ? ? ? ? ? ? ? ? 0.035 ? 0 15 1 ? ? 
4.000 4.470 ? 137.940 ? 26947 885  ? 885  100.000 ? ? 1.000 ? 0.030 ? ? ? ? ? ? ? ? ? ? ? ? ? 0.030 ? 0 16 1 ? ? 
4.470 5.160 ? 140.680 ? 23793 782  ? 782  100.000 ? ? 1.000 ? 0.028 ? ? ? ? ? ? ? ? ? ? ? ? ? 0.028 ? 0 17 1 ? ? 
5.160 6.320 ? 133.350 ? 20097 674  ? 674  100.000 ? ? 1.000 ? 0.029 ? ? ? ? ? ? ? ? ? ? ? ? ? 0.030 ? 0 18 1 ? ? 
6.320 8.940 ? 140.090 ? 14419 498  ? 497  99.800  ? ? 1.000 ? 0.025 ? ? ? ? ? ? ? ? ? ? ? ? ? 0.025 ? 0 19 1 ? ? 
# 
_refine.aniso_B[1][1]                            ? 
_refine.aniso_B[1][2]                            ? 
_refine.aniso_B[1][3]                            ? 
_refine.aniso_B[2][2]                            ? 
_refine.aniso_B[2][3]                            ? 
_refine.aniso_B[3][3]                            ? 
_refine.B_iso_max                                135.570 
_refine.B_iso_mean                               30.4841 
_refine.B_iso_min                                10.130 
_refine.correlation_coeff_Fo_to_Fc               ? 
_refine.correlation_coeff_Fo_to_Fc_free          ? 
_refine.details                                  ? 
_refine.diff_density_max                         ? 
_refine.diff_density_max_esd                     ? 
_refine.diff_density_min                         ? 
_refine.diff_density_min_esd                     ? 
_refine.diff_density_rms                         ? 
_refine.diff_density_rms_esd                     ? 
_refine.entry_id                                 4TMD 
_refine.pdbx_refine_id                           'X-RAY DIFFRACTION' 
_refine.ls_abs_structure_details                 ? 
_refine.ls_abs_structure_Flack                   ? 
_refine.ls_abs_structure_Flack_esd               ? 
_refine.ls_abs_structure_Rogers                  ? 
_refine.ls_abs_structure_Rogers_esd              ? 
_refine.ls_d_res_high                            2.0000 
_refine.ls_d_res_low                             37.9070 
_refine.ls_extinction_coef                       ? 
_refine.ls_extinction_coef_esd                   ? 
_refine.ls_extinction_expression                 ? 
_refine.ls_extinction_method                     ? 
_refine.ls_goodness_of_fit_all                   ? 
_refine.ls_goodness_of_fit_all_esd               ? 
_refine.ls_goodness_of_fit_obs                   ? 
_refine.ls_goodness_of_fit_obs_esd               ? 
_refine.ls_hydrogen_treatment                    ? 
_refine.ls_matrix_type                           ? 
_refine.ls_number_constraints                    ? 
_refine.ls_number_parameters                     ? 
_refine.ls_number_reflns_all                     ? 
_refine.ls_number_reflns_obs                     24763 
_refine.ls_number_reflns_R_free                  1234 
_refine.ls_number_reflns_R_work                  23529 
_refine.ls_number_restraints                     ? 
_refine.ls_percent_reflns_obs                    99.9800 
_refine.ls_percent_reflns_R_free                 4.9800 
_refine.ls_R_factor_all                          ? 
_refine.ls_R_factor_obs                          0.1894 
_refine.ls_R_factor_R_free                       0.2159 
_refine.ls_R_factor_R_free_error                 ? 
_refine.ls_R_factor_R_free_error_details         ? 
_refine.ls_R_factor_R_work                       0.1880 
_refine.ls_R_Fsqd_factor_obs                     ? 
_refine.ls_R_I_factor_obs                        ? 
_refine.ls_redundancy_reflns_all                 ? 
_refine.ls_redundancy_reflns_obs                 ? 
_refine.ls_restrained_S_all                      ? 
_refine.ls_restrained_S_obs                      ? 
_refine.ls_shift_over_esd_max                    ? 
_refine.ls_shift_over_esd_mean                   ? 
_refine.ls_structure_factor_coef                 ? 
_refine.ls_weighting_details                     ? 
_refine.ls_weighting_scheme                      ? 
_refine.ls_wR_factor_all                         ? 
_refine.ls_wR_factor_obs                         ? 
_refine.ls_wR_factor_R_free                      ? 
_refine.ls_wR_factor_R_work                      ? 
_refine.occupancy_max                            ? 
_refine.occupancy_min                            ? 
_refine.solvent_model_details                    'FLAT BULK SOLVENT MODEL' 
_refine.solvent_model_param_bsol                 ? 
_refine.solvent_model_param_ksol                 ? 
_refine.ls_R_factor_gt                           ? 
_refine.ls_goodness_of_fit_gt                    ? 
_refine.ls_goodness_of_fit_ref                   ? 
_refine.ls_shift_over_su_max                     ? 
_refine.ls_shift_over_su_max_lt                  ? 
_refine.ls_shift_over_su_mean                    ? 
_refine.ls_shift_over_su_mean_lt                 ? 
_refine.pdbx_ls_sigma_I                          ? 
_refine.pdbx_ls_sigma_F                          1.030 
_refine.pdbx_ls_sigma_Fsqd                       ? 
_refine.pdbx_data_cutoff_high_absF               ? 
_refine.pdbx_data_cutoff_high_rms_absF           ? 
_refine.pdbx_data_cutoff_low_absF                ? 
_refine.pdbx_isotropic_thermal_model             ? 
_refine.pdbx_ls_cross_valid_method               'FREE R-VALUE' 
_refine.pdbx_method_to_determine_struct          SAD 
_refine.pdbx_starting_model                      ? 
_refine.pdbx_stereochemistry_target_values       MLHL 
_refine.pdbx_R_Free_selection_details            ? 
_refine.pdbx_stereochem_target_val_spec_case     ? 
_refine.pdbx_overall_ESU_R                       ? 
_refine.pdbx_overall_ESU_R_Free                  ? 
_refine.pdbx_solvent_vdw_probe_radii             1.1100 
_refine.pdbx_solvent_ion_probe_radii             ? 
_refine.pdbx_solvent_shrinkage_radii             0.9000 
_refine.pdbx_real_space_R                        ? 
_refine.pdbx_density_correlation                 ? 
_refine.pdbx_pd_number_of_powder_patterns        ? 
_refine.pdbx_pd_number_of_points                 ? 
_refine.pdbx_pd_meas_number_of_points            ? 
_refine.pdbx_pd_proc_ls_prof_R_factor            ? 
_refine.pdbx_pd_proc_ls_prof_wR_factor           ? 
_refine.pdbx_pd_Marquardt_correlation_coeff      ? 
_refine.pdbx_pd_Fsqrd_R_factor                   ? 
_refine.pdbx_pd_ls_matrix_band_width             ? 
_refine.pdbx_overall_phase_error                 20.6100 
_refine.pdbx_overall_SU_R_free_Cruickshank_DPI   ? 
_refine.pdbx_overall_SU_R_free_Blow_DPI          ? 
_refine.pdbx_overall_SU_R_Blow_DPI               ? 
_refine.pdbx_TLS_residual_ADP_flag               ? 
_refine.pdbx_diffrn_id                           1 
_refine.overall_SU_B                             ? 
_refine.overall_SU_ML                            0.2000 
_refine.overall_SU_R_Cruickshank_DPI             ? 
_refine.overall_SU_R_free                        ? 
_refine.overall_FOM_free_R_set                   ? 
_refine.overall_FOM_work_R_set                   ? 
# 
_refine_hist.cycle_id                         final 
_refine_hist.pdbx_refine_id                   'X-RAY DIFFRACTION' 
_refine_hist.d_res_high                       2.0000 
_refine_hist.d_res_low                        37.9070 
_refine_hist.pdbx_number_atoms_ligand         6 
_refine_hist.number_atoms_solvent             129 
_refine_hist.number_atoms_total               1548 
_refine_hist.pdbx_number_residues_total       190 
_refine_hist.pdbx_B_iso_mean_ligand           106.22 
_refine_hist.pdbx_B_iso_mean_solvent          35.79 
_refine_hist.pdbx_number_atoms_protein        1413 
_refine_hist.pdbx_number_atoms_nucleic_acid   0 
# 
loop_
_refine_ls_restr.pdbx_refine_id 
_refine_ls_restr.criterion 
_refine_ls_restr.dev_ideal 
_refine_ls_restr.dev_ideal_target 
_refine_ls_restr.number 
_refine_ls_restr.rejects 
_refine_ls_restr.type 
_refine_ls_restr.weight 
_refine_ls_restr.pdbx_restraint_function 
'X-RAY DIFFRACTION' ? 0.008  ? 1447 ? f_bond_d           ? ? 
'X-RAY DIFFRACTION' ? 1.151  ? 1968 ? f_angle_d          ? ? 
'X-RAY DIFFRACTION' ? 0.048  ? 224  ? f_chiral_restr     ? ? 
'X-RAY DIFFRACTION' ? 0.005  ? 266  ? f_plane_restr      ? ? 
'X-RAY DIFFRACTION' ? 14.314 ? 540  ? f_dihedral_angle_d ? ? 
# 
loop_
_refine_ls_shell.pdbx_refine_id 
_refine_ls_shell.d_res_high 
_refine_ls_shell.d_res_low 
_refine_ls_shell.number_reflns_all 
_refine_ls_shell.number_reflns_obs 
_refine_ls_shell.number_reflns_R_free 
_refine_ls_shell.number_reflns_R_work 
_refine_ls_shell.percent_reflns_obs 
_refine_ls_shell.percent_reflns_R_free 
_refine_ls_shell.R_factor_all 
_refine_ls_shell.R_factor_obs 
_refine_ls_shell.R_factor_R_free 
_refine_ls_shell.R_factor_R_free_error 
_refine_ls_shell.R_factor_R_work 
_refine_ls_shell.redundancy_reflns_all 
_refine_ls_shell.redundancy_reflns_obs 
_refine_ls_shell.wR_factor_all 
_refine_ls_shell.wR_factor_obs 
_refine_ls_shell.wR_factor_R_free 
_refine_ls_shell.wR_factor_R_work 
_refine_ls_shell.pdbx_total_number_of_bins_used 
_refine_ls_shell.pdbx_phase_error 
'X-RAY DIFFRACTION' 2.000  2.0802  2758 . 138 2620 100.0000 . . . 0.2459 . 0.2047 . . . . . . 9 . 
'X-RAY DIFFRACTION' 2.0802 2.1748  2759 . 143 2616 100.0000 . . . 0.2074 . 0.2040 . . . . . . 9 . 
'X-RAY DIFFRACTION' 2.1748 2.2895  2728 . 132 2596 100.0000 . . . 0.2539 . 0.1984 . . . . . . 9 . 
'X-RAY DIFFRACTION' 2.2895 2.4329  2727 . 134 2593 100.0000 . . . 0.3098 . 0.2087 . . . . . . 9 . 
'X-RAY DIFFRACTION' 2.4329 2.6207  2765 . 134 2631 100.0000 . . . 0.2383 . 0.2008 . . . . . . 9 . 
'X-RAY DIFFRACTION' 2.6207 2.8843  2748 . 129 2619 100.0000 . . . 0.2218 . 0.1988 . . . . . . 9 . 
'X-RAY DIFFRACTION' 2.8843 3.3015  2794 . 133 2661 100.0000 . . . 0.2327 . 0.1960 . . . . . . 9 . 
'X-RAY DIFFRACTION' 3.3015 4.1587  2734 . 139 2595 100.0000 . . . 0.1821 . 0.1699 . . . . . . 9 . 
'X-RAY DIFFRACTION' 4.1587 37.9143 2750 . 152 2598 100.0000 . . . 0.1854 . 0.1733 . . . . . . 9 . 
# 
_struct.entry_id                     4TMD 
_struct.title                        
'X-ray structure of Putative uncharacterized protein (Rv0999 ortholog) from Mycobacterium smegmatis' 
_struct.pdbx_model_details           ? 
_struct.pdbx_formula_weight          ? 
_struct.pdbx_formula_weight_method   ? 
_struct.pdbx_model_type_details      ? 
_struct.pdbx_CASP_flag               ? 
# 
_struct_keywords.entry_id        4TMD 
_struct_keywords.text            
'Structural Genomics, Seattle Structural Genomics Center for Infectious Disease, SSGCID, UNKNOWN FUNCTION' 
_struct_keywords.pdbx_keywords   'UNKNOWN FUNCTION' 
# 
loop_
_struct_asym.id 
_struct_asym.pdbx_blank_PDB_chainid_flag 
_struct_asym.pdbx_modified 
_struct_asym.entity_id 
_struct_asym.details 
A N N 1 ? 
B N N 2 ? 
C N N 2 ? 
D N N 2 ? 
E N N 2 ? 
F N N 2 ? 
G N N 2 ? 
H N N 3 ? 
# 
_struct_ref.id                         1 
_struct_ref.db_name                    UNP 
_struct_ref.db_code                    A0R3F3_MYCS2 
_struct_ref.pdbx_db_accession          A0R3F3 
_struct_ref.entity_id                  1 
_struct_ref.pdbx_seq_one_letter_code   
;AYPDADIAKVAQLKSSFGPEFKVSEVAPTGIDPKLLSPQKLPEGVKFEPADCAKFAEGQQFPPGLQGNMAATAAEGEGNR
FIVMAVETSEPVPLSDPGDECKRVKFLGTGARGQVDVVESPQIDDARTVGTHRIIQTMVQGQPRTGELYNYVASFDNYMV
IVTANPLVLPDKPVAKVDTERARELLSAAVAAVR
;
_struct_ref.pdbx_align_begin           31 
_struct_ref.pdbx_db_isoform            ? 
# 
_struct_ref_seq.align_id                      1 
_struct_ref_seq.ref_id                        1 
_struct_ref_seq.pdbx_PDB_id_code              4TMD 
_struct_ref_seq.pdbx_strand_id                A 
_struct_ref_seq.seq_align_beg                 1 
_struct_ref_seq.pdbx_seq_align_beg_ins_code   ? 
_struct_ref_seq.seq_align_end                 194 
_struct_ref_seq.pdbx_seq_align_end_ins_code   ? 
_struct_ref_seq.pdbx_db_accession             A0R3F3 
_struct_ref_seq.db_align_beg                  31 
_struct_ref_seq.pdbx_db_align_beg_ins_code    ? 
_struct_ref_seq.db_align_end                  224 
_struct_ref_seq.pdbx_db_align_end_ins_code    ? 
_struct_ref_seq.pdbx_auth_seq_align_beg       17 
_struct_ref_seq.pdbx_auth_seq_align_end       210 
# 
_struct_ref_seq_dif.align_id                     1 
_struct_ref_seq_dif.pdbx_pdb_id_code             4TMD 
_struct_ref_seq_dif.mon_id                       ALA 
_struct_ref_seq_dif.pdbx_pdb_strand_id           A 
_struct_ref_seq_dif.seq_num                      195 
_struct_ref_seq_dif.pdbx_pdb_ins_code            ? 
_struct_ref_seq_dif.pdbx_seq_db_name             UNP 
_struct_ref_seq_dif.pdbx_seq_db_accession_code   A0R3F3 
_struct_ref_seq_dif.db_mon_id                    ? 
_struct_ref_seq_dif.pdbx_seq_db_seq_num          ? 
_struct_ref_seq_dif.details                      'expression tag' 
_struct_ref_seq_dif.pdbx_auth_seq_num            211 
_struct_ref_seq_dif.pdbx_ordinal                 1 
# 
_pdbx_struct_assembly.id                   1 
_pdbx_struct_assembly.details              author_and_software_defined_assembly 
_pdbx_struct_assembly.method_details       PISA 
_pdbx_struct_assembly.oligomeric_details   monomeric 
_pdbx_struct_assembly.oligomeric_count     1 
# 
_pdbx_struct_assembly_gen.assembly_id       1 
_pdbx_struct_assembly_gen.oper_expression   1 
_pdbx_struct_assembly_gen.asym_id_list      A,B,C,D,E,F,G,H 
# 
_pdbx_struct_oper_list.id                   1 
_pdbx_struct_oper_list.type                 'identity operation' 
_pdbx_struct_oper_list.name                 1_555 
_pdbx_struct_oper_list.symmetry_operation   x,y,z 
_pdbx_struct_oper_list.matrix[1][1]         1.0000000000 
_pdbx_struct_oper_list.matrix[1][2]         0.0000000000 
_pdbx_struct_oper_list.matrix[1][3]         0.0000000000 
_pdbx_struct_oper_list.vector[1]            0.0000000000 
_pdbx_struct_oper_list.matrix[2][1]         0.0000000000 
_pdbx_struct_oper_list.matrix[2][2]         1.0000000000 
_pdbx_struct_oper_list.matrix[2][3]         0.0000000000 
_pdbx_struct_oper_list.vector[2]            0.0000000000 
_pdbx_struct_oper_list.matrix[3][1]         0.0000000000 
_pdbx_struct_oper_list.matrix[3][2]         0.0000000000 
_pdbx_struct_oper_list.matrix[3][3]         1.0000000000 
_pdbx_struct_oper_list.vector[3]            0.0000000000 
# 
loop_
_struct_conf.conf_type_id 
_struct_conf.id 
_struct_conf.pdbx_PDB_helix_id 
_struct_conf.beg_label_comp_id 
_struct_conf.beg_label_asym_id 
_struct_conf.beg_label_seq_id 
_struct_conf.pdbx_beg_PDB_ins_code 
_struct_conf.end_label_comp_id 
_struct_conf.end_label_asym_id 
_struct_conf.end_label_seq_id 
_struct_conf.pdbx_end_PDB_ins_code 
_struct_conf.beg_auth_comp_id 
_struct_conf.beg_auth_asym_id 
_struct_conf.beg_auth_seq_id 
_struct_conf.end_auth_comp_id 
_struct_conf.end_auth_asym_id 
_struct_conf.end_auth_seq_id 
_struct_conf.pdbx_PDB_helix_class 
_struct_conf.details 
_struct_conf.pdbx_PDB_helix_length 
HELX_P HELX_P1 AA1 ASP A 6   ? PHE A 17  ? ASP A 22  PHE A 33  5 ? 12 
HELX_P HELX_P2 AA2 ASP A 32  ? SER A 37  ? ASP A 48  SER A 53  1 ? 6  
HELX_P HELX_P3 AA3 PRO A 49  ? ASP A 51  ? PRO A 65  ASP A 67  5 ? 3  
HELX_P HELX_P4 AA4 CYS A 52  ? GLU A 57  ? CYS A 68  GLU A 73  1 ? 6  
HELX_P HELX_P5 AA5 GLY A 98  ? CYS A 101 ? GLY A 114 CYS A 117 5 ? 4  
HELX_P HELX_P6 AA6 ASP A 178 ? ALA A 195 ? ASP A 194 ALA A 211 1 ? 18 
# 
_struct_conf_type.id          HELX_P 
_struct_conf_type.criteria    ? 
_struct_conf_type.reference   ? 
# 
_struct_conn.id                            disulf1 
_struct_conn.conn_type_id                  disulf 
_struct_conn.pdbx_leaving_atom_flag        ? 
_struct_conn.pdbx_PDB_id                   ? 
_struct_conn.ptnr1_label_asym_id           A 
_struct_conn.ptnr1_label_comp_id           CYS 
_struct_conn.ptnr1_label_seq_id            52 
_struct_conn.ptnr1_label_atom_id           SG 
_struct_conn.pdbx_ptnr1_label_alt_id       ? 
_struct_conn.pdbx_ptnr1_PDB_ins_code       ? 
_struct_conn.pdbx_ptnr1_standard_comp_id   ? 
_struct_conn.ptnr1_symmetry                1_555 
_struct_conn.ptnr2_label_asym_id           A 
_struct_conn.ptnr2_label_comp_id           CYS 
_struct_conn.ptnr2_label_seq_id            101 
_struct_conn.ptnr2_label_atom_id           SG 
_struct_conn.pdbx_ptnr2_label_alt_id       ? 
_struct_conn.pdbx_ptnr2_PDB_ins_code       ? 
_struct_conn.ptnr1_auth_asym_id            A 
_struct_conn.ptnr1_auth_comp_id            CYS 
_struct_conn.ptnr1_auth_seq_id             68 
_struct_conn.ptnr2_auth_asym_id            A 
_struct_conn.ptnr2_auth_comp_id            CYS 
_struct_conn.ptnr2_auth_seq_id             117 
_struct_conn.ptnr2_symmetry                1_555 
_struct_conn.pdbx_ptnr3_label_atom_id      ? 
_struct_conn.pdbx_ptnr3_label_seq_id       ? 
_struct_conn.pdbx_ptnr3_label_comp_id      ? 
_struct_conn.pdbx_ptnr3_label_asym_id      ? 
_struct_conn.pdbx_ptnr3_label_alt_id       ? 
_struct_conn.pdbx_ptnr3_PDB_ins_code       ? 
_struct_conn.details                       ? 
_struct_conn.pdbx_dist_value               2.047 
_struct_conn.pdbx_value_order              ? 
_struct_conn.pdbx_role                     ? 
# 
_struct_conn_type.id          disulf 
_struct_conn_type.criteria    ? 
_struct_conn_type.reference   ? 
# 
_pdbx_modification_feature.ordinal                            1 
_pdbx_modification_feature.label_comp_id                      CYS 
_pdbx_modification_feature.label_asym_id                      A 
_pdbx_modification_feature.label_seq_id                       52 
_pdbx_modification_feature.label_alt_id                       ? 
_pdbx_modification_feature.modified_residue_label_comp_id     CYS 
_pdbx_modification_feature.modified_residue_label_asym_id     A 
_pdbx_modification_feature.modified_residue_label_seq_id      101 
_pdbx_modification_feature.modified_residue_label_alt_id      ? 
_pdbx_modification_feature.auth_comp_id                       CYS 
_pdbx_modification_feature.auth_asym_id                       A 
_pdbx_modification_feature.auth_seq_id                        68 
_pdbx_modification_feature.PDB_ins_code                       ? 
_pdbx_modification_feature.symmetry                           1_555 
_pdbx_modification_feature.modified_residue_auth_comp_id      CYS 
_pdbx_modification_feature.modified_residue_auth_asym_id      A 
_pdbx_modification_feature.modified_residue_auth_seq_id       117 
_pdbx_modification_feature.modified_residue_PDB_ins_code      ? 
_pdbx_modification_feature.modified_residue_symmetry          1_555 
_pdbx_modification_feature.comp_id_linking_atom               SG 
_pdbx_modification_feature.modified_residue_id_linking_atom   SG 
_pdbx_modification_feature.modified_residue_id                . 
_pdbx_modification_feature.ref_pcm_id                         . 
_pdbx_modification_feature.ref_comp_id                        . 
_pdbx_modification_feature.type                               None 
_pdbx_modification_feature.category                           'Disulfide bridge' 
# 
_struct_mon_prot_cis.pdbx_id                1 
_struct_mon_prot_cis.label_comp_id          GLU 
_struct_mon_prot_cis.label_seq_id           48 
_struct_mon_prot_cis.label_asym_id          A 
_struct_mon_prot_cis.label_alt_id           . 
_struct_mon_prot_cis.pdbx_PDB_ins_code      ? 
_struct_mon_prot_cis.auth_comp_id           GLU 
_struct_mon_prot_cis.auth_seq_id            64 
_struct_mon_prot_cis.auth_asym_id           A 
_struct_mon_prot_cis.pdbx_label_comp_id_2   PRO 
_struct_mon_prot_cis.pdbx_label_seq_id_2    49 
_struct_mon_prot_cis.pdbx_label_asym_id_2   A 
_struct_mon_prot_cis.pdbx_PDB_ins_code_2    ? 
_struct_mon_prot_cis.pdbx_auth_comp_id_2    PRO 
_struct_mon_prot_cis.pdbx_auth_seq_id_2     65 
_struct_mon_prot_cis.pdbx_auth_asym_id_2    A 
_struct_mon_prot_cis.pdbx_PDB_model_num     1 
_struct_mon_prot_cis.pdbx_omega_angle       -5.89 
# 
_struct_sheet.id               AA1 
_struct_sheet.type             ? 
_struct_sheet.number_strands   9 
_struct_sheet.details          ? 
# 
loop_
_struct_sheet_order.sheet_id 
_struct_sheet_order.range_id_1 
_struct_sheet_order.range_id_2 
_struct_sheet_order.offset 
_struct_sheet_order.sense 
AA1 1 2 ? anti-parallel 
AA1 2 3 ? anti-parallel 
AA1 3 4 ? anti-parallel 
AA1 4 5 ? anti-parallel 
AA1 5 6 ? anti-parallel 
AA1 6 7 ? anti-parallel 
AA1 7 8 ? anti-parallel 
AA1 8 9 ? anti-parallel 
# 
loop_
_struct_sheet_range.sheet_id 
_struct_sheet_range.id 
_struct_sheet_range.beg_label_comp_id 
_struct_sheet_range.beg_label_asym_id 
_struct_sheet_range.beg_label_seq_id 
_struct_sheet_range.pdbx_beg_PDB_ins_code 
_struct_sheet_range.end_label_comp_id 
_struct_sheet_range.end_label_asym_id 
_struct_sheet_range.end_label_seq_id 
_struct_sheet_range.pdbx_end_PDB_ins_code 
_struct_sheet_range.beg_auth_comp_id 
_struct_sheet_range.beg_auth_asym_id 
_struct_sheet_range.beg_auth_seq_id 
_struct_sheet_range.end_auth_comp_id 
_struct_sheet_range.end_auth_asym_id 
_struct_sheet_range.end_auth_seq_id 
AA1 1 LYS A 22  ? GLY A 30  ? LYS A 38  GLY A 46  
AA1 2 GLY A 67  ? GLY A 76  ? GLY A 83  GLY A 92  
AA1 3 ASN A 79  ? THR A 88  ? ASN A 95  THR A 104 
AA1 4 TYR A 158 ? PRO A 166 ? TYR A 174 PRO A 182 
AA1 5 THR A 145 ? PHE A 155 ? THR A 161 PHE A 171 
AA1 6 ARG A 127 ? THR A 137 ? ARG A 143 THR A 153 
AA1 7 ALA A 111 ? VAL A 118 ? ALA A 127 VAL A 134 
AA1 8 ARG A 103 ? LEU A 107 ? ARG A 119 LEU A 123 
AA1 9 LYS A 46  ? GLU A 48  ? LYS A 62  GLU A 64  
# 
loop_
_pdbx_struct_sheet_hbond.sheet_id 
_pdbx_struct_sheet_hbond.range_id_1 
_pdbx_struct_sheet_hbond.range_id_2 
_pdbx_struct_sheet_hbond.range_1_label_atom_id 
_pdbx_struct_sheet_hbond.range_1_label_comp_id 
_pdbx_struct_sheet_hbond.range_1_label_asym_id 
_pdbx_struct_sheet_hbond.range_1_label_seq_id 
_pdbx_struct_sheet_hbond.range_1_PDB_ins_code 
_pdbx_struct_sheet_hbond.range_1_auth_atom_id 
_pdbx_struct_sheet_hbond.range_1_auth_comp_id 
_pdbx_struct_sheet_hbond.range_1_auth_asym_id 
_pdbx_struct_sheet_hbond.range_1_auth_seq_id 
_pdbx_struct_sheet_hbond.range_2_label_atom_id 
_pdbx_struct_sheet_hbond.range_2_label_comp_id 
_pdbx_struct_sheet_hbond.range_2_label_asym_id 
_pdbx_struct_sheet_hbond.range_2_label_seq_id 
_pdbx_struct_sheet_hbond.range_2_PDB_ins_code 
_pdbx_struct_sheet_hbond.range_2_auth_atom_id 
_pdbx_struct_sheet_hbond.range_2_auth_comp_id 
_pdbx_struct_sheet_hbond.range_2_auth_asym_id 
_pdbx_struct_sheet_hbond.range_2_auth_seq_id 
AA1 1 2 N LYS A 22  ? N LYS A 38  O GLU A 75  ? O GLU A 91  
AA1 2 3 N THR A 72  ? N THR A 88  O VAL A 83  ? O VAL A 99  
AA1 3 4 N MET A 84  ? N MET A 100 O ILE A 161 ? O ILE A 177 
AA1 4 5 O ALA A 164 ? O ALA A 180 N TYR A 149 ? N TYR A 165 
AA1 5 6 O GLY A 146 ? O GLY A 162 N ILE A 135 ? N ILE A 151 
AA1 6 7 O GLN A 136 ? O GLN A 152 N ARG A 112 ? N ARG A 128 
AA1 7 8 O VAL A 115 ? O VAL A 131 N VAL A 104 ? N VAL A 120 
AA1 8 9 O LYS A 105 ? O LYS A 121 N GLU A 48  ? N GLU A 64  
# 
loop_
_struct_site.id 
_struct_site.pdbx_evidence_code 
_struct_site.pdbx_auth_asym_id 
_struct_site.pdbx_auth_comp_id 
_struct_site.pdbx_auth_seq_id 
_struct_site.pdbx_auth_ins_code 
_struct_site.pdbx_num_residues 
_struct_site.details 
AC1 Software A IOD 301 ? 2 'binding site for residue IOD A 301' 
AC2 Software A IOD 302 ? 2 'binding site for residue IOD A 302' 
AC3 Software A IOD 305 ? 1 'binding site for residue IOD A 305' 
AC4 Software A IOD 306 ? 6 'binding site for residue IOD A 306' 
# 
loop_
_struct_site_gen.id 
_struct_site_gen.site_id 
_struct_site_gen.pdbx_num_res 
_struct_site_gen.label_comp_id 
_struct_site_gen.label_asym_id 
_struct_site_gen.label_seq_id 
_struct_site_gen.pdbx_auth_ins_code 
_struct_site_gen.auth_comp_id 
_struct_site_gen.auth_asym_id 
_struct_site_gen.auth_seq_id 
_struct_site_gen.label_atom_id 
_struct_site_gen.label_alt_id 
_struct_site_gen.symmetry 
_struct_site_gen.details 
1  AC1 2 GLU A 119 ? GLU A 135 . ? 1_555 ? 
2  AC1 2 ARG A 183 ? ARG A 199 . ? 1_555 ? 
3  AC2 2 GLY A 98  ? GLY A 114 . ? 1_555 ? 
4  AC2 2 CYS A 101 ? CYS A 117 . ? 1_555 ? 
5  AC3 1 GLU A 119 ? GLU A 135 . ? 1_555 ? 
6  AC4 6 PRO A 42  ? PRO A 58  . ? 1_555 ? 
7  AC4 6 GLU A 43  ? GLU A 59  . ? 1_555 ? 
8  AC4 6 VAL A 45  ? VAL A 61  . ? 1_555 ? 
9  AC4 6 THR A 109 ? THR A 125 . ? 1_555 ? 
10 AC4 6 GLY A 110 ? GLY A 126 . ? 1_555 ? 
11 AC4 6 HOH H .   ? HOH A 402 . ? 1_555 ? 
# 
_pdbx_entry_details.entry_id                   4TMD 
_pdbx_entry_details.compound_details           ? 
_pdbx_entry_details.source_details             ? 
_pdbx_entry_details.nonpolymer_details         ? 
_pdbx_entry_details.sequence_details           ? 
_pdbx_entry_details.has_ligand_of_interest     ? 
_pdbx_entry_details.has_protein_modification   Y 
# 
loop_
_pdbx_validate_close_contact.id 
_pdbx_validate_close_contact.PDB_model_num 
_pdbx_validate_close_contact.auth_atom_id_1 
_pdbx_validate_close_contact.auth_asym_id_1 
_pdbx_validate_close_contact.auth_comp_id_1 
_pdbx_validate_close_contact.auth_seq_id_1 
_pdbx_validate_close_contact.PDB_ins_code_1 
_pdbx_validate_close_contact.label_alt_id_1 
_pdbx_validate_close_contact.auth_atom_id_2 
_pdbx_validate_close_contact.auth_asym_id_2 
_pdbx_validate_close_contact.auth_comp_id_2 
_pdbx_validate_close_contact.auth_seq_id_2 
_pdbx_validate_close_contact.PDB_ins_code_2 
_pdbx_validate_close_contact.label_alt_id_2 
_pdbx_validate_close_contact.dist 
1 1 OD2 A ASP 187 ? ? O A HOH 401 ? ? 1.88 
2 1 O   A MET 154 ? ? O A HOH 514 ? ? 1.94 
3 1 O   A HOH 490 ? ? O A HOH 495 ? ? 2.17 
# 
loop_
_pdbx_validate_symm_contact.id 
_pdbx_validate_symm_contact.PDB_model_num 
_pdbx_validate_symm_contact.auth_atom_id_1 
_pdbx_validate_symm_contact.auth_asym_id_1 
_pdbx_validate_symm_contact.auth_comp_id_1 
_pdbx_validate_symm_contact.auth_seq_id_1 
_pdbx_validate_symm_contact.PDB_ins_code_1 
_pdbx_validate_symm_contact.label_alt_id_1 
_pdbx_validate_symm_contact.site_symmetry_1 
_pdbx_validate_symm_contact.auth_atom_id_2 
_pdbx_validate_symm_contact.auth_asym_id_2 
_pdbx_validate_symm_contact.auth_comp_id_2 
_pdbx_validate_symm_contact.auth_seq_id_2 
_pdbx_validate_symm_contact.PDB_ins_code_2 
_pdbx_validate_symm_contact.label_alt_id_2 
_pdbx_validate_symm_contact.site_symmetry_2 
_pdbx_validate_symm_contact.dist 
1 1 O A HOH 413 ? ? 1_555 O A HOH 446 ? ? 1_655 1.87 
2 1 O A HOH 431 ? ? 1_555 O A HOH 463 ? ? 3_655 2.01 
# 
loop_
_pdbx_validate_torsion.id 
_pdbx_validate_torsion.PDB_model_num 
_pdbx_validate_torsion.auth_comp_id 
_pdbx_validate_torsion.auth_asym_id 
_pdbx_validate_torsion.auth_seq_id 
_pdbx_validate_torsion.PDB_ins_code 
_pdbx_validate_torsion.label_alt_id 
_pdbx_validate_torsion.phi 
_pdbx_validate_torsion.psi 
1 1 ASP A 22  ? ? -160.82 112.36  
2 1 ASP A 172 ? ? 50.19   -130.38 
# 
_pdbx_SG_project.id                    1 
_pdbx_SG_project.project_name          'NIAID, National Institute of Allergy and Infectious Diseases' 
_pdbx_SG_project.full_name_of_center   'Seattle Structural Genomics Center for Infectious Disease' 
_pdbx_SG_project.initial_of_center     SSGCID 
# 
loop_
_pdbx_struct_special_symmetry.id 
_pdbx_struct_special_symmetry.PDB_model_num 
_pdbx_struct_special_symmetry.auth_asym_id 
_pdbx_struct_special_symmetry.auth_comp_id 
_pdbx_struct_special_symmetry.auth_seq_id 
_pdbx_struct_special_symmetry.PDB_ins_code 
_pdbx_struct_special_symmetry.label_asym_id 
_pdbx_struct_special_symmetry.label_comp_id 
_pdbx_struct_special_symmetry.label_seq_id 
1 1 A HOH 417 ? H HOH . 
2 1 A HOH 466 ? H HOH . 
# 
_diffrn_reflns.diffrn_id                   1 
_diffrn_reflns.pdbx_d_res_high             2.000 
_diffrn_reflns.pdbx_d_res_low              ? 
_diffrn_reflns.pdbx_number_obs             24800 
_diffrn_reflns.pdbx_Rmerge_I_obs           0.053 
_diffrn_reflns.pdbx_Rsym_value             ? 
_diffrn_reflns.pdbx_chi_squared            1.03 
_diffrn_reflns.pdbx_redundancy             ? 
_diffrn_reflns.pdbx_rejects                ? 
_diffrn_reflns.pdbx_percent_possible_obs   100.00 
_diffrn_reflns.pdbx_observed_criterion     ? 
_diffrn_reflns.number                      695979 
_diffrn_reflns.limit_h_max                 ? 
_diffrn_reflns.limit_h_min                 ? 
_diffrn_reflns.limit_k_max                 ? 
_diffrn_reflns.limit_k_min                 ? 
_diffrn_reflns.limit_l_max                 ? 
_diffrn_reflns.limit_l_min                 ? 
# 
loop_
_pdbx_diffrn_reflns_shell.diffrn_id 
_pdbx_diffrn_reflns_shell.d_res_high 
_pdbx_diffrn_reflns_shell.d_res_low 
_pdbx_diffrn_reflns_shell.number_obs 
_pdbx_diffrn_reflns_shell.rejects 
_pdbx_diffrn_reflns_shell.Rmerge_I_obs 
_pdbx_diffrn_reflns_shell.Rsym_value 
_pdbx_diffrn_reflns_shell.chi_squared 
_pdbx_diffrn_reflns_shell.redundancy 
_pdbx_diffrn_reflns_shell.percent_possible_obs 
1 6.32 8.94 497  ? 0.025 ? ? ? ? 
1 5.16 6.32 674  ? 0.029 ? ? ? ? 
1 4.47 5.16 782  ? 0.028 ? ? ? ? 
1 4.00 4.47 885  ? 0.030 ? ? ? ? 
1 3.65 4.00 960  ? 0.035 ? ? ? ? 
1 3.38 3.65 1064 ? 0.036 ? ? ? ? 
1 3.16 3.38 1138 ? 0.042 ? ? ? ? 
1 2.98 3.16 1209 ? 0.052 ? ? ? ? 
1 2.83 2.98 1304 ? 0.063 ? ? ? ? 
1 2.70 2.83 1339 ? 0.080 ? ? ? ? 
1 2.58 2.70 1413 ? 0.088 ? ? ? ? 
1 2.48 2.58 1481 ? 0.113 ? ? ? ? 
1 2.39 2.48 1484 ? 0.127 ? ? ? ? 
1 2.31 2.39 1610 ? 0.147 ? ? ? ? 
1 2.24 2.31 1636 ? 0.157 ? ? ? ? 
1 2.17 2.24 1690 ? 0.179 ? ? ? ? 
1 2.11 2.17 1709 ? 0.211 ? ? ? ? 
1 2.05 2.11 1820 ? 0.238 ? ? ? ? 
1 2.00 2.05 1815 ? 0.296 ? ? ? ? 
# 
_phasing.method   SAD 
# 
loop_
_pdbx_unobs_or_zero_occ_residues.id 
_pdbx_unobs_or_zero_occ_residues.PDB_model_num 
_pdbx_unobs_or_zero_occ_residues.polymer_flag 
_pdbx_unobs_or_zero_occ_residues.occupancy_flag 
_pdbx_unobs_or_zero_occ_residues.auth_asym_id 
_pdbx_unobs_or_zero_occ_residues.auth_comp_id 
_pdbx_unobs_or_zero_occ_residues.auth_seq_id 
_pdbx_unobs_or_zero_occ_residues.PDB_ins_code 
_pdbx_unobs_or_zero_occ_residues.label_asym_id 
_pdbx_unobs_or_zero_occ_residues.label_comp_id 
_pdbx_unobs_or_zero_occ_residues.label_seq_id 
1 1 Y 1 A VAL 155 ? A VAL 139 
2 1 Y 1 A GLN 156 ? A GLN 140 
3 1 Y 1 A GLY 157 ? A GLY 141 
4 1 Y 1 A GLN 158 ? A GLN 142 
5 1 Y 1 A PRO 159 ? A PRO 143 
# 
loop_
_chem_comp_atom.comp_id 
_chem_comp_atom.atom_id 
_chem_comp_atom.type_symbol 
_chem_comp_atom.pdbx_aromatic_flag 
_chem_comp_atom.pdbx_stereo_config 
_chem_comp_atom.pdbx_ordinal 
ALA N    N N N 1   
ALA CA   C N S 2   
ALA C    C N N 3   
ALA O    O N N 4   
ALA CB   C N N 5   
ALA OXT  O N N 6   
ALA H    H N N 7   
ALA H2   H N N 8   
ALA HA   H N N 9   
ALA HB1  H N N 10  
ALA HB2  H N N 11  
ALA HB3  H N N 12  
ALA HXT  H N N 13  
ARG N    N N N 14  
ARG CA   C N S 15  
ARG C    C N N 16  
ARG O    O N N 17  
ARG CB   C N N 18  
ARG CG   C N N 19  
ARG CD   C N N 20  
ARG NE   N N N 21  
ARG CZ   C N N 22  
ARG NH1  N N N 23  
ARG NH2  N N N 24  
ARG OXT  O N N 25  
ARG H    H N N 26  
ARG H2   H N N 27  
ARG HA   H N N 28  
ARG HB2  H N N 29  
ARG HB3  H N N 30  
ARG HG2  H N N 31  
ARG HG3  H N N 32  
ARG HD2  H N N 33  
ARG HD3  H N N 34  
ARG HE   H N N 35  
ARG HH11 H N N 36  
ARG HH12 H N N 37  
ARG HH21 H N N 38  
ARG HH22 H N N 39  
ARG HXT  H N N 40  
ASN N    N N N 41  
ASN CA   C N S 42  
ASN C    C N N 43  
ASN O    O N N 44  
ASN CB   C N N 45  
ASN CG   C N N 46  
ASN OD1  O N N 47  
ASN ND2  N N N 48  
ASN OXT  O N N 49  
ASN H    H N N 50  
ASN H2   H N N 51  
ASN HA   H N N 52  
ASN HB2  H N N 53  
ASN HB3  H N N 54  
ASN HD21 H N N 55  
ASN HD22 H N N 56  
ASN HXT  H N N 57  
ASP N    N N N 58  
ASP CA   C N S 59  
ASP C    C N N 60  
ASP O    O N N 61  
ASP CB   C N N 62  
ASP CG   C N N 63  
ASP OD1  O N N 64  
ASP OD2  O N N 65  
ASP OXT  O N N 66  
ASP H    H N N 67  
ASP H2   H N N 68  
ASP HA   H N N 69  
ASP HB2  H N N 70  
ASP HB3  H N N 71  
ASP HD2  H N N 72  
ASP HXT  H N N 73  
CYS N    N N N 74  
CYS CA   C N R 75  
CYS C    C N N 76  
CYS O    O N N 77  
CYS CB   C N N 78  
CYS SG   S N N 79  
CYS OXT  O N N 80  
CYS H    H N N 81  
CYS H2   H N N 82  
CYS HA   H N N 83  
CYS HB2  H N N 84  
CYS HB3  H N N 85  
CYS HG   H N N 86  
CYS HXT  H N N 87  
GLN N    N N N 88  
GLN CA   C N S 89  
GLN C    C N N 90  
GLN O    O N N 91  
GLN CB   C N N 92  
GLN CG   C N N 93  
GLN CD   C N N 94  
GLN OE1  O N N 95  
GLN NE2  N N N 96  
GLN OXT  O N N 97  
GLN H    H N N 98  
GLN H2   H N N 99  
GLN HA   H N N 100 
GLN HB2  H N N 101 
GLN HB3  H N N 102 
GLN HG2  H N N 103 
GLN HG3  H N N 104 
GLN HE21 H N N 105 
GLN HE22 H N N 106 
GLN HXT  H N N 107 
GLU N    N N N 108 
GLU CA   C N S 109 
GLU C    C N N 110 
GLU O    O N N 111 
GLU CB   C N N 112 
GLU CG   C N N 113 
GLU CD   C N N 114 
GLU OE1  O N N 115 
GLU OE2  O N N 116 
GLU OXT  O N N 117 
GLU H    H N N 118 
GLU H2   H N N 119 
GLU HA   H N N 120 
GLU HB2  H N N 121 
GLU HB3  H N N 122 
GLU HG2  H N N 123 
GLU HG3  H N N 124 
GLU HE2  H N N 125 
GLU HXT  H N N 126 
GLY N    N N N 127 
GLY CA   C N N 128 
GLY C    C N N 129 
GLY O    O N N 130 
GLY OXT  O N N 131 
GLY H    H N N 132 
GLY H2   H N N 133 
GLY HA2  H N N 134 
GLY HA3  H N N 135 
GLY HXT  H N N 136 
HIS N    N N N 137 
HIS CA   C N S 138 
HIS C    C N N 139 
HIS O    O N N 140 
HIS CB   C N N 141 
HIS CG   C Y N 142 
HIS ND1  N Y N 143 
HIS CD2  C Y N 144 
HIS CE1  C Y N 145 
HIS NE2  N Y N 146 
HIS OXT  O N N 147 
HIS H    H N N 148 
HIS H2   H N N 149 
HIS HA   H N N 150 
HIS HB2  H N N 151 
HIS HB3  H N N 152 
HIS HD1  H N N 153 
HIS HD2  H N N 154 
HIS HE1  H N N 155 
HIS HE2  H N N 156 
HIS HXT  H N N 157 
HOH O    O N N 158 
HOH H1   H N N 159 
HOH H2   H N N 160 
ILE N    N N N 161 
ILE CA   C N S 162 
ILE C    C N N 163 
ILE O    O N N 164 
ILE CB   C N S 165 
ILE CG1  C N N 166 
ILE CG2  C N N 167 
ILE CD1  C N N 168 
ILE OXT  O N N 169 
ILE H    H N N 170 
ILE H2   H N N 171 
ILE HA   H N N 172 
ILE HB   H N N 173 
ILE HG12 H N N 174 
ILE HG13 H N N 175 
ILE HG21 H N N 176 
ILE HG22 H N N 177 
ILE HG23 H N N 178 
ILE HD11 H N N 179 
ILE HD12 H N N 180 
ILE HD13 H N N 181 
ILE HXT  H N N 182 
IOD I    I N N 183 
LEU N    N N N 184 
LEU CA   C N S 185 
LEU C    C N N 186 
LEU O    O N N 187 
LEU CB   C N N 188 
LEU CG   C N N 189 
LEU CD1  C N N 190 
LEU CD2  C N N 191 
LEU OXT  O N N 192 
LEU H    H N N 193 
LEU H2   H N N 194 
LEU HA   H N N 195 
LEU HB2  H N N 196 
LEU HB3  H N N 197 
LEU HG   H N N 198 
LEU HD11 H N N 199 
LEU HD12 H N N 200 
LEU HD13 H N N 201 
LEU HD21 H N N 202 
LEU HD22 H N N 203 
LEU HD23 H N N 204 
LEU HXT  H N N 205 
LYS N    N N N 206 
LYS CA   C N S 207 
LYS C    C N N 208 
LYS O    O N N 209 
LYS CB   C N N 210 
LYS CG   C N N 211 
LYS CD   C N N 212 
LYS CE   C N N 213 
LYS NZ   N N N 214 
LYS OXT  O N N 215 
LYS H    H N N 216 
LYS H2   H N N 217 
LYS HA   H N N 218 
LYS HB2  H N N 219 
LYS HB3  H N N 220 
LYS HG2  H N N 221 
LYS HG3  H N N 222 
LYS HD2  H N N 223 
LYS HD3  H N N 224 
LYS HE2  H N N 225 
LYS HE3  H N N 226 
LYS HZ1  H N N 227 
LYS HZ2  H N N 228 
LYS HZ3  H N N 229 
LYS HXT  H N N 230 
MET N    N N N 231 
MET CA   C N S 232 
MET C    C N N 233 
MET O    O N N 234 
MET CB   C N N 235 
MET CG   C N N 236 
MET SD   S N N 237 
MET CE   C N N 238 
MET OXT  O N N 239 
MET H    H N N 240 
MET H2   H N N 241 
MET HA   H N N 242 
MET HB2  H N N 243 
MET HB3  H N N 244 
MET HG2  H N N 245 
MET HG3  H N N 246 
MET HE1  H N N 247 
MET HE2  H N N 248 
MET HE3  H N N 249 
MET HXT  H N N 250 
PHE N    N N N 251 
PHE CA   C N S 252 
PHE C    C N N 253 
PHE O    O N N 254 
PHE CB   C N N 255 
PHE CG   C Y N 256 
PHE CD1  C Y N 257 
PHE CD2  C Y N 258 
PHE CE1  C Y N 259 
PHE CE2  C Y N 260 
PHE CZ   C Y N 261 
PHE OXT  O N N 262 
PHE H    H N N 263 
PHE H2   H N N 264 
PHE HA   H N N 265 
PHE HB2  H N N 266 
PHE HB3  H N N 267 
PHE HD1  H N N 268 
PHE HD2  H N N 269 
PHE HE1  H N N 270 
PHE HE2  H N N 271 
PHE HZ   H N N 272 
PHE HXT  H N N 273 
PRO N    N N N 274 
PRO CA   C N S 275 
PRO C    C N N 276 
PRO O    O N N 277 
PRO CB   C N N 278 
PRO CG   C N N 279 
PRO CD   C N N 280 
PRO OXT  O N N 281 
PRO H    H N N 282 
PRO HA   H N N 283 
PRO HB2  H N N 284 
PRO HB3  H N N 285 
PRO HG2  H N N 286 
PRO HG3  H N N 287 
PRO HD2  H N N 288 
PRO HD3  H N N 289 
PRO HXT  H N N 290 
SER N    N N N 291 
SER CA   C N S 292 
SER C    C N N 293 
SER O    O N N 294 
SER CB   C N N 295 
SER OG   O N N 296 
SER OXT  O N N 297 
SER H    H N N 298 
SER H2   H N N 299 
SER HA   H N N 300 
SER HB2  H N N 301 
SER HB3  H N N 302 
SER HG   H N N 303 
SER HXT  H N N 304 
THR N    N N N 305 
THR CA   C N S 306 
THR C    C N N 307 
THR O    O N N 308 
THR CB   C N R 309 
THR OG1  O N N 310 
THR CG2  C N N 311 
THR OXT  O N N 312 
THR H    H N N 313 
THR H2   H N N 314 
THR HA   H N N 315 
THR HB   H N N 316 
THR HG1  H N N 317 
THR HG21 H N N 318 
THR HG22 H N N 319 
THR HG23 H N N 320 
THR HXT  H N N 321 
TYR N    N N N 322 
TYR CA   C N S 323 
TYR C    C N N 324 
TYR O    O N N 325 
TYR CB   C N N 326 
TYR CG   C Y N 327 
TYR CD1  C Y N 328 
TYR CD2  C Y N 329 
TYR CE1  C Y N 330 
TYR CE2  C Y N 331 
TYR CZ   C Y N 332 
TYR OH   O N N 333 
TYR OXT  O N N 334 
TYR H    H N N 335 
TYR H2   H N N 336 
TYR HA   H N N 337 
TYR HB2  H N N 338 
TYR HB3  H N N 339 
TYR HD1  H N N 340 
TYR HD2  H N N 341 
TYR HE1  H N N 342 
TYR HE2  H N N 343 
TYR HH   H N N 344 
TYR HXT  H N N 345 
VAL N    N N N 346 
VAL CA   C N S 347 
VAL C    C N N 348 
VAL O    O N N 349 
VAL CB   C N N 350 
VAL CG1  C N N 351 
VAL CG2  C N N 352 
VAL OXT  O N N 353 
VAL H    H N N 354 
VAL H2   H N N 355 
VAL HA   H N N 356 
VAL HB   H N N 357 
VAL HG11 H N N 358 
VAL HG12 H N N 359 
VAL HG13 H N N 360 
VAL HG21 H N N 361 
VAL HG22 H N N 362 
VAL HG23 H N N 363 
VAL HXT  H N N 364 
# 
loop_
_chem_comp_bond.comp_id 
_chem_comp_bond.atom_id_1 
_chem_comp_bond.atom_id_2 
_chem_comp_bond.value_order 
_chem_comp_bond.pdbx_aromatic_flag 
_chem_comp_bond.pdbx_stereo_config 
_chem_comp_bond.pdbx_ordinal 
ALA N   CA   sing N N 1   
ALA N   H    sing N N 2   
ALA N   H2   sing N N 3   
ALA CA  C    sing N N 4   
ALA CA  CB   sing N N 5   
ALA CA  HA   sing N N 6   
ALA C   O    doub N N 7   
ALA C   OXT  sing N N 8   
ALA CB  HB1  sing N N 9   
ALA CB  HB2  sing N N 10  
ALA CB  HB3  sing N N 11  
ALA OXT HXT  sing N N 12  
ARG N   CA   sing N N 13  
ARG N   H    sing N N 14  
ARG N   H2   sing N N 15  
ARG CA  C    sing N N 16  
ARG CA  CB   sing N N 17  
ARG CA  HA   sing N N 18  
ARG C   O    doub N N 19  
ARG C   OXT  sing N N 20  
ARG CB  CG   sing N N 21  
ARG CB  HB2  sing N N 22  
ARG CB  HB3  sing N N 23  
ARG CG  CD   sing N N 24  
ARG CG  HG2  sing N N 25  
ARG CG  HG3  sing N N 26  
ARG CD  NE   sing N N 27  
ARG CD  HD2  sing N N 28  
ARG CD  HD3  sing N N 29  
ARG NE  CZ   sing N N 30  
ARG NE  HE   sing N N 31  
ARG CZ  NH1  sing N N 32  
ARG CZ  NH2  doub N N 33  
ARG NH1 HH11 sing N N 34  
ARG NH1 HH12 sing N N 35  
ARG NH2 HH21 sing N N 36  
ARG NH2 HH22 sing N N 37  
ARG OXT HXT  sing N N 38  
ASN N   CA   sing N N 39  
ASN N   H    sing N N 40  
ASN N   H2   sing N N 41  
ASN CA  C    sing N N 42  
ASN CA  CB   sing N N 43  
ASN CA  HA   sing N N 44  
ASN C   O    doub N N 45  
ASN C   OXT  sing N N 46  
ASN CB  CG   sing N N 47  
ASN CB  HB2  sing N N 48  
ASN CB  HB3  sing N N 49  
ASN CG  OD1  doub N N 50  
ASN CG  ND2  sing N N 51  
ASN ND2 HD21 sing N N 52  
ASN ND2 HD22 sing N N 53  
ASN OXT HXT  sing N N 54  
ASP N   CA   sing N N 55  
ASP N   H    sing N N 56  
ASP N   H2   sing N N 57  
ASP CA  C    sing N N 58  
ASP CA  CB   sing N N 59  
ASP CA  HA   sing N N 60  
ASP C   O    doub N N 61  
ASP C   OXT  sing N N 62  
ASP CB  CG   sing N N 63  
ASP CB  HB2  sing N N 64  
ASP CB  HB3  sing N N 65  
ASP CG  OD1  doub N N 66  
ASP CG  OD2  sing N N 67  
ASP OD2 HD2  sing N N 68  
ASP OXT HXT  sing N N 69  
CYS N   CA   sing N N 70  
CYS N   H    sing N N 71  
CYS N   H2   sing N N 72  
CYS CA  C    sing N N 73  
CYS CA  CB   sing N N 74  
CYS CA  HA   sing N N 75  
CYS C   O    doub N N 76  
CYS C   OXT  sing N N 77  
CYS CB  SG   sing N N 78  
CYS CB  HB2  sing N N 79  
CYS CB  HB3  sing N N 80  
CYS SG  HG   sing N N 81  
CYS OXT HXT  sing N N 82  
GLN N   CA   sing N N 83  
GLN N   H    sing N N 84  
GLN N   H2   sing N N 85  
GLN CA  C    sing N N 86  
GLN CA  CB   sing N N 87  
GLN CA  HA   sing N N 88  
GLN C   O    doub N N 89  
GLN C   OXT  sing N N 90  
GLN CB  CG   sing N N 91  
GLN CB  HB2  sing N N 92  
GLN CB  HB3  sing N N 93  
GLN CG  CD   sing N N 94  
GLN CG  HG2  sing N N 95  
GLN CG  HG3  sing N N 96  
GLN CD  OE1  doub N N 97  
GLN CD  NE2  sing N N 98  
GLN NE2 HE21 sing N N 99  
GLN NE2 HE22 sing N N 100 
GLN OXT HXT  sing N N 101 
GLU N   CA   sing N N 102 
GLU N   H    sing N N 103 
GLU N   H2   sing N N 104 
GLU CA  C    sing N N 105 
GLU CA  CB   sing N N 106 
GLU CA  HA   sing N N 107 
GLU C   O    doub N N 108 
GLU C   OXT  sing N N 109 
GLU CB  CG   sing N N 110 
GLU CB  HB2  sing N N 111 
GLU CB  HB3  sing N N 112 
GLU CG  CD   sing N N 113 
GLU CG  HG2  sing N N 114 
GLU CG  HG3  sing N N 115 
GLU CD  OE1  doub N N 116 
GLU CD  OE2  sing N N 117 
GLU OE2 HE2  sing N N 118 
GLU OXT HXT  sing N N 119 
GLY N   CA   sing N N 120 
GLY N   H    sing N N 121 
GLY N   H2   sing N N 122 
GLY CA  C    sing N N 123 
GLY CA  HA2  sing N N 124 
GLY CA  HA3  sing N N 125 
GLY C   O    doub N N 126 
GLY C   OXT  sing N N 127 
GLY OXT HXT  sing N N 128 
HIS N   CA   sing N N 129 
HIS N   H    sing N N 130 
HIS N   H2   sing N N 131 
HIS CA  C    sing N N 132 
HIS CA  CB   sing N N 133 
HIS CA  HA   sing N N 134 
HIS C   O    doub N N 135 
HIS C   OXT  sing N N 136 
HIS CB  CG   sing N N 137 
HIS CB  HB2  sing N N 138 
HIS CB  HB3  sing N N 139 
HIS CG  ND1  sing Y N 140 
HIS CG  CD2  doub Y N 141 
HIS ND1 CE1  doub Y N 142 
HIS ND1 HD1  sing N N 143 
HIS CD2 NE2  sing Y N 144 
HIS CD2 HD2  sing N N 145 
HIS CE1 NE2  sing Y N 146 
HIS CE1 HE1  sing N N 147 
HIS NE2 HE2  sing N N 148 
HIS OXT HXT  sing N N 149 
HOH O   H1   sing N N 150 
HOH O   H2   sing N N 151 
ILE N   CA   sing N N 152 
ILE N   H    sing N N 153 
ILE N   H2   sing N N 154 
ILE CA  C    sing N N 155 
ILE CA  CB   sing N N 156 
ILE CA  HA   sing N N 157 
ILE C   O    doub N N 158 
ILE C   OXT  sing N N 159 
ILE CB  CG1  sing N N 160 
ILE CB  CG2  sing N N 161 
ILE CB  HB   sing N N 162 
ILE CG1 CD1  sing N N 163 
ILE CG1 HG12 sing N N 164 
ILE CG1 HG13 sing N N 165 
ILE CG2 HG21 sing N N 166 
ILE CG2 HG22 sing N N 167 
ILE CG2 HG23 sing N N 168 
ILE CD1 HD11 sing N N 169 
ILE CD1 HD12 sing N N 170 
ILE CD1 HD13 sing N N 171 
ILE OXT HXT  sing N N 172 
LEU N   CA   sing N N 173 
LEU N   H    sing N N 174 
LEU N   H2   sing N N 175 
LEU CA  C    sing N N 176 
LEU CA  CB   sing N N 177 
LEU CA  HA   sing N N 178 
LEU C   O    doub N N 179 
LEU C   OXT  sing N N 180 
LEU CB  CG   sing N N 181 
LEU CB  HB2  sing N N 182 
LEU CB  HB3  sing N N 183 
LEU CG  CD1  sing N N 184 
LEU CG  CD2  sing N N 185 
LEU CG  HG   sing N N 186 
LEU CD1 HD11 sing N N 187 
LEU CD1 HD12 sing N N 188 
LEU CD1 HD13 sing N N 189 
LEU CD2 HD21 sing N N 190 
LEU CD2 HD22 sing N N 191 
LEU CD2 HD23 sing N N 192 
LEU OXT HXT  sing N N 193 
LYS N   CA   sing N N 194 
LYS N   H    sing N N 195 
LYS N   H2   sing N N 196 
LYS CA  C    sing N N 197 
LYS CA  CB   sing N N 198 
LYS CA  HA   sing N N 199 
LYS C   O    doub N N 200 
LYS C   OXT  sing N N 201 
LYS CB  CG   sing N N 202 
LYS CB  HB2  sing N N 203 
LYS CB  HB3  sing N N 204 
LYS CG  CD   sing N N 205 
LYS CG  HG2  sing N N 206 
LYS CG  HG3  sing N N 207 
LYS CD  CE   sing N N 208 
LYS CD  HD2  sing N N 209 
LYS CD  HD3  sing N N 210 
LYS CE  NZ   sing N N 211 
LYS CE  HE2  sing N N 212 
LYS CE  HE3  sing N N 213 
LYS NZ  HZ1  sing N N 214 
LYS NZ  HZ2  sing N N 215 
LYS NZ  HZ3  sing N N 216 
LYS OXT HXT  sing N N 217 
MET N   CA   sing N N 218 
MET N   H    sing N N 219 
MET N   H2   sing N N 220 
MET CA  C    sing N N 221 
MET CA  CB   sing N N 222 
MET CA  HA   sing N N 223 
MET C   O    doub N N 224 
MET C   OXT  sing N N 225 
MET CB  CG   sing N N 226 
MET CB  HB2  sing N N 227 
MET CB  HB3  sing N N 228 
MET CG  SD   sing N N 229 
MET CG  HG2  sing N N 230 
MET CG  HG3  sing N N 231 
MET SD  CE   sing N N 232 
MET CE  HE1  sing N N 233 
MET CE  HE2  sing N N 234 
MET CE  HE3  sing N N 235 
MET OXT HXT  sing N N 236 
PHE N   CA   sing N N 237 
PHE N   H    sing N N 238 
PHE N   H2   sing N N 239 
PHE CA  C    sing N N 240 
PHE CA  CB   sing N N 241 
PHE CA  HA   sing N N 242 
PHE C   O    doub N N 243 
PHE C   OXT  sing N N 244 
PHE CB  CG   sing N N 245 
PHE CB  HB2  sing N N 246 
PHE CB  HB3  sing N N 247 
PHE CG  CD1  doub Y N 248 
PHE CG  CD2  sing Y N 249 
PHE CD1 CE1  sing Y N 250 
PHE CD1 HD1  sing N N 251 
PHE CD2 CE2  doub Y N 252 
PHE CD2 HD2  sing N N 253 
PHE CE1 CZ   doub Y N 254 
PHE CE1 HE1  sing N N 255 
PHE CE2 CZ   sing Y N 256 
PHE CE2 HE2  sing N N 257 
PHE CZ  HZ   sing N N 258 
PHE OXT HXT  sing N N 259 
PRO N   CA   sing N N 260 
PRO N   CD   sing N N 261 
PRO N   H    sing N N 262 
PRO CA  C    sing N N 263 
PRO CA  CB   sing N N 264 
PRO CA  HA   sing N N 265 
PRO C   O    doub N N 266 
PRO C   OXT  sing N N 267 
PRO CB  CG   sing N N 268 
PRO CB  HB2  sing N N 269 
PRO CB  HB3  sing N N 270 
PRO CG  CD   sing N N 271 
PRO CG  HG2  sing N N 272 
PRO CG  HG3  sing N N 273 
PRO CD  HD2  sing N N 274 
PRO CD  HD3  sing N N 275 
PRO OXT HXT  sing N N 276 
SER N   CA   sing N N 277 
SER N   H    sing N N 278 
SER N   H2   sing N N 279 
SER CA  C    sing N N 280 
SER CA  CB   sing N N 281 
SER CA  HA   sing N N 282 
SER C   O    doub N N 283 
SER C   OXT  sing N N 284 
SER CB  OG   sing N N 285 
SER CB  HB2  sing N N 286 
SER CB  HB3  sing N N 287 
SER OG  HG   sing N N 288 
SER OXT HXT  sing N N 289 
THR N   CA   sing N N 290 
THR N   H    sing N N 291 
THR N   H2   sing N N 292 
THR CA  C    sing N N 293 
THR CA  CB   sing N N 294 
THR CA  HA   sing N N 295 
THR C   O    doub N N 296 
THR C   OXT  sing N N 297 
THR CB  OG1  sing N N 298 
THR CB  CG2  sing N N 299 
THR CB  HB   sing N N 300 
THR OG1 HG1  sing N N 301 
THR CG2 HG21 sing N N 302 
THR CG2 HG22 sing N N 303 
THR CG2 HG23 sing N N 304 
THR OXT HXT  sing N N 305 
TYR N   CA   sing N N 306 
TYR N   H    sing N N 307 
TYR N   H2   sing N N 308 
TYR CA  C    sing N N 309 
TYR CA  CB   sing N N 310 
TYR CA  HA   sing N N 311 
TYR C   O    doub N N 312 
TYR C   OXT  sing N N 313 
TYR CB  CG   sing N N 314 
TYR CB  HB2  sing N N 315 
TYR CB  HB3  sing N N 316 
TYR CG  CD1  doub Y N 317 
TYR CG  CD2  sing Y N 318 
TYR CD1 CE1  sing Y N 319 
TYR CD1 HD1  sing N N 320 
TYR CD2 CE2  doub Y N 321 
TYR CD2 HD2  sing N N 322 
TYR CE1 CZ   doub Y N 323 
TYR CE1 HE1  sing N N 324 
TYR CE2 CZ   sing Y N 325 
TYR CE2 HE2  sing N N 326 
TYR CZ  OH   sing N N 327 
TYR OH  HH   sing N N 328 
TYR OXT HXT  sing N N 329 
VAL N   CA   sing N N 330 
VAL N   H    sing N N 331 
VAL N   H2   sing N N 332 
VAL CA  C    sing N N 333 
VAL CA  CB   sing N N 334 
VAL CA  HA   sing N N 335 
VAL C   O    doub N N 336 
VAL C   OXT  sing N N 337 
VAL CB  CG1  sing N N 338 
VAL CB  CG2  sing N N 339 
VAL CB  HB   sing N N 340 
VAL CG1 HG11 sing N N 341 
VAL CG1 HG12 sing N N 342 
VAL CG1 HG13 sing N N 343 
VAL CG2 HG21 sing N N 344 
VAL CG2 HG22 sing N N 345 
VAL CG2 HG23 sing N N 346 
VAL OXT HXT  sing N N 347 
# 
_atom_sites.entry_id                    4TMD 
_atom_sites.fract_transf_matrix[1][1]   0.00411299 
_atom_sites.fract_transf_matrix[1][2]   0.01756600 
_atom_sites.fract_transf_matrix[1][3]   0.02436969 
_atom_sites.fract_transf_matrix[2][1]   0.00108166 
_atom_sites.fract_transf_matrix[2][2]   -0.02151212 
_atom_sites.fract_transf_matrix[2][3]   0.01532367 
_atom_sites.fract_transf_matrix[3][1]   0.00652847 
_atom_sites.fract_transf_matrix[3][2]   -0.00030170 
_atom_sites.fract_transf_matrix[3][3]   -0.00088437 
_atom_sites.fract_transf_vector[1]      0.434568 
_atom_sites.fract_transf_vector[2]      0.923766 
_atom_sites.fract_transf_vector[3]      0.134710 
# 
loop_
_atom_type.symbol 
C 
I 
N 
O 
S 
# 
loop_
_atom_site.group_PDB 
_atom_site.id 
_atom_site.type_symbol 
_atom_site.label_atom_id 
_atom_site.label_alt_id 
_atom_site.label_comp_id 
_atom_site.label_asym_id 
_atom_site.label_entity_id 
_atom_site.label_seq_id 
_atom_site.pdbx_PDB_ins_code 
_atom_site.Cartn_x 
_atom_site.Cartn_y 
_atom_site.Cartn_z 
_atom_site.occupancy 
_atom_site.B_iso_or_equiv 
_atom_site.pdbx_formal_charge 
_atom_site.auth_seq_id 
_atom_site.auth_comp_id 
_atom_site.auth_asym_id 
_atom_site.auth_atom_id 
_atom_site.pdbx_PDB_model_num 
ATOM   1    N N   . ALA A 1 1   ? 8.492   -22.885 2.553   1.00 46.27  ? 17  ALA A N   1 
ATOM   2    C CA  . ALA A 1 1   ? 9.135   -22.298 1.374   1.00 56.47  ? 17  ALA A CA  1 
ATOM   3    C C   . ALA A 1 1   ? 10.109  -21.198 1.789   1.00 53.10  ? 17  ALA A C   1 
ATOM   4    O O   . ALA A 1 1   ? 11.242  -21.120 1.297   1.00 54.30  ? 17  ALA A O   1 
ATOM   5    C CB  . ALA A 1 1   ? 8.093   -21.751 0.410   1.00 49.73  ? 17  ALA A CB  1 
ATOM   6    N N   . TYR A 1 2   ? 9.655   -20.352 2.703   1.00 49.37  ? 18  TYR A N   1 
ATOM   7    C CA  . TYR A 1 2   ? 10.481  -19.291 3.241   1.00 48.79  ? 18  TYR A CA  1 
ATOM   8    C C   . TYR A 1 2   ? 10.661  -19.551 4.730   1.00 49.52  ? 18  TYR A C   1 
ATOM   9    O O   . TYR A 1 2   ? 9.939   -18.999 5.568   1.00 36.72  ? 18  TYR A O   1 
ATOM   10   C CB  . TYR A 1 2   ? 9.850   -17.931 2.938   1.00 40.45  ? 18  TYR A CB  1 
ATOM   11   C CG  . TYR A 1 2   ? 9.889   -17.645 1.458   1.00 39.42  ? 18  TYR A CG  1 
ATOM   12   C CD1 . TYR A 1 2   ? 11.105  -17.468 0.814   1.00 38.47  ? 18  TYR A CD1 1 
ATOM   13   C CD2 . TYR A 1 2   ? 8.726   -17.600 0.695   1.00 44.94  ? 18  TYR A CD2 1 
ATOM   14   C CE1 . TYR A 1 2   ? 11.170  -17.233 -0.535  1.00 34.81  ? 18  TYR A CE1 1 
ATOM   15   C CE2 . TYR A 1 2   ? 8.777   -17.359 -0.677  1.00 34.57  ? 18  TYR A CE2 1 
ATOM   16   C CZ  . TYR A 1 2   ? 10.012  -17.178 -1.279  1.00 39.92  ? 18  TYR A CZ  1 
ATOM   17   O OH  . TYR A 1 2   ? 10.107  -16.945 -2.628  1.00 47.62  ? 18  TYR A OH  1 
ATOM   18   N N   . PRO A 1 3   ? 11.634  -20.417 5.048   1.00 49.17  ? 19  PRO A N   1 
ATOM   19   C CA  . PRO A 1 3   ? 11.838  -20.994 6.378   1.00 54.86  ? 19  PRO A CA  1 
ATOM   20   C C   . PRO A 1 3   ? 12.168  -19.946 7.425   1.00 50.38  ? 19  PRO A C   1 
ATOM   21   O O   . PRO A 1 3   ? 11.705  -20.042 8.562   1.00 45.13  ? 19  PRO A O   1 
ATOM   22   C CB  . PRO A 1 3   ? 13.027  -21.934 6.171   1.00 53.45  ? 19  PRO A CB  1 
ATOM   23   C CG  . PRO A 1 3   ? 13.780  -21.313 5.038   1.00 57.88  ? 19  PRO A CG  1 
ATOM   24   C CD  . PRO A 1 3   ? 12.714  -20.795 4.120   1.00 59.00  ? 19  PRO A CD  1 
ATOM   25   N N   . ASP A 1 4   ? 12.962  -18.956 7.044   1.00 43.55  ? 20  ASP A N   1 
ATOM   26   C CA  . ASP A 1 4   ? 13.414  -17.960 7.997   1.00 44.24  ? 20  ASP A CA  1 
ATOM   27   C C   . ASP A 1 4   ? 12.665  -16.651 7.835   1.00 30.47  ? 20  ASP A C   1 
ATOM   28   O O   . ASP A 1 4   ? 13.122  -15.609 8.303   1.00 38.88  ? 20  ASP A O   1 
ATOM   29   C CB  . ASP A 1 4   ? 14.913  -17.740 7.842   1.00 43.79  ? 20  ASP A CB  1 
ATOM   30   C CG  . ASP A 1 4   ? 15.693  -19.037 7.913   1.00 62.77  ? 20  ASP A CG  1 
ATOM   31   O OD1 . ASP A 1 4   ? 15.773  -19.616 9.021   1.00 53.99  ? 20  ASP A OD1 1 
ATOM   32   O OD2 . ASP A 1 4   ? 16.208  -19.485 6.862   1.00 58.28  ? 20  ASP A OD2 1 
ATOM   33   N N   . ALA A 1 5   ? 11.516  -16.703 7.169   1.00 27.17  ? 21  ALA A N   1 
ATOM   34   C CA  . ALA A 1 5   ? 10.742  -15.487 6.938   1.00 23.38  ? 21  ALA A CA  1 
ATOM   35   C C   . ALA A 1 5   ? 10.228  -14.933 8.271   1.00 28.24  ? 21  ALA A C   1 
ATOM   36   O O   . ALA A 1 5   ? 9.856   -15.691 9.171   1.00 21.84  ? 21  ALA A O   1 
ATOM   37   C CB  . ALA A 1 5   ? 9.578   -15.748 5.966   1.00 19.60  ? 21  ALA A CB  1 
ATOM   38   N N   . ASP A 1 6   ? 10.214  -13.610 8.389   1.00 20.02  ? 22  ASP A N   1 
ATOM   39   C CA  . ASP A 1 6   ? 9.865   -12.944 9.632   1.00 25.32  ? 22  ASP A CA  1 
ATOM   40   C C   . ASP A 1 6   ? 9.483   -11.503 9.321   1.00 18.05  ? 22  ASP A C   1 
ATOM   41   O O   . ASP A 1 6   ? 10.335  -10.697 8.901   1.00 15.34  ? 22  ASP A O   1 
ATOM   42   C CB  . ASP A 1 6   ? 11.048  -13.004 10.607  1.00 23.27  ? 22  ASP A CB  1 
ATOM   43   C CG  . ASP A 1 6   ? 10.684  -12.594 12.027  1.00 29.14  ? 22  ASP A CG  1 
ATOM   44   O OD1 . ASP A 1 6   ? 9.539   -12.153 12.297  1.00 28.03  ? 22  ASP A OD1 1 
ATOM   45   O OD2 . ASP A 1 6   ? 11.586  -12.700 12.883  1.00 37.58  ? 22  ASP A OD2 1 
ATOM   46   N N   . ILE A 1 7   ? 8.212   -11.177 9.510   1.00 14.48  ? 23  ILE A N   1 
ATOM   47   C CA  . ILE A 1 7   ? 7.735   -9.819  9.235   1.00 18.34  ? 23  ILE A CA  1 
ATOM   48   C C   . ILE A 1 7   ? 8.469   -8.788  10.088  1.00 20.51  ? 23  ILE A C   1 
ATOM   49   O O   . ILE A 1 7   ? 8.532   -7.612  9.731   1.00 20.58  ? 23  ILE A O   1 
ATOM   50   C CB  . ILE A 1 7   ? 6.218   -9.674  9.474   1.00 15.73  ? 23  ILE A CB  1 
ATOM   51   C CG1 . ILE A 1 7   ? 5.846   -9.910  10.945  1.00 25.87  ? 23  ILE A CG1 1 
ATOM   52   C CG2 . ILE A 1 7   ? 5.442   -10.617 8.567   1.00 16.55  ? 23  ILE A CG2 1 
ATOM   53   C CD1 . ILE A 1 7   ? 4.362   -9.594  11.236  1.00 22.52  ? 23  ILE A CD1 1 
ATOM   54   N N   . ALA A 1 8   ? 9.032   -9.223  11.210  1.00 18.89  ? 24  ALA A N   1 
ATOM   55   C CA  . ALA A 1 8   ? 9.770   -8.313  12.093  1.00 24.25  ? 24  ALA A CA  1 
ATOM   56   C C   . ALA A 1 8   ? 10.996  -7.746  11.387  1.00 20.36  ? 24  ALA A C   1 
ATOM   57   O O   . ALA A 1 8   ? 11.534  -6.720  11.778  1.00 20.12  ? 24  ALA A O   1 
ATOM   58   C CB  . ALA A 1 8   ? 10.185  -9.027  13.384  1.00 19.19  ? 24  ALA A CB  1 
ATOM   59   N N   . LYS A 1 9   ? 11.455  -8.413  10.341  1.00 18.04  ? 25  LYS A N   1 
ATOM   60   C CA  . LYS A 1 9   ? 12.657  -7.932  9.681   1.00 18.42  ? 25  LYS A CA  1 
ATOM   61   C C   . LYS A 1 9   ? 12.411  -6.668  8.848   1.00 21.96  ? 25  LYS A C   1 
ATOM   62   O O   . LYS A 1 9   ? 13.362  -6.155  8.263   1.00 18.90  ? 25  LYS A O   1 
ATOM   63   C CB  . LYS A 1 9   ? 13.266  -9.040  8.814   1.00 19.66  ? 25  LYS A CB  1 
ATOM   64   C CG  . LYS A 1 9   ? 13.778  -10.247 9.632   1.00 19.66  ? 25  LYS A CG  1 
ATOM   65   C CD  . LYS A 1 9   ? 14.528  -11.232 8.754   1.00 29.26  ? 25  LYS A CD  1 
ATOM   66   C CE  . LYS A 1 9   ? 14.459  -12.637 9.302   1.00 39.90  ? 25  LYS A CE  1 
ATOM   67   N NZ  . LYS A 1 9   ? 14.959  -12.678 10.699  1.00 42.01  ? 25  LYS A NZ  1 
ATOM   68   N N   . VAL A 1 10  ? 11.172  -6.146  8.796   1.00 16.47  ? 26  VAL A N   1 
ATOM   69   C CA  . VAL A 1 10  ? 10.958  -4.829  8.158   1.00 20.14  ? 26  VAL A CA  1 
ATOM   70   C C   . VAL A 1 10  ? 11.707  -3.733  8.889   1.00 17.12  ? 26  VAL A C   1 
ATOM   71   O O   . VAL A 1 10  ? 11.930  -2.656  8.335   1.00 16.37  ? 26  VAL A O   1 
ATOM   72   C CB  . VAL A 1 10  ? 9.479   -4.346  8.112   1.00 24.11  ? 26  VAL A CB  1 
ATOM   73   C CG1 . VAL A 1 10  ? 8.717   -5.045  7.051   1.00 28.06  ? 26  VAL A CG1 1 
ATOM   74   C CG2 . VAL A 1 10  ? 8.816   -4.415  9.485   1.00 15.87  ? 26  VAL A CG2 1 
ATOM   75   N N   . ALA A 1 11  ? 12.061  -4.005  10.145  1.00 20.04  ? 27  ALA A N   1 
ATOM   76   C CA  . ALA A 1 11  ? 12.851  -3.071  10.955  1.00 20.63  ? 27  ALA A CA  1 
ATOM   77   C C   . ALA A 1 11  ? 14.149  -2.747  10.237  1.00 23.73  ? 27  ALA A C   1 
ATOM   78   O O   . ALA A 1 11  ? 14.666  -1.650  10.359  1.00 22.64  ? 27  ALA A O   1 
ATOM   79   C CB  . ALA A 1 11  ? 13.131  -3.655  12.344  1.00 19.72  ? 27  ALA A CB  1 
ATOM   80   N N   . GLN A 1 12  ? 14.653  -3.696  9.455   1.00 20.15  ? 28  GLN A N   1 
ATOM   81   C CA  . GLN A 1 12  ? 15.877  -3.483  8.685   1.00 18.48  ? 28  GLN A CA  1 
ATOM   82   C C   . GLN A 1 12  ? 15.823  -2.254  7.772   1.00 23.25  ? 28  GLN A C   1 
ATOM   83   O O   . GLN A 1 12  ? 16.845  -1.606  7.517   1.00 21.50  ? 28  GLN A O   1 
ATOM   84   C CB  . GLN A 1 12  ? 16.166  -4.722  7.844   1.00 26.05  ? 28  GLN A CB  1 
ATOM   85   C CG  . GLN A 1 12  ? 17.556  -5.239  7.932   1.00 17.88  ? 28  GLN A CG  1 
ATOM   86   C CD  . GLN A 1 12  ? 17.728  -6.503  7.113   1.00 20.20  ? 28  GLN A CD  1 
ATOM   87   O OE1 . GLN A 1 12  ? 17.568  -7.611  7.612   1.00 21.26  ? 28  GLN A OE1 1 
ATOM   88   N NE2 . GLN A 1 12  ? 18.045  -6.333  5.845   1.00 16.18  ? 28  GLN A NE2 1 
ATOM   89   N N   . LEU A 1 13  ? 14.628  -1.934  7.275   1.00 17.57  ? 29  LEU A N   1 
ATOM   90   C CA  . LEU A 1 13  ? 14.488  -0.863  6.292   1.00 16.57  ? 29  LEU A CA  1 
ATOM   91   C C   . LEU A 1 13  ? 14.620  0.539   6.886   1.00 16.62  ? 29  LEU A C   1 
ATOM   92   O O   . LEU A 1 13  ? 14.601  1.526   6.162   1.00 19.24  ? 29  LEU A O   1 
ATOM   93   C CB  . LEU A 1 13  ? 13.150  -1.003  5.554   1.00 20.45  ? 29  LEU A CB  1 
ATOM   94   C CG  . LEU A 1 13  ? 13.271  -1.834  4.258   1.00 21.64  ? 29  LEU A CG  1 
ATOM   95   C CD1 . LEU A 1 13  ? 13.695  -3.277  4.528   1.00 19.80  ? 29  LEU A CD1 1 
ATOM   96   C CD2 . LEU A 1 13  ? 12.006  -1.791  3.437   1.00 26.96  ? 29  LEU A CD2 1 
ATOM   97   N N   . LYS A 1 14  ? 14.751  0.625   8.197   1.00 19.47  ? 30  LYS A N   1 
ATOM   98   C CA  . LYS A 1 14  ? 15.098  1.893   8.834   1.00 23.94  ? 30  LYS A CA  1 
ATOM   99   C C   . LYS A 1 14  ? 16.353  2.463   8.213   1.00 28.79  ? 30  LYS A C   1 
ATOM   100  O O   . LYS A 1 14  ? 16.457  3.653   7.947   1.00 31.42  ? 30  LYS A O   1 
ATOM   101  C CB  . LYS A 1 14  ? 15.324  1.701   10.321  1.00 22.45  ? 30  LYS A CB  1 
ATOM   102  C CG  . LYS A 1 14  ? 14.069  1.526   11.110  1.00 33.48  ? 30  LYS A CG  1 
ATOM   103  C CD  . LYS A 1 14  ? 14.404  1.415   12.588  1.00 45.84  ? 30  LYS A CD  1 
ATOM   104  C CE  . LYS A 1 14  ? 15.010  0.055   12.917  1.00 36.42  ? 30  LYS A CE  1 
ATOM   105  N NZ  . LYS A 1 14  ? 15.076  -0.216  14.384  1.00 51.08  ? 30  LYS A NZ  1 
ATOM   106  N N   . SER A 1 15  ? 17.308  1.581   7.962   1.00 28.07  ? 31  SER A N   1 
ATOM   107  C CA  . SER A 1 15  ? 18.601  1.978   7.434   1.00 27.84  ? 31  SER A CA  1 
ATOM   108  C C   . SER A 1 15  ? 18.525  2.326   5.949   1.00 30.99  ? 31  SER A C   1 
ATOM   109  O O   . SER A 1 15  ? 19.522  2.677   5.328   1.00 34.74  ? 31  SER A O   1 
ATOM   110  C CB  . SER A 1 15  ? 19.615  0.864   7.689   1.00 30.20  ? 31  SER A CB  1 
ATOM   111  O OG  . SER A 1 15  ? 19.681  0.573   9.082   1.00 31.78  ? 31  SER A OG  1 
ATOM   112  N N   . SER A 1 16  ? 17.332  2.256   5.383   1.00 28.44  ? 32  SER A N   1 
ATOM   113  C CA  . SER A 1 16  ? 17.153  2.607   3.987   1.00 19.05  ? 32  SER A CA  1 
ATOM   114  C C   . SER A 1 16  ? 16.875  4.111   3.819   1.00 33.41  ? 32  SER A C   1 
ATOM   115  O O   . SER A 1 16  ? 16.783  4.603   2.700   1.00 29.50  ? 32  SER A O   1 
ATOM   116  C CB  . SER A 1 16  ? 16.015  1.768   3.390   1.00 34.58  ? 32  SER A CB  1 
ATOM   117  O OG  . SER A 1 16  ? 15.872  1.967   1.997   1.00 48.97  ? 32  SER A OG  1 
ATOM   118  N N   . PHE A 1 17  ? 16.742  4.832   4.932   1.00 21.39  ? 33  PHE A N   1 
ATOM   119  C CA  . PHE A 1 17  ? 16.403  6.268   4.897   1.00 28.83  ? 33  PHE A CA  1 
ATOM   120  C C   . PHE A 1 17  ? 17.498  7.129   5.538   1.00 36.27  ? 33  PHE A C   1 
ATOM   121  O O   . PHE A 1 17  ? 17.978  6.819   6.634   1.00 33.52  ? 33  PHE A O   1 
ATOM   122  C CB  . PHE A 1 17  ? 15.070  6.533   5.610   1.00 23.85  ? 33  PHE A CB  1 
ATOM   123  C CG  . PHE A 1 17  ? 13.922  5.752   5.051   1.00 20.76  ? 33  PHE A CG  1 
ATOM   124  C CD1 . PHE A 1 17  ? 13.539  4.551   5.630   1.00 22.26  ? 33  PHE A CD1 1 
ATOM   125  C CD2 . PHE A 1 17  ? 13.242  6.208   3.934   1.00 24.00  ? 33  PHE A CD2 1 
ATOM   126  C CE1 . PHE A 1 17  ? 12.471  3.818   5.115   1.00 21.02  ? 33  PHE A CE1 1 
ATOM   127  C CE2 . PHE A 1 17  ? 12.175  5.479   3.409   1.00 24.43  ? 33  PHE A CE2 1 
ATOM   128  C CZ  . PHE A 1 17  ? 11.805  4.279   3.996   1.00 19.36  ? 33  PHE A CZ  1 
ATOM   129  N N   . GLY A 1 18  ? 17.883  8.212   4.869   1.00 32.86  ? 34  GLY A N   1 
ATOM   130  C CA  . GLY A 1 18  ? 18.932  9.080   5.393   1.00 32.10  ? 34  GLY A CA  1 
ATOM   131  C C   . GLY A 1 18  ? 18.486  9.942   6.562   1.00 35.60  ? 34  GLY A C   1 
ATOM   132  O O   . GLY A 1 18  ? 17.358  9.819   7.046   1.00 26.06  ? 34  GLY A O   1 
ATOM   133  N N   . PRO A 1 19  ? 19.371  10.842  7.026   1.00 35.16  ? 35  PRO A N   1 
ATOM   134  C CA  . PRO A 1 19  ? 19.075  11.693  8.185   1.00 29.48  ? 35  PRO A CA  1 
ATOM   135  C C   . PRO A 1 19  ? 17.988  12.742  7.898   1.00 20.65  ? 35  PRO A C   1 
ATOM   136  O O   . PRO A 1 19  ? 17.445  13.317  8.842   1.00 26.15  ? 35  PRO A O   1 
ATOM   137  C CB  . PRO A 1 19  ? 20.420  12.365  8.473   1.00 32.51  ? 35  PRO A CB  1 
ATOM   138  C CG  . PRO A 1 19  ? 21.091  12.411  7.150   1.00 33.95  ? 35  PRO A CG  1 
ATOM   139  C CD  . PRO A 1 19  ? 20.670  11.166  6.415   1.00 24.02  ? 35  PRO A CD  1 
ATOM   140  N N   . GLU A 1 20  ? 17.659  12.970  6.628   1.00 19.74  ? 36  GLU A N   1 
ATOM   141  C CA  . GLU A 1 20  ? 16.565  13.883  6.291   1.00 25.66  ? 36  GLU A CA  1 
ATOM   142  C C   . GLU A 1 20  ? 15.199  13.236  6.534   1.00 26.37  ? 36  GLU A C   1 
ATOM   143  O O   . GLU A 1 20  ? 14.156  13.872  6.388   1.00 21.22  ? 36  GLU A O   1 
ATOM   144  C CB  . GLU A 1 20  ? 16.672  14.354  4.834   1.00 27.18  ? 36  GLU A CB  1 
ATOM   145  C CG  . GLU A 1 20  ? 16.262  13.334  3.788   1.00 35.19  ? 36  GLU A CG  1 
ATOM   146  C CD  . GLU A 1 20  ? 17.441  12.546  3.227   1.00 42.31  ? 36  GLU A CD  1 
ATOM   147  O OE1 . GLU A 1 20  ? 18.303  12.098  4.018   1.00 35.83  ? 36  GLU A OE1 1 
ATOM   148  O OE2 . GLU A 1 20  ? 17.501  12.374  1.987   1.00 53.82  ? 36  GLU A OE2 1 
ATOM   149  N N   . PHE A 1 21  ? 15.197  11.968  6.920   1.00 19.38  ? 37  PHE A N   1 
ATOM   150  C CA  . PHE A 1 21  ? 13.940  11.294  7.193   1.00 17.83  ? 37  PHE A CA  1 
ATOM   151  C C   . PHE A 1 21  ? 13.745  11.080  8.665   1.00 21.54  ? 37  PHE A C   1 
ATOM   152  O O   . PHE A 1 21  ? 14.685  10.742  9.389   1.00 21.28  ? 37  PHE A O   1 
ATOM   153  C CB  . PHE A 1 21  ? 13.871  9.943   6.476   1.00 21.92  ? 37  PHE A CB  1 
ATOM   154  C CG  . PHE A 1 21  ? 13.553  10.053  5.031   1.00 23.35  ? 37  PHE A CG  1 
ATOM   155  C CD1 . PHE A 1 21  ? 12.230  10.010  4.595   1.00 14.51  ? 37  PHE A CD1 1 
ATOM   156  C CD2 . PHE A 1 21  ? 14.570  10.199  4.096   1.00 27.88  ? 37  PHE A CD2 1 
ATOM   157  C CE1 . PHE A 1 21  ? 11.937  10.122  3.249   1.00 21.64  ? 37  PHE A CE1 1 
ATOM   158  C CE2 . PHE A 1 21  ? 14.281  10.307  2.747   1.00 25.23  ? 37  PHE A CE2 1 
ATOM   159  C CZ  . PHE A 1 21  ? 12.971  10.270  2.324   1.00 24.84  ? 37  PHE A CZ  1 
ATOM   160  N N   . LYS A 1 22  ? 12.508  11.262  9.103   1.00 13.26  ? 38  LYS A N   1 
ATOM   161  C CA  . LYS A 1 22  ? 12.131  10.842  10.428  1.00 16.80  ? 38  LYS A CA  1 
ATOM   162  C C   . LYS A 1 22  ? 11.500  9.461   10.341  1.00 19.51  ? 38  LYS A C   1 
ATOM   163  O O   . LYS A 1 22  ? 10.490  9.277   9.666   1.00 21.26  ? 38  LYS A O   1 
ATOM   164  C CB  . LYS A 1 22  ? 11.154  11.827  11.061  1.00 18.21  ? 38  LYS A CB  1 
ATOM   165  C CG  . LYS A 1 22  ? 10.854  11.445  12.480  1.00 19.88  ? 38  LYS A CG  1 
ATOM   166  C CD  . LYS A 1 22  ? 9.851   12.366  13.080  1.00 22.31  ? 38  LYS A CD  1 
ATOM   167  C CE  . LYS A 1 22  ? 9.636   12.031  14.514  1.00 16.84  ? 38  LYS A CE  1 
ATOM   168  N NZ  . LYS A 1 22  ? 8.399   12.687  14.984  1.00 25.12  ? 38  LYS A NZ  1 
ATOM   169  N N   . VAL A 1 23  ? 12.089  8.495   11.032  1.00 18.72  ? 39  VAL A N   1 
ATOM   170  C CA  . VAL A 1 23  ? 11.649  7.101   10.918  1.00 15.88  ? 39  VAL A CA  1 
ATOM   171  C C   . VAL A 1 23  ? 10.922  6.642   12.175  1.00 19.21  ? 39  VAL A C   1 
ATOM   172  O O   . VAL A 1 23  ? 11.298  7.010   13.282  1.00 23.29  ? 39  VAL A O   1 
ATOM   173  C CB  . VAL A 1 23  ? 12.852  6.178   10.641  1.00 23.26  ? 39  VAL A CB  1 
ATOM   174  C CG1 . VAL A 1 23  ? 12.472  4.710   10.770  1.00 25.24  ? 39  VAL A CG1 1 
ATOM   175  C CG2 . VAL A 1 23  ? 13.421  6.474   9.265   1.00 20.27  ? 39  VAL A CG2 1 
ATOM   176  N N   . SER A 1 24  ? 9.873   5.848   11.997  1.00 17.76  ? 40  SER A N   1 
ATOM   177  C CA  . SER A 1 24  ? 9.173   5.212   13.110  1.00 19.18  ? 40  SER A CA  1 
ATOM   178  C C   . SER A 1 24  ? 8.895   3.747   12.780  1.00 24.89  ? 40  SER A C   1 
ATOM   179  O O   . SER A 1 24  ? 9.076   3.312   11.639  1.00 19.31  ? 40  SER A O   1 
ATOM   180  C CB  . SER A 1 24  ? 7.861   5.933   13.413  1.00 20.23  ? 40  SER A CB  1 
ATOM   181  O OG  . SER A 1 24  ? 7.025   5.951   12.264  1.00 26.13  ? 40  SER A OG  1 
ATOM   182  N N   . GLU A 1 25  ? 8.440   2.996   13.780  1.00 21.47  ? 41  GLU A N   1 
ATOM   183  C CA  . GLU A 1 25  ? 8.214   1.571   13.618  1.00 27.77  ? 41  GLU A CA  1 
ATOM   184  C C   . GLU A 1 25  ? 6.963   1.131   14.337  1.00 29.69  ? 41  GLU A C   1 
ATOM   185  O O   . GLU A 1 25  ? 6.552   1.747   15.325  1.00 28.26  ? 41  GLU A O   1 
ATOM   186  C CB  . GLU A 1 25  ? 9.403   0.771   14.153  1.00 31.56  ? 41  GLU A CB  1 
ATOM   187  C CG  . GLU A 1 25  ? 10.744  1.169   13.591  1.00 34.92  ? 41  GLU A CG  1 
ATOM   188  C CD  . GLU A 1 25  ? 11.876  0.521   14.342  1.00 46.36  ? 41  GLU A CD  1 
ATOM   189  O OE1 . GLU A 1 25  ? 12.133  -0.672  14.092  1.00 51.47  ? 41  GLU A OE1 1 
ATOM   190  O OE2 . GLU A 1 25  ? 12.513  1.200   15.178  1.00 54.14  ? 41  GLU A OE2 1 
ATOM   191  N N   . VAL A 1 26  ? 6.360   0.063   13.825  1.00 25.32  ? 42  VAL A N   1 
ATOM   192  C CA  . VAL A 1 26  ? 5.318   -0.664  14.533  1.00 22.72  ? 42  VAL A CA  1 
ATOM   193  C C   . VAL A 1 26  ? 5.850   -2.077  14.739  1.00 25.30  ? 42  VAL A C   1 
ATOM   194  O O   . VAL A 1 26  ? 6.121   -2.789  13.772  1.00 23.42  ? 42  VAL A O   1 
ATOM   195  C CB  . VAL A 1 26  ? 3.980   -0.705  13.759  1.00 26.62  ? 42  VAL A CB  1 
ATOM   196  C CG1 . VAL A 1 26  ? 2.961   -1.608  14.476  1.00 20.59  ? 42  VAL A CG1 1 
ATOM   197  C CG2 . VAL A 1 26  ? 3.420   0.685   13.554  1.00 19.60  ? 42  VAL A CG2 1 
ATOM   198  N N   . ALA A 1 27  ? 6.041   -2.463  15.996  1.00 20.03  ? 43  ALA A N   1 
ATOM   199  C CA  . ALA A 1 27  ? 6.491   -3.809  16.332  1.00 21.86  ? 43  ALA A CA  1 
ATOM   200  C C   . ALA A 1 27  ? 5.412   -4.819  15.978  1.00 17.97  ? 43  ALA A C   1 
ATOM   201  O O   . ALA A 1 27  ? 4.243   -4.459  15.866  1.00 22.87  ? 43  ALA A O   1 
ATOM   202  C CB  . ALA A 1 27  ? 6.840   -3.894  17.813  1.00 32.57  ? 43  ALA A CB  1 
ATOM   203  N N   . PRO A 1 28  ? 5.799   -6.091  15.779  1.00 22.76  ? 44  PRO A N   1 
ATOM   204  C CA  . PRO A 1 28  ? 4.807   -7.103  15.404  1.00 23.07  ? 44  PRO A CA  1 
ATOM   205  C C   . PRO A 1 28  ? 3.631   -7.185  16.374  1.00 27.20  ? 44  PRO A C   1 
ATOM   206  O O   . PRO A 1 28  ? 3.816   -7.225  17.587  1.00 31.44  ? 44  PRO A O   1 
ATOM   207  C CB  . PRO A 1 28  ? 5.617   -8.395  15.406  1.00 25.88  ? 44  PRO A CB  1 
ATOM   208  C CG  . PRO A 1 28  ? 6.987   -7.945  15.020  1.00 26.62  ? 44  PRO A CG  1 
ATOM   209  C CD  . PRO A 1 28  ? 7.174   -6.613  15.693  1.00 20.18  ? 44  PRO A CD  1 
ATOM   210  N N   . THR A 1 29  ? 2.429   -7.177  15.815  1.00 27.46  ? 45  THR A N   1 
ATOM   211  C CA  . THR A 1 29  ? 1.195   -7.176  16.587  1.00 28.26  ? 45  THR A CA  1 
ATOM   212  C C   . THR A 1 29  ? 0.086   -7.733  15.706  1.00 34.43  ? 45  THR A C   1 
ATOM   213  O O   . THR A 1 29  ? 0.215   -7.721  14.478  1.00 29.28  ? 45  THR A O   1 
ATOM   214  C CB  . THR A 1 29  ? 0.833   -5.753  17.070  1.00 35.51  ? 45  THR A CB  1 
ATOM   215  O OG1 . THR A 1 29  ? -0.524  -5.728  17.521  1.00 44.30  ? 45  THR A OG1 1 
ATOM   216  C CG2 . THR A 1 29  ? 0.969   -4.761  15.935  1.00 29.16  ? 45  THR A CG2 1 
ATOM   217  N N   . GLY A 1 30  ? -0.996  -8.219  16.316  1.00 35.76  ? 46  GLY A N   1 
ATOM   218  C CA  . GLY A 1 30  ? -2.135  -8.741  15.569  1.00 32.03  ? 46  GLY A CA  1 
ATOM   219  C C   . GLY A 1 30  ? -2.601  -7.814  14.451  1.00 34.41  ? 46  GLY A C   1 
ATOM   220  O O   . GLY A 1 30  ? -2.475  -6.597  14.562  1.00 33.36  ? 46  GLY A O   1 
ATOM   221  N N   . ILE A 1 31  ? -3.127  -8.377  13.365  1.00 31.41  ? 47  ILE A N   1 
ATOM   222  C CA  . ILE A 1 31  ? -3.514  -7.557  12.224  1.00 39.92  ? 47  ILE A CA  1 
ATOM   223  C C   . ILE A 1 31  ? -4.734  -6.703  12.525  1.00 45.49  ? 47  ILE A C   1 
ATOM   224  O O   . ILE A 1 31  ? -5.590  -7.076  13.318  1.00 38.22  ? 47  ILE A O   1 
ATOM   225  C CB  . ILE A 1 31  ? -3.850  -8.389  10.962  1.00 34.06  ? 47  ILE A CB  1 
ATOM   226  C CG1 . ILE A 1 31  ? -4.915  -9.433  11.284  1.00 42.04  ? 47  ILE A CG1 1 
ATOM   227  C CG2 . ILE A 1 31  ? -2.612  -9.012  10.350  1.00 37.53  ? 47  ILE A CG2 1 
ATOM   228  C CD1 . ILE A 1 31  ? -5.703  -9.870  10.065  1.00 51.82  ? 47  ILE A CD1 1 
ATOM   229  N N   . ASP A 1 32  ? -4.794  -5.556  11.861  1.00 50.23  ? 48  ASP A N   1 
ATOM   230  C CA  . ASP A 1 32  ? -5.957  -4.681  11.869  1.00 52.80  ? 48  ASP A CA  1 
ATOM   231  C C   . ASP A 1 32  ? -6.263  -4.310  10.423  1.00 47.30  ? 48  ASP A C   1 
ATOM   232  O O   . ASP A 1 32  ? -5.664  -3.380  9.881   1.00 53.50  ? 48  ASP A O   1 
ATOM   233  C CB  . ASP A 1 32  ? -5.701  -3.430  12.724  1.00 46.90  ? 48  ASP A CB  1 
ATOM   234  C CG  . ASP A 1 32  ? -6.822  -2.401  12.617  1.00 55.28  ? 48  ASP A CG  1 
ATOM   235  O OD1 . ASP A 1 32  ? -7.965  -2.774  12.283  1.00 57.28  ? 48  ASP A OD1 1 
ATOM   236  O OD2 . ASP A 1 32  ? -6.555  -1.209  12.872  1.00 69.18  ? 48  ASP A OD2 1 
ATOM   237  N N   . PRO A 1 33  ? -7.177  -5.060  9.785   1.00 47.65  ? 49  PRO A N   1 
ATOM   238  C CA  . PRO A 1 33  ? -7.542  -4.880  8.372   1.00 55.27  ? 49  PRO A CA  1 
ATOM   239  C C   . PRO A 1 33  ? -7.879  -3.441  7.988   1.00 50.64  ? 49  PRO A C   1 
ATOM   240  O O   . PRO A 1 33  ? -7.703  -3.068  6.830   1.00 56.21  ? 49  PRO A O   1 
ATOM   241  C CB  . PRO A 1 33  ? -8.771  -5.780  8.218   1.00 51.93  ? 49  PRO A CB  1 
ATOM   242  C CG  . PRO A 1 33  ? -8.521  -6.887  9.182   1.00 53.90  ? 49  PRO A CG  1 
ATOM   243  C CD  . PRO A 1 33  ? -7.810  -6.259  10.366  1.00 51.89  ? 49  PRO A CD  1 
ATOM   244  N N   . LYS A 1 34  ? -8.347  -2.642  8.940   1.00 59.16  ? 50  LYS A N   1 
ATOM   245  C CA  . LYS A 1 34  ? -8.689  -1.252  8.652   1.00 63.77  ? 50  LYS A CA  1 
ATOM   246  C C   . LYS A 1 34  ? -7.442  -0.394  8.429   1.00 55.16  ? 50  LYS A C   1 
ATOM   247  O O   . LYS A 1 34  ? -7.470  0.565   7.659   1.00 65.73  ? 50  LYS A O   1 
ATOM   248  C CB  . LYS A 1 34  ? -9.539  -0.666  9.780   0.74 65.96  ? 50  LYS A CB  1 
ATOM   249  C CG  . LYS A 1 34  ? -10.894 -1.338  9.947   1.00 73.46  ? 50  LYS A CG  1 
ATOM   250  C CD  . LYS A 1 34  ? -11.711 -0.657  11.030  1.00 76.93  ? 50  LYS A CD  1 
ATOM   251  C CE  . LYS A 1 34  ? -13.095 -1.267  11.150  1.00 77.90  ? 50  LYS A CE  1 
ATOM   252  N NZ  . LYS A 1 34  ? -13.962 -0.479  12.075  1.00 79.27  ? 50  LYS A NZ  1 
ATOM   253  N N   . LEU A 1 35  ? -6.352  -0.743  9.104   1.00 45.55  ? 51  LEU A N   1 
ATOM   254  C CA  . LEU A 1 35  ? -5.091  -0.020  8.957   1.00 56.14  ? 51  LEU A CA  1 
ATOM   255  C C   . LEU A 1 35  ? -4.408  -0.413  7.651   1.00 55.50  ? 51  LEU A C   1 
ATOM   256  O O   . LEU A 1 35  ? -3.598  0.338   7.098   1.00 53.22  ? 51  LEU A O   1 
ATOM   257  C CB  . LEU A 1 35  ? -4.172  -0.307  10.152  1.00 52.09  ? 51  LEU A CB  1 
ATOM   258  C CG  . LEU A 1 35  ? -3.018  0.645   10.498  0.68 65.43  ? 51  LEU A CG  1 
ATOM   259  C CD1 . LEU A 1 35  ? -2.642  0.474   11.961  0.97 64.01  ? 51  LEU A CD1 1 
ATOM   260  C CD2 . LEU A 1 35  ? -1.791  0.425   9.622   0.68 63.90  ? 51  LEU A CD2 1 
ATOM   261  N N   . LEU A 1 36  ? -4.753  -1.595  7.153   1.00 52.95  ? 52  LEU A N   1 
ATOM   262  C CA  . LEU A 1 36  ? -4.055  -2.176  6.015   1.00 47.74  ? 52  LEU A CA  1 
ATOM   263  C C   . LEU A 1 36  ? -4.671  -1.780  4.675   1.00 46.19  ? 52  LEU A C   1 
ATOM   264  O O   . LEU A 1 36  ? -3.950  -1.478  3.724   1.00 41.32  ? 52  LEU A O   1 
ATOM   265  C CB  . LEU A 1 36  ? -4.024  -3.695  6.159   1.00 38.20  ? 52  LEU A CB  1 
ATOM   266  C CG  . LEU A 1 36  ? -3.145  -4.181  7.313   1.00 38.76  ? 52  LEU A CG  1 
ATOM   267  C CD1 . LEU A 1 36  ? -3.311  -5.674  7.571   1.00 30.95  ? 52  LEU A CD1 1 
ATOM   268  C CD2 . LEU A 1 36  ? -1.677  -3.849  7.044   1.00 40.41  ? 52  LEU A CD2 1 
ATOM   269  N N   . SER A 1 37  ? -5.999  -1.783  4.615   1.00 45.12  ? 53  SER A N   1 
ATOM   270  C CA  . SER A 1 37  ? -6.731  -1.452  3.394   1.00 43.79  ? 53  SER A CA  1 
ATOM   271  C C   . SER A 1 37  ? -6.795  0.058   3.174   1.00 45.67  ? 53  SER A C   1 
ATOM   272  O O   . SER A 1 37  ? -6.743  0.824   4.137   1.00 42.74  ? 53  SER A O   1 
ATOM   273  C CB  . SER A 1 37  ? -8.151  -2.023  3.459   1.00 48.03  ? 53  SER A CB  1 
ATOM   274  O OG  . SER A 1 37  ? -8.156  -3.345  3.965   1.00 53.56  ? 53  SER A OG  1 
ATOM   275  N N   . PRO A 1 38  ? -6.916  0.493   1.906   1.00 45.73  ? 54  PRO A N   1 
ATOM   276  C CA  . PRO A 1 38  ? -7.139  1.918   1.641   1.00 36.33  ? 54  PRO A CA  1 
ATOM   277  C C   . PRO A 1 38  ? -8.412  2.380   2.344   1.00 39.82  ? 54  PRO A C   1 
ATOM   278  O O   . PRO A 1 38  ? -9.274  1.546   2.601   1.00 34.37  ? 54  PRO A O   1 
ATOM   279  C CB  . PRO A 1 38  ? -7.293  1.979   0.115   1.00 35.64  ? 54  PRO A CB  1 
ATOM   280  C CG  . PRO A 1 38  ? -6.567  0.764   -0.384  1.00 34.55  ? 54  PRO A CG  1 
ATOM   281  C CD  . PRO A 1 38  ? -6.817  -0.291  0.661   1.00 38.82  ? 54  PRO A CD  1 
ATOM   282  N N   . GLN A 1 39  ? -8.527  3.663   2.670   1.00 36.58  ? 55  GLN A N   1 
ATOM   283  C CA  . GLN A 1 39  ? -9.700  4.119   3.402   1.00 35.92  ? 55  GLN A CA  1 
ATOM   284  C C   . GLN A 1 39  ? -10.960 3.891   2.565   1.00 34.69  ? 55  GLN A C   1 
ATOM   285  O O   . GLN A 1 39  ? -10.943 4.014   1.342   1.00 30.02  ? 55  GLN A O   1 
ATOM   286  C CB  . GLN A 1 39  ? -9.560  5.589   3.810   1.00 38.14  ? 55  GLN A CB  1 
ATOM   287  C CG  . GLN A 1 39  ? -9.682  6.607   2.689   1.00 56.58  ? 55  GLN A CG  1 
ATOM   288  C CD  . GLN A 1 39  ? -9.495  8.034   3.188   1.00 61.48  ? 55  GLN A CD  1 
ATOM   289  O OE1 . GLN A 1 39  ? -9.079  8.252   4.328   1.00 68.14  ? 55  GLN A OE1 1 
ATOM   290  N NE2 . GLN A 1 39  ? -9.801  9.011   2.335   1.00 68.01  ? 55  GLN A NE2 1 
ATOM   291  N N   . LYS A 1 40  ? -12.034 3.515   3.247   1.00 34.99  ? 56  LYS A N   1 
ATOM   292  C CA  . LYS A 1 40  ? -13.304 3.172   2.623   1.00 34.35  ? 56  LYS A CA  1 
ATOM   293  C C   . LYS A 1 40  ? -13.863 4.322   1.786   1.00 29.80  ? 56  LYS A C   1 
ATOM   294  O O   . LYS A 1 40  ? -13.828 5.471   2.208   1.00 36.27  ? 56  LYS A O   1 
ATOM   295  C CB  . LYS A 1 40  ? -14.299 2.770   3.711   1.00 42.00  ? 56  LYS A CB  1 
ATOM   296  C CG  . LYS A 1 40  ? -15.507 1.983   3.239   1.00 53.66  ? 56  LYS A CG  1 
ATOM   297  C CD  . LYS A 1 40  ? -16.250 1.419   4.440   1.00 58.60  ? 56  LYS A CD  1 
ATOM   298  C CE  . LYS A 1 40  ? -17.603 0.843   4.060   1.00 71.04  ? 56  LYS A CE  1 
ATOM   299  N NZ  . LYS A 1 40  ? -18.242 0.161   5.226   1.00 56.21  ? 56  LYS A NZ  1 
ATOM   300  N N   . LEU A 1 41  ? -14.357 4.016   0.593   1.00 33.22  ? 57  LEU A N   1 
ATOM   301  C CA  . LEU A 1 41  ? -14.981 5.038   -0.241  1.00 37.77  ? 57  LEU A CA  1 
ATOM   302  C C   . LEU A 1 41  ? -16.368 5.370   0.308   1.00 45.70  ? 57  LEU A C   1 
ATOM   303  O O   . LEU A 1 41  ? -17.019 4.512   0.905   1.00 43.26  ? 57  LEU A O   1 
ATOM   304  C CB  . LEU A 1 41  ? -15.080 4.573   -1.697  1.00 41.69  ? 57  LEU A CB  1 
ATOM   305  C CG  . LEU A 1 41  ? -13.763 4.347   -2.449  1.00 47.52  ? 57  LEU A CG  1 
ATOM   306  C CD1 . LEU A 1 41  ? -14.030 4.090   -3.926  1.00 38.66  ? 57  LEU A CD1 1 
ATOM   307  C CD2 . LEU A 1 41  ? -12.808 5.520   -2.275  1.00 33.07  ? 57  LEU A CD2 1 
ATOM   308  N N   . PRO A 1 42  ? -16.832 6.615   0.105   1.00 41.68  ? 58  PRO A N   1 
ATOM   309  C CA  . PRO A 1 42  ? -18.141 6.988   0.657   1.00 45.25  ? 58  PRO A CA  1 
ATOM   310  C C   . PRO A 1 42  ? -19.273 6.271   -0.068  1.00 39.14  ? 58  PRO A C   1 
ATOM   311  O O   . PRO A 1 42  ? -19.092 5.850   -1.209  1.00 42.95  ? 58  PRO A O   1 
ATOM   312  C CB  . PRO A 1 42  ? -18.206 8.501   0.430   1.00 37.53  ? 58  PRO A CB  1 
ATOM   313  C CG  . PRO A 1 42  ? -16.794 8.918   0.081   1.00 40.60  ? 58  PRO A CG  1 
ATOM   314  C CD  . PRO A 1 42  ? -16.195 7.737   -0.601  1.00 36.14  ? 58  PRO A CD  1 
ATOM   315  N N   . GLU A 1 43  ? -20.419 6.114   0.582   1.00 45.37  ? 59  GLU A N   1 
ATOM   316  C CA  . GLU A 1 43  ? -21.545 5.434   -0.057  1.00 52.81  ? 59  GLU A CA  1 
ATOM   317  C C   . GLU A 1 43  ? -22.201 6.301   -1.137  1.00 51.02  ? 59  GLU A C   1 
ATOM   318  O O   . GLU A 1 43  ? -22.079 7.530   -1.132  1.00 51.34  ? 59  GLU A O   1 
ATOM   319  C CB  . GLU A 1 43  ? -22.586 5.027   0.984   0.70 57.88  ? 59  GLU A CB  1 
ATOM   320  C CG  . GLU A 1 43  ? -22.244 3.764   1.744   1.00 55.56  ? 59  GLU A CG  1 
ATOM   321  C CD  . GLU A 1 43  ? -23.271 3.440   2.809   0.88 65.79  ? 59  GLU A CD  1 
ATOM   322  O OE1 . GLU A 1 43  ? -23.650 4.357   3.568   0.47 70.93  ? 59  GLU A OE1 1 
ATOM   323  O OE2 . GLU A 1 43  ? -23.708 2.274   2.882   1.00 63.50  ? 59  GLU A OE2 1 
ATOM   324  N N   . GLY A 1 44  ? -22.889 5.655   -2.072  1.00 42.92  ? 60  GLY A N   1 
ATOM   325  C CA  . GLY A 1 44  ? -23.626 6.382   -3.091  1.00 52.48  ? 60  GLY A CA  1 
ATOM   326  C C   . GLY A 1 44  ? -22.787 6.931   -4.232  1.00 53.35  ? 60  GLY A C   1 
ATOM   327  O O   . GLY A 1 44  ? -23.323 7.513   -5.182  1.00 45.13  ? 60  GLY A O   1 
ATOM   328  N N   . VAL A 1 45  ? -21.472 6.756   -4.148  1.00 51.14  ? 61  VAL A N   1 
ATOM   329  C CA  . VAL A 1 45  ? -20.604 7.155   -5.245  1.00 42.86  ? 61  VAL A CA  1 
ATOM   330  C C   . VAL A 1 45  ? -20.810 6.194   -6.411  1.00 31.96  ? 61  VAL A C   1 
ATOM   331  O O   . VAL A 1 45  ? -21.091 5.004   -6.220  1.00 37.30  ? 61  VAL A O   1 
ATOM   332  C CB  . VAL A 1 45  ? -19.114 7.180   -4.838  1.00 47.56  ? 61  VAL A CB  1 
ATOM   333  C CG1 . VAL A 1 45  ? -18.879 8.187   -3.708  1.00 34.90  ? 61  VAL A CG1 1 
ATOM   334  C CG2 . VAL A 1 45  ? -18.651 5.798   -4.437  1.00 38.83  ? 61  VAL A CG2 1 
ATOM   335  N N   . LYS A 1 46  ? -20.693 6.720   -7.621  1.00 31.61  ? 62  LYS A N   1 
ATOM   336  C CA  . LYS A 1 46  ? -20.947 5.931   -8.816  1.00 38.81  ? 62  LYS A CA  1 
ATOM   337  C C   . LYS A 1 46  ? -19.625 5.653   -9.534  1.00 33.64  ? 62  LYS A C   1 
ATOM   338  O O   . LYS A 1 46  ? -18.733 6.497   -9.533  1.00 30.15  ? 62  LYS A O   1 
ATOM   339  C CB  . LYS A 1 46  ? -21.945 6.656   -9.729  1.00 34.62  ? 62  LYS A CB  1 
ATOM   340  C CG  . LYS A 1 46  ? -21.913 6.173   -11.166 1.00 49.12  ? 62  LYS A CG  1 
ATOM   341  C CD  . LYS A 1 46  ? -23.061 6.695   -12.009 1.00 56.95  ? 62  LYS A CD  1 
ATOM   342  C CE  . LYS A 1 46  ? -22.869 6.241   -13.455 1.00 70.32  ? 62  LYS A CE  1 
ATOM   343  N NZ  . LYS A 1 46  ? -22.185 4.897   -13.535 1.00 52.67  ? 62  LYS A NZ  1 
ATOM   344  N N   . PHE A 1 47  ? -19.496 4.474   -10.136 1.00 33.10  ? 63  PHE A N   1 
ATOM   345  C CA  . PHE A 1 47  ? -18.221 4.045   -10.710 1.00 32.09  ? 63  PHE A CA  1 
ATOM   346  C C   . PHE A 1 47  ? -18.219 3.967   -12.228 1.00 34.15  ? 63  PHE A C   1 
ATOM   347  O O   . PHE A 1 47  ? -19.236 3.680   -12.850 1.00 33.04  ? 63  PHE A O   1 
ATOM   348  C CB  . PHE A 1 47  ? -17.824 2.678   -10.147 1.00 21.99  ? 63  PHE A CB  1 
ATOM   349  C CG  . PHE A 1 47  ? -17.565 2.687   -8.675  1.00 29.87  ? 63  PHE A CG  1 
ATOM   350  C CD1 . PHE A 1 47  ? -16.376 3.194   -8.171  1.00 36.23  ? 63  PHE A CD1 1 
ATOM   351  C CD2 . PHE A 1 47  ? -18.498 2.192   -7.792  1.00 37.55  ? 63  PHE A CD2 1 
ATOM   352  C CE1 . PHE A 1 47  ? -16.132 3.212   -6.817  1.00 27.04  ? 63  PHE A CE1 1 
ATOM   353  C CE2 . PHE A 1 47  ? -18.255 2.199   -6.437  1.00 35.15  ? 63  PHE A CE2 1 
ATOM   354  C CZ  . PHE A 1 47  ? -17.069 2.711   -5.948  1.00 38.42  ? 63  PHE A CZ  1 
ATOM   355  N N   . GLU A 1 48  ? -17.053 4.206   -12.813 1.00 23.71  ? 64  GLU A N   1 
ATOM   356  C CA  . GLU A 1 48  ? -16.860 4.102   -14.246 1.00 29.31  ? 64  GLU A CA  1 
ATOM   357  C C   . GLU A 1 48  ? -15.452 3.596   -14.533 1.00 38.04  ? 64  GLU A C   1 
ATOM   358  O O   . GLU A 1 48  ? -14.483 4.239   -14.149 1.00 32.16  ? 64  GLU A O   1 
ATOM   359  C CB  . GLU A 1 48  ? -17.078 5.453   -14.921 1.00 37.33  ? 64  GLU A CB  1 
ATOM   360  C CG  . GLU A 1 48  ? -16.716 5.476   -16.401 1.00 42.37  ? 64  GLU A CG  1 
ATOM   361  C CD  . GLU A 1 48  ? -16.894 6.855   -17.022 1.00 67.52  ? 64  GLU A CD  1 
ATOM   362  O OE1 . GLU A 1 48  ? -15.986 7.700   -16.856 1.00 66.77  ? 64  GLU A OE1 1 
ATOM   363  O OE2 . GLU A 1 48  ? -17.942 7.095   -17.664 1.00 70.49  ? 64  GLU A OE2 1 
ATOM   364  N N   . PRO A 1 49  ? -15.328 2.431   -15.185 1.00 32.94  ? 65  PRO A N   1 
ATOM   365  C CA  . PRO A 1 49  ? -16.391 1.498   -15.568 1.00 33.02  ? 65  PRO A CA  1 
ATOM   366  C C   . PRO A 1 49  ? -17.107 0.906   -14.359 1.00 35.86  ? 65  PRO A C   1 
ATOM   367  O O   . PRO A 1 49  ? -16.446 0.511   -13.402 1.00 32.51  ? 65  PRO A O   1 
ATOM   368  C CB  . PRO A 1 49  ? -15.637 0.406   -16.328 1.00 28.24  ? 65  PRO A CB  1 
ATOM   369  C CG  . PRO A 1 49  ? -14.375 1.049   -16.778 1.00 33.50  ? 65  PRO A CG  1 
ATOM   370  C CD  . PRO A 1 49  ? -14.014 2.005   -15.692 1.00 32.17  ? 65  PRO A CD  1 
ATOM   371  N N   . ALA A 1 50  ? -18.437 0.849   -14.414 1.00 36.14  ? 66  ALA A N   1 
ATOM   372  C CA  . ALA A 1 50  ? -19.250 0.374   -13.295 1.00 30.81  ? 66  ALA A CA  1 
ATOM   373  C C   . ALA A 1 50  ? -18.872 -1.033  -12.850 1.00 26.29  ? 66  ALA A C   1 
ATOM   374  O O   . ALA A 1 50  ? -18.963 -1.354  -11.666 1.00 30.15  ? 66  ALA A O   1 
ATOM   375  C CB  . ALA A 1 50  ? -20.725 0.423   -13.662 1.00 44.45  ? 66  ALA A CB  1 
ATOM   376  N N   . ASP A 1 51  ? -18.433 -1.865  -13.790 1.00 31.73  ? 67  ASP A N   1 
ATOM   377  C CA  . ASP A 1 51  ? -18.065 -3.240  -13.457 1.00 40.99  ? 67  ASP A CA  1 
ATOM   378  C C   . ASP A 1 51  ? -16.731 -3.298  -12.712 1.00 35.38  ? 67  ASP A C   1 
ATOM   379  O O   . ASP A 1 51  ? -16.358 -4.334  -12.161 1.00 41.98  ? 67  ASP A O   1 
ATOM   380  C CB  . ASP A 1 51  ? -18.013 -4.111  -14.721 1.00 45.18  ? 67  ASP A CB  1 
ATOM   381  C CG  . ASP A 1 51  ? -17.168 -3.498  -15.834 1.00 58.89  ? 67  ASP A CG  1 
ATOM   382  O OD1 . ASP A 1 51  ? -16.269 -2.683  -15.534 1.00 61.26  ? 67  ASP A OD1 1 
ATOM   383  O OD2 . ASP A 1 51  ? -17.396 -3.841  -17.016 1.00 58.35  ? 67  ASP A OD2 1 
ATOM   384  N N   . CYS A 1 52  ? -16.024 -2.174  -12.690 1.00 31.41  ? 68  CYS A N   1 
ATOM   385  C CA  . CYS A 1 52  ? -14.713 -2.109  -12.059 1.00 29.24  ? 68  CYS A CA  1 
ATOM   386  C C   . CYS A 1 52  ? -14.795 -1.602  -10.626 1.00 30.72  ? 68  CYS A C   1 
ATOM   387  O O   . CYS A 1 52  ? -13.778 -1.247  -10.037 1.00 31.23  ? 68  CYS A O   1 
ATOM   388  C CB  . CYS A 1 52  ? -13.781 -1.214  -12.872 1.00 26.99  ? 68  CYS A CB  1 
ATOM   389  S SG  . CYS A 1 52  ? -13.217 -1.895  -14.453 1.00 39.95  ? 68  CYS A SG  1 
ATOM   390  N N   . ALA A 1 53  ? -15.998 -1.597  -10.058 1.00 25.19  ? 69  ALA A N   1 
ATOM   391  C CA  . ALA A 1 53  ? -16.223 -0.991  -8.750  1.00 26.56  ? 69  ALA A CA  1 
ATOM   392  C C   . ALA A 1 53  ? -15.367 -1.605  -7.634  1.00 32.95  ? 69  ALA A C   1 
ATOM   393  O O   . ALA A 1 53  ? -14.846 -0.891  -6.771  1.00 34.48  ? 69  ALA A O   1 
ATOM   394  C CB  . ALA A 1 53  ? -17.687 -1.083  -8.390  1.00 33.29  ? 69  ALA A CB  1 
ATOM   395  N N   . LYS A 1 54  ? -15.238 -2.927  -7.649  1.00 29.16  ? 70  LYS A N   1 
ATOM   396  C CA  . LYS A 1 54  ? -14.462 -3.638  -6.636  1.00 35.79  ? 70  LYS A CA  1 
ATOM   397  C C   . LYS A 1 54  ? -13.005 -3.163  -6.598  1.00 31.97  ? 70  LYS A C   1 
ATOM   398  O O   . LYS A 1 54  ? -12.416 -3.018  -5.535  1.00 31.15  ? 70  LYS A O   1 
ATOM   399  C CB  . LYS A 1 54  ? -14.510 -5.151  -6.895  1.00 36.49  ? 70  LYS A CB  1 
ATOM   400  C CG  . LYS A 1 54  ? -13.619 -5.972  -5.979  1.00 43.87  ? 70  LYS A CG  1 
ATOM   401  C CD  . LYS A 1 54  ? -13.774 -7.474  -6.206  1.00 49.76  ? 70  LYS A CD  1 
ATOM   402  C CE  . LYS A 1 54  ? -12.864 -7.987  -7.320  1.00 53.93  ? 70  LYS A CE  1 
ATOM   403  N NZ  . LYS A 1 54  ? -12.872 -9.485  -7.417  1.00 54.21  ? 70  LYS A NZ  1 
ATOM   404  N N   . PHE A 1 55  ? -12.425 -2.902  -7.761  1.00 28.00  ? 71  PHE A N   1 
ATOM   405  C CA  . PHE A 1 55  ? -11.011 -2.570  -7.784  1.00 32.32  ? 71  PHE A CA  1 
ATOM   406  C C   . PHE A 1 55  ? -10.734 -1.147  -7.281  1.00 31.83  ? 71  PHE A C   1 
ATOM   407  O O   . PHE A 1 55  ? -9.607  -0.832  -6.899  1.00 28.29  ? 71  PHE A O   1 
ATOM   408  C CB  . PHE A 1 55  ? -10.458 -2.796  -9.185  1.00 32.77  ? 71  PHE A CB  1 
ATOM   409  C CG  . PHE A 1 55  ? -10.499 -4.242  -9.605  1.00 37.86  ? 71  PHE A CG  1 
ATOM   410  C CD1 . PHE A 1 55  ? -9.763  -5.200  -8.903  1.00 30.24  ? 71  PHE A CD1 1 
ATOM   411  C CD2 . PHE A 1 55  ? -11.281 -4.653  -10.678 1.00 35.15  ? 71  PHE A CD2 1 
ATOM   412  C CE1 . PHE A 1 55  ? -9.805  -6.529  -9.265  1.00 32.04  ? 71  PHE A CE1 1 
ATOM   413  C CE2 . PHE A 1 55  ? -11.321 -5.995  -11.057 1.00 37.90  ? 71  PHE A CE2 1 
ATOM   414  C CZ  . PHE A 1 55  ? -10.581 -6.930  -10.352 1.00 35.37  ? 71  PHE A CZ  1 
ATOM   415  N N   . ALA A 1 56  ? -11.769 -0.308  -7.242  1.00 26.32  ? 72  ALA A N   1 
ATOM   416  C CA  . ALA A 1 56  ? -11.656 1.031   -6.675  1.00 27.46  ? 72  ALA A CA  1 
ATOM   417  C C   . ALA A 1 56  ? -11.315 0.993   -5.191  1.00 26.75  ? 72  ALA A C   1 
ATOM   418  O O   . ALA A 1 56  ? -10.664 1.903   -4.673  1.00 21.50  ? 72  ALA A O   1 
ATOM   419  C CB  . ALA A 1 56  ? -12.953 1.816   -6.897  1.00 28.81  ? 72  ALA A CB  1 
ATOM   420  N N   . GLU A 1 57  ? -11.752 -0.071  -4.516  1.00 19.70  ? 73  GLU A N   1 
ATOM   421  C CA  . GLU A 1 57  ? -11.521 -0.255  -3.087  1.00 30.91  ? 73  GLU A CA  1 
ATOM   422  C C   . GLU A 1 57  ? -10.063 -0.605  -2.760  1.00 33.66  ? 73  GLU A C   1 
ATOM   423  O O   . GLU A 1 57  ? -9.622  -0.452  -1.619  1.00 33.14  ? 73  GLU A O   1 
ATOM   424  C CB  . GLU A 1 57  ? -12.447 -1.354  -2.541  1.00 35.20  ? 73  GLU A CB  1 
ATOM   425  C CG  . GLU A 1 57  ? -13.916 -1.209  -2.965  1.00 35.62  ? 73  GLU A CG  1 
ATOM   426  C CD  . GLU A 1 57  ? -14.813 -2.306  -2.397  1.00 54.13  ? 73  GLU A CD  1 
ATOM   427  O OE1 . GLU A 1 57  ? -14.283 -3.295  -1.836  1.00 50.03  ? 73  GLU A OE1 1 
ATOM   428  O OE2 . GLU A 1 57  ? -16.052 -2.173  -2.513  1.00 44.33  ? 73  GLU A OE2 1 
ATOM   429  N N   . GLY A 1 58  ? -9.323  -1.081  -3.759  1.00 23.18  ? 74  GLY A N   1 
ATOM   430  C CA  . GLY A 1 58  ? -7.930  -1.435  -3.566  1.00 27.84  ? 74  GLY A CA  1 
ATOM   431  C C   . GLY A 1 58  ? -7.815  -2.691  -2.724  1.00 32.79  ? 74  GLY A C   1 
ATOM   432  O O   . GLY A 1 58  ? -8.816  -3.354  -2.455  1.00 28.09  ? 74  GLY A O   1 
ATOM   433  N N   . GLN A 1 59  ? -6.599  -3.001  -2.283  1.00 25.51  ? 75  GLN A N   1 
ATOM   434  C CA  . GLN A 1 59  ? -6.330  -4.267  -1.614  1.00 23.72  ? 75  GLN A CA  1 
ATOM   435  C C   . GLN A 1 59  ? -7.087  -4.413  -0.299  1.00 30.42  ? 75  GLN A C   1 
ATOM   436  O O   . GLN A 1 59  ? -6.861  -3.665  0.658   1.00 29.01  ? 75  GLN A O   1 
ATOM   437  C CB  . GLN A 1 59  ? -4.838  -4.431  -1.351  1.00 27.05  ? 75  GLN A CB  1 
ATOM   438  C CG  . GLN A 1 59  ? -4.510  -5.747  -0.655  1.00 22.20  ? 75  GLN A CG  1 
ATOM   439  C CD  . GLN A 1 59  ? -4.863  -6.953  -1.519  1.00 26.41  ? 75  GLN A CD  1 
ATOM   440  O OE1 . GLN A 1 59  ? -4.457  -7.043  -2.685  1.00 23.36  ? 75  GLN A OE1 1 
ATOM   441  N NE2 . GLN A 1 59  ? -5.634  -7.878  -0.954  1.00 26.73  ? 75  GLN A NE2 1 
ATOM   442  N N   . GLN A 1 60  ? -7.969  -5.406  -0.256  1.00 25.70  ? 76  GLN A N   1 
ATOM   443  C CA  . GLN A 1 60  ? -8.775  -5.662  0.931   1.00 37.05  ? 76  GLN A CA  1 
ATOM   444  C C   . GLN A 1 60  ? -8.218  -6.778  1.814   1.00 32.62  ? 76  GLN A C   1 
ATOM   445  O O   . GLN A 1 60  ? -7.551  -7.695  1.343   1.00 31.72  ? 76  GLN A O   1 
ATOM   446  C CB  . GLN A 1 60  ? -10.212 -6.002  0.518   1.00 35.44  ? 76  GLN A CB  1 
ATOM   447  C CG  . GLN A 1 60  ? -10.949 -4.839  -0.128  1.00 39.49  ? 76  GLN A CG  1 
ATOM   448  C CD  . GLN A 1 60  ? -10.994 -3.614  0.775   1.00 38.58  ? 76  GLN A CD  1 
ATOM   449  O OE1 . GLN A 1 60  ? -11.529 -3.664  1.885   1.00 42.21  ? 76  GLN A OE1 1 
ATOM   450  N NE2 . GLN A 1 60  ? -10.416 -2.510  0.307   1.00 34.75  ? 76  GLN A NE2 1 
ATOM   451  N N   . PHE A 1 61  ? -8.501  -6.680  3.106   1.00 34.67  ? 77  PHE A N   1 
ATOM   452  C CA  . PHE A 1 61  ? -8.207  -7.748  4.044   1.00 42.88  ? 77  PHE A CA  1 
ATOM   453  C C   . PHE A 1 61  ? -9.505  -8.183  4.714   1.00 51.07  ? 77  PHE A C   1 
ATOM   454  O O   . PHE A 1 61  ? -10.025 -7.467  5.577   1.00 44.83  ? 77  PHE A O   1 
ATOM   455  C CB  . PHE A 1 61  ? -7.186  -7.296  5.086   1.00 34.90  ? 77  PHE A CB  1 
ATOM   456  C CG  . PHE A 1 61  ? -5.836  -6.986  4.511   1.00 43.10  ? 77  PHE A CG  1 
ATOM   457  C CD1 . PHE A 1 61  ? -5.618  -5.810  3.810   1.00 34.23  ? 77  PHE A CD1 1 
ATOM   458  C CD2 . PHE A 1 61  ? -4.783  -7.871  4.670   1.00 35.72  ? 77  PHE A CD2 1 
ATOM   459  C CE1 . PHE A 1 61  ? -4.380  -5.526  3.279   1.00 42.17  ? 77  PHE A CE1 1 
ATOM   460  C CE2 . PHE A 1 61  ? -3.540  -7.591  4.147   1.00 34.21  ? 77  PHE A CE2 1 
ATOM   461  C CZ  . PHE A 1 61  ? -3.337  -6.419  3.449   1.00 40.06  ? 77  PHE A CZ  1 
ATOM   462  N N   . PRO A 1 62  ? -10.039 -9.346  4.301   1.00 44.70  ? 78  PRO A N   1 
ATOM   463  C CA  . PRO A 1 62  ? -11.275 -9.919  4.853   1.00 52.48  ? 78  PRO A CA  1 
ATOM   464  C C   . PRO A 1 62  ? -11.281 -9.911  6.383   1.00 55.39  ? 78  PRO A C   1 
ATOM   465  O O   . PRO A 1 62  ? -10.243 -10.144 7.003   1.00 49.71  ? 78  PRO A O   1 
ATOM   466  C CB  . PRO A 1 62  ? -11.285 -11.353 4.301   1.00 46.93  ? 78  PRO A CB  1 
ATOM   467  C CG  . PRO A 1 62  ? -9.923  -11.570 3.695   1.00 49.36  ? 78  PRO A CG  1 
ATOM   468  C CD  . PRO A 1 62  ? -9.438  -10.224 3.285   1.00 45.69  ? 78  PRO A CD  1 
ATOM   469  N N   . PRO A 1 63  ? -12.443 -9.618  6.986   1.00 61.87  ? 79  PRO A N   1 
ATOM   470  C CA  . PRO A 1 63  ? -12.561 -9.433  8.440   1.00 53.52  ? 79  PRO A CA  1 
ATOM   471  C C   . PRO A 1 63  ? -12.303 -10.698 9.269   1.00 50.01  ? 79  PRO A C   1 
ATOM   472  O O   . PRO A 1 63  ? -12.171 -10.595 10.486  1.00 49.38  ? 79  PRO A O   1 
ATOM   473  C CB  . PRO A 1 63  ? -14.007 -8.955  8.616   0.70 55.79  ? 79  PRO A CB  1 
ATOM   474  C CG  . PRO A 1 63  ? -14.716 -9.362  7.361   1.00 52.93  ? 79  PRO A CG  1 
ATOM   475  C CD  . PRO A 1 63  ? -13.700 -9.321  6.277   0.87 54.78  ? 79  PRO A CD  1 
ATOM   476  N N   . GLY A 1 64  ? -12.221 -11.861 8.631   1.00 42.53  ? 80  GLY A N   1 
ATOM   477  C CA  . GLY A 1 64  ? -11.972 -13.099 9.356   1.00 50.77  ? 80  GLY A CA  1 
ATOM   478  C C   . GLY A 1 64  ? -10.510 -13.520 9.505   1.00 53.21  ? 80  GLY A C   1 
ATOM   479  O O   . GLY A 1 64  ? -10.181 -14.349 10.360  1.00 51.05  ? 80  GLY A O   1 
ATOM   480  N N   . LEU A 1 65  ? -9.635  -12.961 8.670   1.00 45.28  ? 81  LEU A N   1 
ATOM   481  C CA  . LEU A 1 65  ? -8.212  -13.301 8.683   1.00 35.57  ? 81  LEU A CA  1 
ATOM   482  C C   . LEU A 1 65  ? -7.570  -13.182 10.056  1.00 35.34  ? 81  LEU A C   1 
ATOM   483  O O   . LEU A 1 65  ? -7.782  -12.209 10.783  1.00 36.07  ? 81  LEU A O   1 
ATOM   484  C CB  . LEU A 1 65  ? -7.433  -12.402 7.720   1.00 47.53  ? 81  LEU A CB  1 
ATOM   485  C CG  . LEU A 1 65  ? -7.308  -12.731 6.235   1.00 47.86  ? 81  LEU A CG  1 
ATOM   486  C CD1 . LEU A 1 65  ? -6.365  -11.722 5.613   1.00 52.77  ? 81  LEU A CD1 1 
ATOM   487  C CD2 . LEU A 1 65  ? -6.816  -14.146 5.998   1.00 41.99  ? 81  LEU A CD2 1 
ATOM   488  N N   . GLN A 1 66  ? -6.752  -14.163 10.400  1.00 32.93  ? 82  GLN A N   1 
ATOM   489  C CA  . GLN A 1 66  ? -5.894  -14.022 11.557  1.00 30.11  ? 82  GLN A CA  1 
ATOM   490  C C   . GLN A 1 66  ? -4.463  -13.817 11.082  1.00 35.24  ? 82  GLN A C   1 
ATOM   491  O O   . GLN A 1 66  ? -4.062  -14.322 10.027  1.00 30.94  ? 82  GLN A O   1 
ATOM   492  C CB  . GLN A 1 66  ? -6.007  -15.240 12.459  1.00 36.80  ? 82  GLN A CB  1 
ATOM   493  C CG  . GLN A 1 66  ? -7.433  -15.723 12.597  1.00 44.44  ? 82  GLN A CG  1 
ATOM   494  C CD  . GLN A 1 66  ? -7.560  -16.844 13.596  1.00 45.60  ? 82  GLN A CD  1 
ATOM   495  O OE1 . GLN A 1 66  ? -7.264  -16.667 14.783  1.00 43.58  ? 82  GLN A OE1 1 
ATOM   496  N NE2 . GLN A 1 66  ? -7.993  -18.016 13.123  1.00 37.80  ? 82  GLN A NE2 1 
ATOM   497  N N   . GLY A 1 67  ? -3.699  -13.057 11.851  1.00 30.94  ? 83  GLY A N   1 
ATOM   498  C CA  . GLY A 1 67  ? -2.316  -12.813 11.503  1.00 31.77  ? 83  GLY A CA  1 
ATOM   499  C C   . GLY A 1 67  ? -1.707  -11.645 12.250  1.00 34.32  ? 83  GLY A C   1 
ATOM   500  O O   . GLY A 1 67  ? -2.337  -11.034 13.114  1.00 29.30  ? 83  GLY A O   1 
ATOM   501  N N   . ASN A 1 68  ? -0.468  -11.337 11.892  1.00 27.06  ? 84  ASN A N   1 
ATOM   502  C CA  . ASN A 1 68  ? 0.305   -10.295 12.538  1.00 17.89  ? 84  ASN A CA  1 
ATOM   503  C C   . ASN A 1 68  ? 0.846   -9.325  11.490  1.00 23.49  ? 84  ASN A C   1 
ATOM   504  O O   . ASN A 1 68  ? 0.951   -9.672  10.311  1.00 15.83  ? 84  ASN A O   1 
ATOM   505  C CB  . ASN A 1 68  ? 1.448   -10.909 13.346  1.00 20.81  ? 84  ASN A CB  1 
ATOM   506  C CG  . ASN A 1 68  ? 0.951   -11.801 14.476  1.00 32.76  ? 84  ASN A CG  1 
ATOM   507  O OD1 . ASN A 1 68  ? 0.053   -11.422 15.223  1.00 32.56  ? 84  ASN A OD1 1 
ATOM   508  N ND2 . ASN A 1 68  ? 1.524   -12.991 14.594  1.00 34.93  ? 84  ASN A ND2 1 
ATOM   509  N N   . MET A 1 69  ? 1.174   -8.113  11.934  1.00 22.57  ? 85  MET A N   1 
ATOM   510  C CA  . MET A 1 69  ? 1.731   -7.069  11.079  1.00 17.64  ? 85  MET A CA  1 
ATOM   511  C C   . MET A 1 69  ? 2.848   -6.357  11.811  1.00 20.17  ? 85  MET A C   1 
ATOM   512  O O   . MET A 1 69  ? 2.839   -6.269  13.033  1.00 21.39  ? 85  MET A O   1 
ATOM   513  C CB  . MET A 1 69  ? 0.651   -6.060  10.677  1.00 18.93  ? 85  MET A CB  1 
ATOM   514  C CG  . MET A 1 69  ? -0.048  -5.498  11.887  1.00 32.73  ? 85  MET A CG  1 
ATOM   515  S SD  . MET A 1 69  ? -0.812  -3.889  11.663  1.00 44.96  ? 85  MET A SD  1 
ATOM   516  C CE  . MET A 1 69  ? -2.221  -4.268  10.672  1.00 30.26  ? 85  MET A CE  1 
ATOM   517  N N   . ALA A 1 70  ? 3.815   -5.869  11.052  1.00 19.22  ? 86  ALA A N   1 
ATOM   518  C CA  . ALA A 1 70  ? 4.866   -4.996  11.551  1.00 17.35  ? 86  ALA A CA  1 
ATOM   519  C C   . ALA A 1 70  ? 5.087   -3.935  10.493  1.00 18.29  ? 86  ALA A C   1 
ATOM   520  O O   . ALA A 1 70  ? 4.853   -4.189  9.313   1.00 19.12  ? 86  ALA A O   1 
ATOM   521  C CB  . ALA A 1 70  ? 6.165   -5.776  11.818  1.00 15.38  ? 86  ALA A CB  1 
ATOM   522  N N   . ALA A 1 71  ? 5.567   -2.762  10.882  1.00 16.06  ? 87  ALA A N   1 
ATOM   523  C CA  . ALA A 1 71  ? 5.760   -1.715  9.898   1.00 19.24  ? 87  ALA A CA  1 
ATOM   524  C C   . ALA A 1 71  ? 6.977   -0.843  10.177  1.00 23.58  ? 87  ALA A C   1 
ATOM   525  O O   . ALA A 1 71  ? 7.463   -0.750  11.308  1.00 16.08  ? 87  ALA A O   1 
ATOM   526  C CB  . ALA A 1 71  ? 4.512   -0.860  9.799   1.00 17.45  ? 87  ALA A CB  1 
ATOM   527  N N   . THR A 1 72  ? 7.499   -0.258  9.106   1.00 18.20  ? 88  THR A N   1 
ATOM   528  C CA  . THR A 1 72  ? 8.505   0.780   9.200   1.00 19.13  ? 88  THR A CA  1 
ATOM   529  C C   . THR A 1 72  ? 7.979   1.956   8.388   1.00 16.56  ? 88  THR A C   1 
ATOM   530  O O   . THR A 1 72  ? 7.541   1.772   7.250   1.00 16.78  ? 88  THR A O   1 
ATOM   531  C CB  . THR A 1 72  ? 9.866   0.332   8.672   1.00 14.95  ? 88  THR A CB  1 
ATOM   532  O OG1 . THR A 1 72  ? 10.402  -0.678  9.538   1.00 18.72  ? 88  THR A OG1 1 
ATOM   533  C CG2 . THR A 1 72  ? 10.838  1.520   8.643   1.00 16.44  ? 88  THR A CG2 1 
ATOM   534  N N   . ALA A 1 73  ? 7.981   3.149   8.975   1.00 14.68  ? 89  ALA A N   1 
ATOM   535  C CA  . ALA A 1 73  ? 7.490   4.325   8.253   1.00 14.28  ? 89  ALA A CA  1 
ATOM   536  C C   . ALA A 1 73  ? 8.515   5.447   8.308   1.00 19.17  ? 89  ALA A C   1 
ATOM   537  O O   . ALA A 1 73  ? 9.315   5.517   9.244   1.00 20.59  ? 89  ALA A O   1 
ATOM   538  C CB  . ALA A 1 73  ? 6.169   4.775   8.827   1.00 20.02  ? 89  ALA A CB  1 
ATOM   539  N N   . ALA A 1 74  ? 8.511   6.311   7.298   1.00 13.85  ? 90  ALA A N   1 
ATOM   540  C CA  . ALA A 1 74  ? 9.476   7.412   7.226   1.00 16.18  ? 90  ALA A CA  1 
ATOM   541  C C   . ALA A 1 74  ? 8.841   8.640   6.616   1.00 20.46  ? 90  ALA A C   1 
ATOM   542  O O   . ALA A 1 74  ? 8.103   8.533   5.641   1.00 18.50  ? 90  ALA A O   1 
ATOM   543  C CB  . ALA A 1 74  ? 10.680  7.023   6.416   1.00 12.87  ? 90  ALA A CB  1 
ATOM   544  N N   . GLU A 1 75  ? 9.151   9.809   7.170   1.00 18.85  ? 91  GLU A N   1 
ATOM   545  C CA  . GLU A 1 75  ? 8.658   11.064  6.620   1.00 18.34  ? 91  GLU A CA  1 
ATOM   546  C C   . GLU A 1 75  ? 9.827   11.981  6.344   1.00 22.17  ? 91  GLU A C   1 
ATOM   547  O O   . GLU A 1 75  ? 10.673  12.173  7.216   1.00 18.30  ? 91  GLU A O   1 
ATOM   548  C CB  . GLU A 1 75  ? 7.675   11.728  7.583   1.00 21.50  ? 91  GLU A CB  1 
ATOM   549  C CG  . GLU A 1 75  ? 6.537   10.815  7.983   1.00 25.57  ? 91  GLU A CG  1 
ATOM   550  C CD  . GLU A 1 75  ? 5.354   11.575  8.552   1.00 35.15  ? 91  GLU A CD  1 
ATOM   551  O OE1 . GLU A 1 75  ? 5.523   12.755  8.908   1.00 37.57  ? 91  GLU A OE1 1 
ATOM   552  O OE2 . GLU A 1 75  ? 4.251   10.995  8.618   1.00 41.51  ? 91  GLU A OE2 1 
ATOM   553  N N   . GLY A 1 76  ? 9.885   12.524  5.128   1.00 21.15  ? 92  GLY A N   1 
ATOM   554  C CA  . GLY A 1 76  ? 10.960  13.426  4.741   1.00 19.88  ? 92  GLY A CA  1 
ATOM   555  C C   . GLY A 1 76  ? 11.003  13.619  3.238   1.00 26.66  ? 92  GLY A C   1 
ATOM   556  O O   . GLY A 1 76  ? 10.399  12.840  2.510   1.00 23.41  ? 92  GLY A O   1 
ATOM   557  N N   . GLU A 1 77  ? 11.729  14.640  2.777   1.00 23.05  ? 93  GLU A N   1 
ATOM   558  C CA  . GLU A 1 77  ? 11.759  15.024  1.368   1.00 22.41  ? 93  GLU A CA  1 
ATOM   559  C C   . GLU A 1 77  ? 10.336  15.196  0.810   1.00 24.73  ? 93  GLU A C   1 
ATOM   560  O O   . GLU A 1 77  ? 10.069  14.862  -0.339  1.00 28.44  ? 93  GLU A O   1 
ATOM   561  C CB  . GLU A 1 77  ? 12.533  13.991  0.534   1.00 26.97  ? 93  GLU A CB  1 
ATOM   562  C CG  . GLU A 1 77  ? 14.036  13.878  0.848   1.00 37.62  ? 93  GLU A CG  1 
ATOM   563  C CD  . GLU A 1 77  ? 14.875  15.004  0.235   1.00 48.33  ? 93  GLU A CD  1 
ATOM   564  O OE1 . GLU A 1 77  ? 14.394  15.672  -0.709  1.00 58.83  ? 93  GLU A OE1 1 
ATOM   565  O OE2 . GLU A 1 77  ? 16.021  15.218  0.698   1.00 52.42  ? 93  GLU A OE2 1 
ATOM   566  N N   . GLY A 1 78  ? 9.421   15.684  1.638   1.00 17.08  ? 94  GLY A N   1 
ATOM   567  C CA  . GLY A 1 78  ? 8.069   15.964  1.191   1.00 22.57  ? 94  GLY A CA  1 
ATOM   568  C C   . GLY A 1 78  ? 7.188   14.743  0.993   1.00 21.44  ? 94  GLY A C   1 
ATOM   569  O O   . GLY A 1 78  ? 6.068   14.855  0.487   1.00 16.67  ? 94  GLY A O   1 
ATOM   570  N N   . ASN A 1 79  ? 7.695   13.572  1.371   1.00 18.50  ? 95  ASN A N   1 
ATOM   571  C CA  . ASN A 1 79  ? 6.939   12.324  1.251   1.00 19.44  ? 95  ASN A CA  1 
ATOM   572  C C   . ASN A 1 79  ? 6.807   11.600  2.572   1.00 18.22  ? 95  ASN A C   1 
ATOM   573  O O   . ASN A 1 79  ? 7.616   11.786  3.467   1.00 18.08  ? 95  ASN A O   1 
ATOM   574  C CB  . ASN A 1 79  ? 7.607   11.364  0.267   1.00 19.63  ? 95  ASN A CB  1 
ATOM   575  C CG  . ASN A 1 79  ? 7.463   11.788  -1.170  1.00 26.01  ? 95  ASN A CG  1 
ATOM   576  O OD1 . ASN A 1 79  ? 7.911   11.083  -2.064  1.00 25.26  ? 95  ASN A OD1 1 
ATOM   577  N ND2 . ASN A 1 79  ? 6.842   12.939  -1.406  1.00 24.04  ? 95  ASN A ND2 1 
ATOM   578  N N   . ARG A 1 80  ? 5.794   10.747  2.665   1.00 15.06  ? 96  ARG A N   1 
ATOM   579  C CA  . ARG A 1 80  ? 5.714   9.731   3.695   1.00 19.25  ? 96  ARG A CA  1 
ATOM   580  C C   . ARG A 1 80  ? 5.725   8.347   3.032   1.00 18.29  ? 96  ARG A C   1 
ATOM   581  O O   . ARG A 1 80  ? 4.993   8.110   2.063   1.00 15.90  ? 96  ARG A O   1 
ATOM   582  C CB  . ARG A 1 80  ? 4.452   9.911   4.532   1.00 15.49  ? 96  ARG A CB  1 
ATOM   583  C CG  . ARG A 1 80  ? 4.120   8.778   5.550   1.00 22.53  ? 96  ARG A CG  1 
ATOM   584  C CD  . ARG A 1 80  ? 2.758   9.106   6.179   1.00 33.21  ? 96  ARG A CD  1 
ATOM   585  N NE  . ARG A 1 80  ? 2.188   8.055   7.015   1.00 57.67  ? 96  ARG A NE  1 
ATOM   586  C CZ  . ARG A 1 80  ? 1.178   8.248   7.866   1.00 64.54  ? 96  ARG A CZ  1 
ATOM   587  N NH1 . ARG A 1 80  ? 0.639   9.455   7.996   1.00 70.01  ? 96  ARG A NH1 1 
ATOM   588  N NH2 . ARG A 1 80  ? 0.708   7.242   8.597   1.00 56.87  ? 96  ARG A NH2 1 
ATOM   589  N N   . PHE A 1 81  ? 6.549   7.447   3.564   1.00 15.88  ? 97  PHE A N   1 
ATOM   590  C CA  . PHE A 1 81  ? 6.574   6.042   3.143   1.00 19.97  ? 97  PHE A CA  1 
ATOM   591  C C   . PHE A 1 81  ? 6.202   5.153   4.305   1.00 18.75  ? 97  PHE A C   1 
ATOM   592  O O   . PHE A 1 81  ? 6.769   5.285   5.388   1.00 17.14  ? 97  PHE A O   1 
ATOM   593  C CB  . PHE A 1 81  ? 7.960   5.642   2.618   1.00 20.30  ? 97  PHE A CB  1 
ATOM   594  C CG  . PHE A 1 81  ? 8.425   6.477   1.478   1.00 22.57  ? 97  PHE A CG  1 
ATOM   595  C CD1 . PHE A 1 81  ? 8.091   6.143   0.172   1.00 16.46  ? 97  PHE A CD1 1 
ATOM   596  C CD2 . PHE A 1 81  ? 9.184   7.621   1.708   1.00 19.49  ? 97  PHE A CD2 1 
ATOM   597  C CE1 . PHE A 1 81  ? 8.506   6.932   -0.881  1.00 15.32  ? 97  PHE A CE1 1 
ATOM   598  C CE2 . PHE A 1 81  ? 9.594   8.419   0.655   1.00 19.51  ? 97  PHE A CE2 1 
ATOM   599  C CZ  . PHE A 1 81  ? 9.257   8.075   -0.646  1.00 17.31  ? 97  PHE A CZ  1 
ATOM   600  N N   . ILE A 1 82  ? 5.242   4.263   4.093   1.00 14.18  ? 98  ILE A N   1 
ATOM   601  C CA  . ILE A 1 82  ? 4.918   3.247   5.096   1.00 15.90  ? 98  ILE A CA  1 
ATOM   602  C C   . ILE A 1 82  ? 5.178   1.864   4.526   1.00 15.67  ? 98  ILE A C   1 
ATOM   603  O O   . ILE A 1 82  ? 4.595   1.495   3.504   1.00 16.28  ? 98  ILE A O   1 
ATOM   604  C CB  . ILE A 1 82  ? 3.461   3.325   5.538   1.00 16.11  ? 98  ILE A CB  1 
ATOM   605  C CG1 . ILE A 1 82  ? 3.150   4.714   6.085   1.00 26.53  ? 98  ILE A CG1 1 
ATOM   606  C CG2 . ILE A 1 82  ? 3.156   2.220   6.592   1.00 20.44  ? 98  ILE A CG2 1 
ATOM   607  C CD1 . ILE A 1 82  ? 1.693   4.934   6.363   1.00 26.84  ? 98  ILE A CD1 1 
ATOM   608  N N   . VAL A 1 83  ? 6.066   1.106   5.155   1.00 12.33  ? 99  VAL A N   1 
ATOM   609  C CA  . VAL A 1 83  ? 6.313   -0.267  4.702   1.00 13.10  ? 99  VAL A CA  1 
ATOM   610  C C   . VAL A 1 83  ? 5.711   -1.253  5.714   1.00 17.79  ? 99  VAL A C   1 
ATOM   611  O O   . VAL A 1 83  ? 6.212   -1.374  6.826   1.00 17.45  ? 99  VAL A O   1 
ATOM   612  C CB  . VAL A 1 83  ? 7.822   -0.549  4.519   1.00 18.77  ? 99  VAL A CB  1 
ATOM   613  C CG1 . VAL A 1 83  ? 8.033   -1.970  3.986   1.00 14.00  ? 99  VAL A CG1 1 
ATOM   614  C CG2 . VAL A 1 83  ? 8.437   0.459   3.560   1.00 14.93  ? 99  VAL A CG2 1 
ATOM   615  N N   . MET A 1 84  ? 4.636   -1.942  5.323   1.00 16.41  ? 100 MET A N   1 
ATOM   616  C CA  . MET A 1 84  ? 3.958   -2.893  6.203   1.00 17.18  ? 100 MET A CA  1 
ATOM   617  C C   . MET A 1 84  ? 4.179   -4.330  5.739   1.00 16.47  ? 100 MET A C   1 
ATOM   618  O O   . MET A 1 84  ? 4.053   -4.623  4.552   1.00 15.62  ? 100 MET A O   1 
ATOM   619  C CB  . MET A 1 84  ? 2.448   -2.613  6.264   1.00 17.87  ? 100 MET A CB  1 
ATOM   620  C CG  . MET A 1 84  ? 2.087   -1.234  6.787   1.00 34.92  ? 100 MET A CG  1 
ATOM   621  S SD  . MET A 1 84  ? 0.305   -0.901  6.773   1.00 66.80  ? 100 MET A SD  1 
ATOM   622  C CE  . MET A 1 84  ? -0.052  -0.787  5.024   1.00 38.04  ? 100 MET A CE  1 
ATOM   623  N N   . ALA A 1 85  ? 4.531   -5.201  6.682   1.00 15.87  ? 101 ALA A N   1 
ATOM   624  C CA  . ALA A 1 85  ? 4.686   -6.633  6.415   1.00 21.77  ? 101 ALA A CA  1 
ATOM   625  C C   . ALA A 1 85  ? 3.643   -7.391  7.212   1.00 16.24  ? 101 ALA A C   1 
ATOM   626  O O   . ALA A 1 85  ? 3.514   -7.186  8.421   1.00 15.94  ? 101 ALA A O   1 
ATOM   627  C CB  . ALA A 1 85  ? 6.098   -7.126  6.778   1.00 14.18  ? 101 ALA A CB  1 
ATOM   628  N N   . VAL A 1 86  ? 2.917   -8.266  6.523   1.00 19.12  ? 102 VAL A N   1 
ATOM   629  C CA  . VAL A 1 86  ? 1.814   -9.026  7.104   1.00 13.85  ? 102 VAL A CA  1 
ATOM   630  C C   . VAL A 1 86  ? 2.015   -10.523 6.896   1.00 21.77  ? 102 VAL A C   1 
ATOM   631  O O   . VAL A 1 86  ? 2.437   -10.944 5.818   1.00 17.64  ? 102 VAL A O   1 
ATOM   632  C CB  . VAL A 1 86  ? 0.470   -8.618  6.469   1.00 15.63  ? 102 VAL A CB  1 
ATOM   633  C CG1 . VAL A 1 86  ? -0.668  -9.520  6.956   1.00 24.78  ? 102 VAL A CG1 1 
ATOM   634  C CG2 . VAL A 1 86  ? 0.162   -7.167  6.758   1.00 27.86  ? 102 VAL A CG2 1 
ATOM   635  N N   . GLU A 1 87  ? 1.734   -11.314 7.929   1.00 21.48  ? 103 GLU A N   1 
ATOM   636  C CA  . GLU A 1 87  ? 1.675   -12.775 7.790   1.00 20.16  ? 103 GLU A CA  1 
ATOM   637  C C   . GLU A 1 87  ? 0.317   -13.231 8.288   1.00 19.26  ? 103 GLU A C   1 
ATOM   638  O O   . GLU A 1 87  ? -0.062  -12.879 9.401   1.00 20.33  ? 103 GLU A O   1 
ATOM   639  C CB  . GLU A 1 87  ? 2.796   -13.453 8.577   1.00 18.63  ? 103 GLU A CB  1 
ATOM   640  C CG  . GLU A 1 87  ? 2.863   -14.956 8.367   1.00 28.73  ? 103 GLU A CG  1 
ATOM   641  C CD  . GLU A 1 87  ? 3.929   -15.643 9.215   1.00 40.82  ? 103 GLU A CD  1 
ATOM   642  O OE1 . GLU A 1 87  ? 3.883   -16.887 9.326   1.00 48.23  ? 103 GLU A OE1 1 
ATOM   643  O OE2 . GLU A 1 87  ? 4.816   -14.952 9.759   1.00 40.27  ? 103 GLU A OE2 1 
ATOM   644  N N   . THR A 1 88  ? -0.419  -13.985 7.466   1.00 20.09  ? 104 THR A N   1 
ATOM   645  C CA  . THR A 1 88  ? -1.763  -14.448 7.821   1.00 22.59  ? 104 THR A CA  1 
ATOM   646  C C   . THR A 1 88  ? -1.898  -15.981 7.820   1.00 25.24  ? 104 THR A C   1 
ATOM   647  O O   . THR A 1 88  ? -1.069  -16.685 7.263   1.00 19.35  ? 104 THR A O   1 
ATOM   648  C CB  . THR A 1 88  ? -2.814  -13.874 6.866   1.00 27.15  ? 104 THR A CB  1 
ATOM   649  O OG1 . THR A 1 88  ? -2.348  -13.996 5.516   1.00 22.16  ? 104 THR A OG1 1 
ATOM   650  C CG2 . THR A 1 88  ? -3.048  -12.410 7.168   1.00 36.68  ? 104 THR A CG2 1 
ATOM   651  N N   . SER A 1 89  ? -2.961  -16.489 8.430   1.00 20.20  ? 105 SER A N   1 
ATOM   652  C CA  . SER A 1 89  ? -3.115  -17.935 8.580   1.00 30.41  ? 105 SER A CA  1 
ATOM   653  C C   . SER A 1 89  ? -3.464  -18.595 7.248   1.00 30.66  ? 105 SER A C   1 
ATOM   654  O O   . SER A 1 89  ? -3.323  -19.809 7.097   1.00 26.66  ? 105 SER A O   1 
ATOM   655  C CB  . SER A 1 89  ? -4.185  -18.259 9.611   1.00 32.18  ? 105 SER A CB  1 
ATOM   656  O OG  . SER A 1 89  ? -5.446  -17.868 9.110   1.00 34.39  ? 105 SER A OG  1 
ATOM   657  N N   . GLU A 1 90  ? -3.942  -17.799 6.293   1.00 23.83  ? 106 GLU A N   1 
ATOM   658  C CA  . GLU A 1 90  ? -4.017  -18.244 4.905   1.00 31.44  ? 106 GLU A CA  1 
ATOM   659  C C   . GLU A 1 90  ? -3.739  -17.057 3.987   1.00 30.32  ? 106 GLU A C   1 
ATOM   660  O O   . GLU A 1 90  ? -3.764  -15.914 4.439   1.00 26.32  ? 106 GLU A O   1 
ATOM   661  C CB  . GLU A 1 90  ? -5.373  -18.893 4.602   1.00 30.72  ? 106 GLU A CB  1 
ATOM   662  C CG  . GLU A 1 90  ? -6.584  -18.058 4.876   1.00 39.73  ? 106 GLU A CG  1 
ATOM   663  C CD  . GLU A 1 90  ? -7.868  -18.880 4.795   1.00 55.83  ? 106 GLU A CD  1 
ATOM   664  O OE1 . GLU A 1 90  ? -7.919  -19.844 3.999   1.00 55.46  ? 106 GLU A OE1 1 
ATOM   665  O OE2 . GLU A 1 90  ? -8.826  -18.575 5.538   1.00 57.04  ? 106 GLU A OE2 1 
ATOM   666  N N   . PRO A 1 91  ? -3.433  -17.318 2.709   1.00 26.47  ? 107 PRO A N   1 
ATOM   667  C CA  . PRO A 1 91  ? -3.078  -16.198 1.835   1.00 31.75  ? 107 PRO A CA  1 
ATOM   668  C C   . PRO A 1 91  ? -4.232  -15.224 1.626   1.00 35.73  ? 107 PRO A C   1 
ATOM   669  O O   . PRO A 1 91  ? -5.381  -15.652 1.524   1.00 27.38  ? 107 PRO A O   1 
ATOM   670  C CB  . PRO A 1 91  ? -2.715  -16.878 0.508   1.00 28.60  ? 107 PRO A CB  1 
ATOM   671  C CG  . PRO A 1 91  ? -2.466  -18.298 0.842   1.00 37.44  ? 107 PRO A CG  1 
ATOM   672  C CD  . PRO A 1 91  ? -3.339  -18.611 2.004   1.00 32.18  ? 107 PRO A CD  1 
ATOM   673  N N   . VAL A 1 92  ? -3.915  -13.933 1.564   1.00 35.66  ? 108 VAL A N   1 
ATOM   674  C CA  . VAL A 1 92  ? -4.902  -12.909 1.232   1.00 28.13  ? 108 VAL A CA  1 
ATOM   675  C C   . VAL A 1 92  ? -5.142  -12.921 -0.262  1.00 30.59  ? 108 VAL A C   1 
ATOM   676  O O   . VAL A 1 92  ? -4.187  -12.901 -1.041  1.00 28.22  ? 108 VAL A O   1 
ATOM   677  C CB  . VAL A 1 92  ? -4.435  -11.504 1.658   1.00 30.60  ? 108 VAL A CB  1 
ATOM   678  C CG1 . VAL A 1 92  ? -5.571  -10.503 1.528   1.00 29.75  ? 108 VAL A CG1 1 
ATOM   679  C CG2 . VAL A 1 92  ? -3.926  -11.526 3.082   1.00 36.55  ? 108 VAL A CG2 1 
ATOM   680  N N   . PRO A 1 93  ? -6.415  -12.988 -0.682  1.00 30.82  ? 109 PRO A N   1 
ATOM   681  C CA  . PRO A 1 93  ? -6.675  -12.894 -2.122  1.00 34.10  ? 109 PRO A CA  1 
ATOM   682  C C   . PRO A 1 93  ? -6.153  -11.560 -2.677  1.00 25.37  ? 109 PRO A C   1 
ATOM   683  O O   . PRO A 1 93  ? -6.476  -10.492 -2.153  1.00 29.83  ? 109 PRO A O   1 
ATOM   684  C CB  . PRO A 1 93  ? -8.204  -12.982 -2.215  1.00 36.30  ? 109 PRO A CB  1 
ATOM   685  C CG  . PRO A 1 93  ? -8.629  -13.659 -0.936  1.00 39.32  ? 109 PRO A CG  1 
ATOM   686  C CD  . PRO A 1 93  ? -7.647  -13.198 0.101   1.00 37.10  ? 109 PRO A CD  1 
ATOM   687  N N   . LEU A 1 94  ? -5.330  -11.628 -3.711  1.00 26.62  ? 110 LEU A N   1 
ATOM   688  C CA  . LEU A 1 94  ? -4.688  -10.436 -4.249  1.00 26.55  ? 110 LEU A CA  1 
ATOM   689  C C   . LEU A 1 94  ? -5.601  -9.639  -5.179  1.00 28.64  ? 110 LEU A C   1 
ATOM   690  O O   . LEU A 1 94  ? -6.196  -10.192 -6.097  1.00 30.12  ? 110 LEU A O   1 
ATOM   691  C CB  . LEU A 1 94  ? -3.419  -10.828 -4.998  1.00 31.92  ? 110 LEU A CB  1 
ATOM   692  C CG  . LEU A 1 94  ? -2.599  -9.680  -5.581  1.00 25.86  ? 110 LEU A CG  1 
ATOM   693  C CD1 . LEU A 1 94  ? -1.832  -8.966  -4.488  1.00 19.82  ? 110 LEU A CD1 1 
ATOM   694  C CD2 . LEU A 1 94  ? -1.657  -10.202 -6.667  1.00 25.33  ? 110 LEU A CD2 1 
ATOM   695  N N   . SER A 1 95  ? -5.702  -8.336  -4.952  1.00 26.58  ? 111 SER A N   1 
ATOM   696  C CA  . SER A 1 95  ? -6.428  -7.475  -5.879  1.00 21.39  ? 111 SER A CA  1 
ATOM   697  C C   . SER A 1 95  ? -5.560  -7.233  -7.103  1.00 29.67  ? 111 SER A C   1 
ATOM   698  O O   . SER A 1 95  ? -4.476  -6.664  -6.993  1.00 25.08  ? 111 SER A O   1 
ATOM   699  C CB  . SER A 1 95  ? -6.817  -6.151  -5.212  1.00 33.92  ? 111 SER A CB  1 
ATOM   700  O OG  . SER A 1 95  ? -7.348  -5.243  -6.166  1.00 29.94  ? 111 SER A OG  1 
ATOM   701  N N   . ASP A 1 96  ? -6.024  -7.672  -8.268  1.00 26.55  ? 112 ASP A N   1 
ATOM   702  C CA  . ASP A 1 96  ? -5.190  -7.657  -9.469  1.00 29.60  ? 112 ASP A CA  1 
ATOM   703  C C   . ASP A 1 96  ? -6.006  -7.379  -10.741 1.00 37.78  ? 112 ASP A C   1 
ATOM   704  O O   . ASP A 1 96  ? -6.307  -8.291  -11.517 1.00 37.15  ? 112 ASP A O   1 
ATOM   705  C CB  . ASP A 1 96  ? -4.442  -8.995  -9.595  1.00 33.57  ? 112 ASP A CB  1 
ATOM   706  C CG  . ASP A 1 96  ? -3.304  -8.941  -10.596 1.00 35.80  ? 112 ASP A CG  1 
ATOM   707  O OD1 . ASP A 1 96  ? -2.961  -7.826  -11.051 1.00 41.94  ? 112 ASP A OD1 1 
ATOM   708  O OD2 . ASP A 1 96  ? -2.750  -10.009 -10.927 1.00 46.34  ? 112 ASP A OD2 1 
ATOM   709  N N   . PRO A 1 97  ? -6.345  -6.104  -10.971 1.00 28.43  ? 113 PRO A N   1 
ATOM   710  C CA  . PRO A 1 97  ? -7.172  -5.686  -12.108 1.00 30.89  ? 113 PRO A CA  1 
ATOM   711  C C   . PRO A 1 97  ? -6.604  -6.093  -13.474 1.00 42.89  ? 113 PRO A C   1 
ATOM   712  O O   . PRO A 1 97  ? -5.400  -5.935  -13.703 1.00 44.53  ? 113 PRO A O   1 
ATOM   713  C CB  . PRO A 1 97  ? -7.183  -4.153  -11.987 1.00 32.53  ? 113 PRO A CB  1 
ATOM   714  C CG  . PRO A 1 97  ? -6.764  -3.847  -10.608 1.00 30.10  ? 113 PRO A CG  1 
ATOM   715  C CD  . PRO A 1 97  ? -5.829  -4.952  -10.212 1.00 30.78  ? 113 PRO A CD  1 
ATOM   716  N N   . GLY A 1 98  ? -7.457  -6.589  -14.373 1.00 35.39  ? 114 GLY A N   1 
ATOM   717  C CA  . GLY A 1 98  ? -7.079  -6.767  -15.770 1.00 34.62  ? 114 GLY A CA  1 
ATOM   718  C C   . GLY A 1 98  ? -7.076  -5.431  -16.495 1.00 43.45  ? 114 GLY A C   1 
ATOM   719  O O   . GLY A 1 98  ? -7.369  -4.395  -15.881 1.00 34.19  ? 114 GLY A O   1 
ATOM   720  N N   . ASP A 1 99  ? -6.766  -5.432  -17.793 1.00 43.69  ? 115 ASP A N   1 
ATOM   721  C CA  . ASP A 1 99  ? -6.683  -4.174  -18.558 1.00 36.83  ? 115 ASP A CA  1 
ATOM   722  C C   . ASP A 1 99  ? -8.003  -3.396  -18.557 1.00 39.93  ? 115 ASP A C   1 
ATOM   723  O O   . ASP A 1 99  ? -8.008  -2.163  -18.639 1.00 42.02  ? 115 ASP A O   1 
ATOM   724  C CB  . ASP A 1 99  ? -6.252  -4.431  -20.008 1.00 42.83  ? 115 ASP A CB  1 
ATOM   725  C CG  . ASP A 1 99  ? -4.738  -4.465  -20.179 1.00 48.91  ? 115 ASP A CG  1 
ATOM   726  O OD1 . ASP A 1 99  ? -4.019  -4.498  -19.156 1.00 48.83  ? 115 ASP A OD1 1 
ATOM   727  O OD2 . ASP A 1 99  ? -4.269  -4.466  -21.339 1.00 39.28  ? 115 ASP A OD2 1 
ATOM   728  N N   . GLU A 1 100 ? -9.108  -4.128  -18.456 1.00 31.59  ? 116 GLU A N   1 
ATOM   729  C CA  . GLU A 1 100 ? -10.444 -3.550  -18.409 1.00 40.33  ? 116 GLU A CA  1 
ATOM   730  C C   . GLU A 1 100 ? -10.602 -2.607  -17.218 1.00 39.92  ? 116 GLU A C   1 
ATOM   731  O O   . GLU A 1 100 ? -11.378 -1.646  -17.260 1.00 31.32  ? 116 GLU A O   1 
ATOM   732  C CB  . GLU A 1 100 ? -11.500 -4.663  -18.336 1.00 44.43  ? 116 GLU A CB  1 
ATOM   733  C CG  . GLU A 1 100 ? -11.463 -5.672  -19.489 1.00 53.59  ? 116 GLU A CG  1 
ATOM   734  C CD  . GLU A 1 100 ? -10.384 -6.735  -19.322 0.61 64.42  ? 116 GLU A CD  1 
ATOM   735  O OE1 . GLU A 1 100 ? -9.461  -6.533  -18.503 0.77 59.35  ? 116 GLU A OE1 1 
ATOM   736  O OE2 . GLU A 1 100 ? -10.465 -7.776  -20.015 1.00 69.41  ? 116 GLU A OE2 1 
ATOM   737  N N   . CYS A 1 101 ? -9.864  -2.885  -16.150 1.00 39.21  ? 117 CYS A N   1 
ATOM   738  C CA  . CYS A 1 101 ? -10.025 -2.114  -14.929 1.00 24.17  ? 117 CYS A CA  1 
ATOM   739  C C   . CYS A 1 101 ? -8.744  -1.417  -14.499 1.00 26.55  ? 117 CYS A C   1 
ATOM   740  O O   . CYS A 1 101 ? -8.563  -1.117  -13.322 1.00 26.40  ? 117 CYS A O   1 
ATOM   741  C CB  . CYS A 1 101 ? -10.536 -3.017  -13.818 1.00 31.11  ? 117 CYS A CB  1 
ATOM   742  S SG  . CYS A 1 101 ? -12.193 -3.642  -14.156 1.00 42.17  ? 117 CYS A SG  1 
ATOM   743  N N   . LYS A 1 102 ? -7.865  -1.124  -15.446 1.00 21.54  ? 118 LYS A N   1 
ATOM   744  C CA  . LYS A 1 102 ? -6.641  -0.427  -15.079 1.00 21.63  ? 118 LYS A CA  1 
ATOM   745  C C   . LYS A 1 102 ? -6.880  1.057   -14.793 1.00 25.95  ? 118 LYS A C   1 
ATOM   746  O O   . LYS A 1 102 ? -6.006  1.751   -14.263 1.00 21.42  ? 118 LYS A O   1 
ATOM   747  C CB  . LYS A 1 102 ? -5.584  -0.630  -16.156 1.00 30.73  ? 118 LYS A CB  1 
ATOM   748  C CG  . LYS A 1 102 ? -4.897  -2.000  -16.011 1.00 36.91  ? 118 LYS A CG  1 
ATOM   749  C CD  . LYS A 1 102 ? -3.570  -2.076  -16.758 1.00 28.32  ? 118 LYS A CD  1 
ATOM   750  C CE  . LYS A 1 102 ? -2.718  -3.239  -16.284 1.00 40.39  ? 118 LYS A CE  1 
ATOM   751  N NZ  . LYS A 1 102 ? -3.434  -4.526  -16.421 1.00 40.89  ? 118 LYS A NZ  1 
ATOM   752  N N   . ARG A 1 103 ? -8.070  1.553   -15.117 1.00 20.03  ? 119 ARG A N   1 
ATOM   753  C CA  . ARG A 1 103 ? -8.472  2.852   -14.593 1.00 22.40  ? 119 ARG A CA  1 
ATOM   754  C C   . ARG A 1 103 ? -9.925  2.810   -14.142 1.00 24.83  ? 119 ARG A C   1 
ATOM   755  O O   . ARG A 1 103 ? -10.820 2.437   -14.908 1.00 28.38  ? 119 ARG A O   1 
ATOM   756  C CB  . ARG A 1 103 ? -8.269  3.964   -15.630 1.00 18.04  ? 119 ARG A CB  1 
ATOM   757  C CG  . ARG A 1 103 ? -8.946  5.285   -15.221 1.00 24.42  ? 119 ARG A CG  1 
ATOM   758  C CD  . ARG A 1 103 ? -8.469  6.447   -16.083 1.00 25.02  ? 119 ARG A CD  1 
ATOM   759  N NE  . ARG A 1 103 ? -7.056  6.719   -15.848 1.00 22.59  ? 119 ARG A NE  1 
ATOM   760  C CZ  . ARG A 1 103 ? -6.288  7.448   -16.649 1.00 29.71  ? 119 ARG A CZ  1 
ATOM   761  N NH1 . ARG A 1 103 ? -6.796  7.988   -17.754 1.00 28.18  ? 119 ARG A NH1 1 
ATOM   762  N NH2 . ARG A 1 103 ? -5.013  7.638   -16.339 1.00 24.11  ? 119 ARG A NH2 1 
ATOM   763  N N   . VAL A 1 104 ? -10.159 3.192   -12.894 1.00 19.63  ? 120 VAL A N   1 
ATOM   764  C CA  . VAL A 1 104 ? -11.514 3.353   -12.388 1.00 21.77  ? 120 VAL A CA  1 
ATOM   765  C C   . VAL A 1 104 ? -11.733 4.747   -11.822 1.00 23.86  ? 120 VAL A C   1 
ATOM   766  O O   . VAL A 1 104 ? -10.990 5.190   -10.945 1.00 22.77  ? 120 VAL A O   1 
ATOM   767  C CB  . VAL A 1 104 ? -11.837 2.349   -11.287 1.00 22.56  ? 120 VAL A CB  1 
ATOM   768  C CG1 . VAL A 1 104 ? -13.331 2.361   -11.017 1.00 26.94  ? 120 VAL A CG1 1 
ATOM   769  C CG2 . VAL A 1 104 ? -11.363 0.956   -11.683 1.00 32.06  ? 120 VAL A CG2 1 
ATOM   770  N N   . LYS A 1 105 ? -12.761 5.426   -12.311 1.00 23.97  ? 121 LYS A N   1 
ATOM   771  C CA  . LYS A 1 105 ? -13.152 6.723   -11.766 1.00 25.00  ? 121 LYS A CA  1 
ATOM   772  C C   . LYS A 1 105 ? -14.407 6.565   -10.915 1.00 28.95  ? 121 LYS A C   1 
ATOM   773  O O   . LYS A 1 105 ? -15.189 5.637   -11.122 1.00 25.41  ? 121 LYS A O   1 
ATOM   774  C CB  . LYS A 1 105 ? -13.410 7.733   -12.878 1.00 31.83  ? 121 LYS A CB  1 
ATOM   775  C CG  . LYS A 1 105 ? -12.242 7.990   -13.803 1.00 27.78  ? 121 LYS A CG  1 
ATOM   776  C CD  . LYS A 1 105 ? -12.586 9.158   -14.703 1.00 32.99  ? 121 LYS A CD  1 
ATOM   777  C CE  . LYS A 1 105 ? -11.618 9.275   -15.848 1.00 40.62  ? 121 LYS A CE  1 
ATOM   778  N NZ  . LYS A 1 105 ? -12.010 10.407  -16.721 1.00 55.29  ? 121 LYS A NZ  1 
ATOM   779  N N   . PHE A 1 106 ? -14.593 7.452   -9.946  1.00 25.91  ? 122 PHE A N   1 
ATOM   780  C CA  . PHE A 1 106 ? -15.823 7.439   -9.167  1.00 31.28  ? 122 PHE A CA  1 
ATOM   781  C C   . PHE A 1 106 ? -16.241 8.853   -8.789  1.00 31.34  ? 122 PHE A C   1 
ATOM   782  O O   . PHE A 1 106 ? -15.415 9.755   -8.704  1.00 21.54  ? 122 PHE A O   1 
ATOM   783  C CB  . PHE A 1 106 ? -15.683 6.564   -7.918  1.00 26.15  ? 122 PHE A CB  1 
ATOM   784  C CG  . PHE A 1 106 ? -14.660 7.055   -6.933  1.00 31.19  ? 122 PHE A CG  1 
ATOM   785  C CD1 . PHE A 1 106 ? -15.030 7.908   -5.897  1.00 35.23  ? 122 PHE A CD1 1 
ATOM   786  C CD2 . PHE A 1 106 ? -13.333 6.655   -7.032  1.00 35.04  ? 122 PHE A CD2 1 
ATOM   787  C CE1 . PHE A 1 106 ? -14.097 8.363   -4.986  1.00 38.61  ? 122 PHE A CE1 1 
ATOM   788  C CE2 . PHE A 1 106 ? -12.388 7.105   -6.121  1.00 35.57  ? 122 PHE A CE2 1 
ATOM   789  C CZ  . PHE A 1 106 ? -12.772 7.958   -5.095  1.00 41.61  ? 122 PHE A CZ  1 
ATOM   790  N N   . LEU A 1 107 ? -17.537 9.041   -8.574  1.00 29.89  ? 123 LEU A N   1 
ATOM   791  C CA  . LEU A 1 107 ? -18.067 10.364  -8.325  1.00 25.03  ? 123 LEU A CA  1 
ATOM   792  C C   . LEU A 1 107 ? -19.289 10.270  -7.430  1.00 33.61  ? 123 LEU A C   1 
ATOM   793  O O   . LEU A 1 107 ? -20.164 9.434   -7.655  1.00 32.16  ? 123 LEU A O   1 
ATOM   794  C CB  . LEU A 1 107 ? -18.405 11.047  -9.647  1.00 24.01  ? 123 LEU A CB  1 
ATOM   795  C CG  . LEU A 1 107 ? -19.216 12.336  -9.592  1.00 22.89  ? 123 LEU A CG  1 
ATOM   796  C CD1 . LEU A 1 107 ? -18.347 13.487  -9.140  1.00 27.21  ? 123 LEU A CD1 1 
ATOM   797  C CD2 . LEU A 1 107 ? -19.814 12.617  -10.962 1.00 29.81  ? 123 LEU A CD2 1 
ATOM   798  N N   . GLY A 1 108 ? -19.317 11.106  -6.395  1.00 30.54  ? 124 GLY A N   1 
ATOM   799  C CA  . GLY A 1 108 ? -20.414 11.158  -5.448  1.00 34.81  ? 124 GLY A CA  1 
ATOM   800  C C   . GLY A 1 108 ? -20.453 12.574  -4.934  1.00 41.98  ? 124 GLY A C   1 
ATOM   801  O O   . GLY A 1 108 ? -19.671 13.399  -5.398  1.00 42.29  ? 124 GLY A O   1 
ATOM   802  N N   . THR A 1 109 ? -21.343 12.874  -3.992  1.00 48.10  ? 125 THR A N   1 
ATOM   803  C CA  . THR A 1 109 ? -21.427 14.235  -3.460  1.00 43.34  ? 125 THR A CA  1 
ATOM   804  C C   . THR A 1 109 ? -20.248 14.539  -2.524  1.00 45.29  ? 125 THR A C   1 
ATOM   805  O O   . THR A 1 109 ? -19.631 15.595  -2.593  1.00 48.52  ? 125 THR A O   1 
ATOM   806  C CB  . THR A 1 109 ? -22.766 14.483  -2.713  1.00 48.33  ? 125 THR A CB  1 
ATOM   807  O OG1 . THR A 1 109 ? -23.050 13.380  -1.841  1.00 46.57  ? 125 THR A OG1 1 
ATOM   808  C CG2 . THR A 1 109 ? -23.913 14.650  -3.710  1.00 40.19  ? 125 THR A CG2 1 
ATOM   809  N N   . GLY A 1 110 ? -19.918 13.607  -1.649  1.00 41.47  ? 126 GLY A N   1 
ATOM   810  C CA  . GLY A 1 110 ? -18.787 13.803  -0.762  1.00 56.97  ? 126 GLY A CA  1 
ATOM   811  C C   . GLY A 1 110 ? -17.441 13.685  -1.452  1.00 56.98  ? 126 GLY A C   1 
ATOM   812  O O   . GLY A 1 110 ? -16.463 14.286  -1.013  1.00 58.58  ? 126 GLY A O   1 
ATOM   813  N N   . ALA A 1 111 ? -17.383 12.919  -2.539  1.00 52.23  ? 127 ALA A N   1 
ATOM   814  C CA  . ALA A 1 111 ? -16.095 12.541  -3.106  1.00 45.65  ? 127 ALA A CA  1 
ATOM   815  C C   . ALA A 1 111 ? -16.079 12.378  -4.623  1.00 37.28  ? 127 ALA A C   1 
ATOM   816  O O   . ALA A 1 111 ? -17.099 12.113  -5.258  1.00 31.60  ? 127 ALA A O   1 
ATOM   817  C CB  . ALA A 1 111 ? -15.617 11.247  -2.455  1.00 44.09  ? 127 ALA A CB  1 
ATOM   818  N N   . ARG A 1 112 ? -14.893 12.549  -5.193  1.00 37.57  ? 128 ARG A N   1 
ATOM   819  C CA  . ARG A 1 112 ? -14.639 12.162  -6.575  1.00 33.87  ? 128 ARG A CA  1 
ATOM   820  C C   . ARG A 1 112 ? -13.184 11.731  -6.680  1.00 31.52  ? 128 ARG A C   1 
ATOM   821  O O   . ARG A 1 112 ? -12.324 12.236  -5.955  1.00 31.23  ? 128 ARG A O   1 
ATOM   822  C CB  . ARG A 1 112 ? -14.947 13.302  -7.545  1.00 29.38  ? 128 ARG A CB  1 
ATOM   823  C CG  . ARG A 1 112 ? -13.995 14.482  -7.486  1.00 38.51  ? 128 ARG A CG  1 
ATOM   824  C CD  . ARG A 1 112 ? -14.404 15.560  -8.494  1.00 31.84  ? 128 ARG A CD  1 
ATOM   825  N NE  . ARG A 1 112 ? -14.638 15.000  -9.825  1.00 44.29  ? 128 ARG A NE  1 
ATOM   826  C CZ  . ARG A 1 112 ? -15.509 15.494  -10.705 1.00 43.32  ? 128 ARG A CZ  1 
ATOM   827  N NH1 . ARG A 1 112 ? -16.234 16.564  -10.395 1.00 38.76  ? 128 ARG A NH1 1 
ATOM   828  N NH2 . ARG A 1 112 ? -15.669 14.912  -11.891 1.00 37.04  ? 128 ARG A NH2 1 
ATOM   829  N N   . GLY A 1 113 ? -12.903 10.784  -7.559  1.00 26.17  ? 129 GLY A N   1 
ATOM   830  C CA  . GLY A 1 113 ? -11.554 10.273  -7.634  1.00 35.45  ? 129 GLY A CA  1 
ATOM   831  C C   . GLY A 1 113 ? -11.306 9.253   -8.714  1.00 28.27  ? 129 GLY A C   1 
ATOM   832  O O   . GLY A 1 113 ? -12.158 8.983   -9.562  1.00 22.48  ? 129 GLY A O   1 
ATOM   833  N N   . GLN A 1 114 ? -10.122 8.661   -8.646  1.00 17.90  ? 130 GLN A N   1 
ATOM   834  C CA  . GLN A 1 114 ? -9.603  7.847   -9.726  1.00 20.55  ? 130 GLN A CA  1 
ATOM   835  C C   . GLN A 1 114 ? -8.593  6.869   -9.141  1.00 23.07  ? 130 GLN A C   1 
ATOM   836  O O   . GLN A 1 114 ? -7.795  7.239   -8.268  1.00 16.90  ? 130 GLN A O   1 
ATOM   837  C CB  . GLN A 1 114 ? -8.976  8.753   -10.782 1.00 20.97  ? 130 GLN A CB  1 
ATOM   838  C CG  . GLN A 1 114 ? -8.223  8.083   -11.921 1.00 17.09  ? 130 GLN A CG  1 
ATOM   839  C CD  . GLN A 1 114 ? -7.630  9.123   -12.857 1.00 24.54  ? 130 GLN A CD  1 
ATOM   840  O OE1 . GLN A 1 114 ? -8.199  10.193  -13.026 1.00 30.83  ? 130 GLN A OE1 1 
ATOM   841  N NE2 . GLN A 1 114 ? -6.486  8.830   -13.447 1.00 19.41  ? 130 GLN A NE2 1 
ATOM   842  N N   . VAL A 1 115 ? -8.644  5.618   -9.585  1.00 16.27  ? 131 VAL A N   1 
ATOM   843  C CA  . VAL A 1 115 ? -7.668  4.625   -9.114  1.00 16.24  ? 131 VAL A CA  1 
ATOM   844  C C   . VAL A 1 115 ? -7.092  3.936   -10.344 1.00 18.04  ? 131 VAL A C   1 
ATOM   845  O O   . VAL A 1 115 ? -7.824  3.278   -11.084 1.00 23.72  ? 131 VAL A O   1 
ATOM   846  C CB  . VAL A 1 115 ? -8.308  3.601   -8.142  1.00 18.41  ? 131 VAL A CB  1 
ATOM   847  C CG1 . VAL A 1 115 ? -7.292  2.504   -7.728  1.00 22.87  ? 131 VAL A CG1 1 
ATOM   848  C CG2 . VAL A 1 115 ? -8.847  4.304   -6.890  1.00 14.33  ? 131 VAL A CG2 1 
ATOM   849  N N   . ASP A 1 116 ? -5.797  4.139   -10.575 1.00 15.00  ? 132 ASP A N   1 
ATOM   850  C CA  . ASP A 1 116 ? -5.073  3.612   -11.735 1.00 13.28  ? 132 ASP A CA  1 
ATOM   851  C C   . ASP A 1 116 ? -4.085  2.528   -11.350 1.00 15.91  ? 132 ASP A C   1 
ATOM   852  O O   . ASP A 1 116 ? -3.387  2.674   -10.354 1.00 16.59  ? 132 ASP A O   1 
ATOM   853  C CB  . ASP A 1 116 ? -4.261  4.716   -12.420 1.00 15.13  ? 132 ASP A CB  1 
ATOM   854  C CG  . ASP A 1 116 ? -5.125  5.739   -13.135 1.00 25.79  ? 132 ASP A CG  1 
ATOM   855  O OD1 . ASP A 1 116 ? -6.271  5.410   -13.465 1.00 30.90  ? 132 ASP A OD1 1 
ATOM   856  O OD2 . ASP A 1 116 ? -4.643  6.866   -13.372 1.00 29.39  ? 132 ASP A OD2 1 
ATOM   857  N N   . VAL A 1 117 ? -3.972  1.483   -12.163 1.00 19.41  ? 133 VAL A N   1 
ATOM   858  C CA  . VAL A 1 117 ? -2.869  0.544   -12.012 1.00 17.25  ? 133 VAL A CA  1 
ATOM   859  C C   . VAL A 1 117 ? -1.610  1.200   -12.556 1.00 20.59  ? 133 VAL A C   1 
ATOM   860  O O   . VAL A 1 117 ? -1.639  1.814   -13.612 1.00 17.00  ? 133 VAL A O   1 
ATOM   861  C CB  . VAL A 1 117 ? -3.146  -0.783  -12.751 1.00 21.08  ? 133 VAL A CB  1 
ATOM   862  C CG1 . VAL A 1 117 ? -1.957  -1.737  -12.614 1.00 19.13  ? 133 VAL A CG1 1 
ATOM   863  C CG2 . VAL A 1 117 ? -4.414  -1.418  -12.213 1.00 20.63  ? 133 VAL A CG2 1 
ATOM   864  N N   . VAL A 1 118 ? -0.511  1.100   -11.822 1.00 14.09  ? 134 VAL A N   1 
ATOM   865  C CA  . VAL A 1 118 ? 0.750   1.654   -12.288 1.00 17.51  ? 134 VAL A CA  1 
ATOM   866  C C   . VAL A 1 118 ? 1.816   0.565   -12.214 1.00 20.65  ? 134 VAL A C   1 
ATOM   867  O O   . VAL A 1 118 ? 1.608   -0.494  -11.618 1.00 14.73  ? 134 VAL A O   1 
ATOM   868  C CB  . VAL A 1 118 ? 1.190   2.888   -11.457 1.00 19.47  ? 134 VAL A CB  1 
ATOM   869  C CG1 . VAL A 1 118 ? 0.234   4.082   -11.653 1.00 16.59  ? 134 VAL A CG1 1 
ATOM   870  C CG2 . VAL A 1 118 ? 1.288   2.528   -9.997  1.00 18.97  ? 134 VAL A CG2 1 
ATOM   871  N N   . GLU A 1 119 ? 2.956   0.833   -12.829 1.00 22.24  ? 135 GLU A N   1 
ATOM   872  C CA  . GLU A 1 119 ? 4.088   -0.090  -12.827 1.00 24.56  ? 135 GLU A CA  1 
ATOM   873  C C   . GLU A 1 119 ? 4.492   -0.515  -11.411 1.00 15.93  ? 135 GLU A C   1 
ATOM   874  O O   . GLU A 1 119 ? 4.622   0.328   -10.524 1.00 19.29  ? 135 GLU A O   1 
ATOM   875  C CB  . GLU A 1 119 ? 5.259   0.580   -13.555 1.00 30.60  ? 135 GLU A CB  1 
ATOM   876  C CG  . GLU A 1 119 ? 6.573   -0.162  -13.557 1.00 45.44  ? 135 GLU A CG  1 
ATOM   877  C CD  . GLU A 1 119 ? 7.686   0.645   -14.232 1.00 58.14  ? 135 GLU A CD  1 
ATOM   878  O OE1 . GLU A 1 119 ? 8.058   1.726   -13.713 1.00 45.49  ? 135 GLU A OE1 1 
ATOM   879  O OE2 . GLU A 1 119 ? 8.182   0.200   -15.291 1.00 72.02  ? 135 GLU A OE2 1 
ATOM   880  N N   . SER A 1 120 ? 4.679   -1.823  -11.209 1.00 18.28  ? 136 SER A N   1 
ATOM   881  C CA  . SER A 1 120 ? 5.237   -2.360  -9.960  1.00 16.27  ? 136 SER A CA  1 
ATOM   882  C C   . SER A 1 120 ? 6.372   -3.354  -10.256 1.00 18.10  ? 136 SER A C   1 
ATOM   883  O O   . SER A 1 120 ? 6.387   -3.980  -11.306 1.00 16.76  ? 136 SER A O   1 
ATOM   884  C CB  . SER A 1 120 ? 4.142   -3.032  -9.127  1.00 16.22  ? 136 SER A CB  1 
ATOM   885  O OG  . SER A 1 120 ? 3.515   -4.060  -9.864  1.00 20.99  ? 136 SER A OG  1 
ATOM   886  N N   . PRO A 1 121 ? 7.324   -3.511  -9.329  1.00 18.29  ? 137 PRO A N   1 
ATOM   887  C CA  . PRO A 1 121 ? 8.531   -4.264  -9.707  1.00 20.61  ? 137 PRO A CA  1 
ATOM   888  C C   . PRO A 1 121 ? 8.339   -5.772  -9.796  1.00 16.69  ? 137 PRO A C   1 
ATOM   889  O O   . PRO A 1 121 ? 7.505   -6.353  -9.087  1.00 15.12  ? 137 PRO A O   1 
ATOM   890  C CB  . PRO A 1 121 ? 9.513   -3.935  -8.578  1.00 18.03  ? 137 PRO A CB  1 
ATOM   891  C CG  . PRO A 1 121 ? 8.607   -3.652  -7.392  1.00 20.15  ? 137 PRO A CG  1 
ATOM   892  C CD  . PRO A 1 121 ? 7.449   -2.905  -7.989  1.00 21.62  ? 137 PRO A CD  1 
ATOM   893  N N   . GLN A 1 122 ? 9.133   -6.400  -10.660 1.00 19.54  ? 138 GLN A N   1 
ATOM   894  C CA  . GLN A 1 122 ? 9.207   -7.853  -10.701 1.00 14.26  ? 138 GLN A CA  1 
ATOM   895  C C   . GLN A 1 122 ? 9.888   -8.313  -9.436  1.00 15.04  ? 138 GLN A C   1 
ATOM   896  O O   . GLN A 1 122 ? 10.976  -7.846  -9.125  1.00 19.19  ? 138 GLN A O   1 
ATOM   897  C CB  . GLN A 1 122 ? 9.989   -8.348  -11.921 1.00 15.76  ? 138 GLN A CB  1 
ATOM   898  C CG  . GLN A 1 122 ? 10.002  -9.874  -12.070 1.00 16.84  ? 138 GLN A CG  1 
ATOM   899  C CD  . GLN A 1 122 ? 10.767  -10.318 -13.307 1.00 37.83  ? 138 GLN A CD  1 
ATOM   900  O OE1 . GLN A 1 122 ? 10.277  -10.205 -14.438 1.00 23.94  ? 138 GLN A OE1 1 
ATOM   901  N NE2 . GLN A 1 122 ? 11.988  -10.808 -13.102 1.00 30.53  ? 138 GLN A NE2 1 
ATOM   902  N N   . ILE A 1 123 ? 9.254   -9.223  -8.710  1.00 14.54  ? 139 ILE A N   1 
ATOM   903  C CA  . ILE A 1 123 ? 9.878   -9.821  -7.541  1.00 16.98  ? 139 ILE A CA  1 
ATOM   904  C C   . ILE A 1 123 ? 9.773   -11.338 -7.636  1.00 20.16  ? 139 ILE A C   1 
ATOM   905  O O   . ILE A 1 123 ? 8.681   -11.875 -7.801  1.00 18.27  ? 139 ILE A O   1 
ATOM   906  C CB  . ILE A 1 123 ? 9.233   -9.345  -6.222  1.00 17.63  ? 139 ILE A CB  1 
ATOM   907  C CG1 . ILE A 1 123 ? 9.457   -7.844  -6.021  1.00 18.73  ? 139 ILE A CG1 1 
ATOM   908  C CG2 . ILE A 1 123 ? 9.822   -10.142 -5.028  1.00 15.12  ? 139 ILE A CG2 1 
ATOM   909  C CD1 . ILE A 1 123 ? 8.855   -7.303  -4.728  1.00 13.61  ? 139 ILE A CD1 1 
ATOM   910  N N   . ASP A 1 124 ? 10.909  -12.019 -7.534  1.00 20.61  ? 140 ASP A N   1 
ATOM   911  C CA  . ASP A 1 124 ? 10.946  -13.477 -7.678  1.00 23.17  ? 140 ASP A CA  1 
ATOM   912  C C   . ASP A 1 124 ? 9.964   -14.191 -6.763  1.00 21.08  ? 140 ASP A C   1 
ATOM   913  O O   . ASP A 1 124 ? 9.933   -13.950 -5.546  1.00 20.67  ? 140 ASP A O   1 
ATOM   914  C CB  . ASP A 1 124 ? 12.356  -14.002 -7.421  1.00 28.48  ? 140 ASP A CB  1 
ATOM   915  C CG  . ASP A 1 124 ? 13.335  -13.593 -8.511  1.00 36.90  ? 140 ASP A CG  1 
ATOM   916  O OD1 . ASP A 1 124 ? 12.885  -13.337 -9.650  1.00 40.44  ? 140 ASP A OD1 1 
ATOM   917  O OD2 . ASP A 1 124 ? 14.554  -13.523 -8.230  1.00 59.70  ? 140 ASP A OD2 1 
ATOM   918  N N   . ASP A 1 125 ? 9.158   -15.058 -7.371  1.00 19.31  ? 141 ASP A N   1 
ATOM   919  C CA  . ASP A 1 125 ? 8.197   -15.883 -6.655  1.00 21.84  ? 141 ASP A CA  1 
ATOM   920  C C   . ASP A 1 125 ? 7.224   -15.047 -5.838  1.00 22.79  ? 141 ASP A C   1 
ATOM   921  O O   . ASP A 1 125 ? 6.836   -15.426 -4.734  1.00 20.88  ? 141 ASP A O   1 
ATOM   922  C CB  . ASP A 1 125 ? 8.923   -16.872 -5.749  1.00 27.45  ? 141 ASP A CB  1 
ATOM   923  C CG  . ASP A 1 125 ? 9.825   -17.800 -6.526  1.00 45.15  ? 141 ASP A CG  1 
ATOM   924  O OD1 . ASP A 1 125 ? 9.343   -18.394 -7.522  1.00 40.33  ? 141 ASP A OD1 1 
ATOM   925  O OD2 . ASP A 1 125 ? 11.014  -17.915 -6.150  1.00 49.14  ? 141 ASP A OD2 1 
ATOM   926  N N   . ALA A 1 126 ? 6.848   -13.899 -6.380  1.00 19.03  ? 142 ALA A N   1 
ATOM   927  C CA  . ALA A 1 126 ? 5.856   -13.046 -5.748  1.00 17.50  ? 142 ALA A CA  1 
ATOM   928  C C   . ALA A 1 126 ? 5.009   -12.436 -6.842  1.00 16.34  ? 142 ALA A C   1 
ATOM   929  O O   . ALA A 1 126 ? 5.458   -12.316 -7.984  1.00 22.94  ? 142 ALA A O   1 
ATOM   930  C CB  . ALA A 1 126 ? 6.528   -11.953 -4.891  1.00 16.45  ? 142 ALA A CB  1 
ATOM   931  N N   . ARG A 1 127 ? 3.766   -12.098 -6.518  1.00 18.02  ? 143 ARG A N   1 
ATOM   932  C CA  . ARG A 1 127 ? 2.958   -11.299 -7.425  1.00 21.27  ? 143 ARG A CA  1 
ATOM   933  C C   . ARG A 1 127 ? 2.980   -9.883  -6.891  1.00 18.80  ? 143 ARG A C   1 
ATOM   934  O O   . ARG A 1 127 ? 2.878   -9.671  -5.680  1.00 15.38  ? 143 ARG A O   1 
ATOM   935  C CB  . ARG A 1 127 ? 1.520   -11.823 -7.526  1.00 23.41  ? 143 ARG A CB  1 
ATOM   936  C CG  . ARG A 1 127 ? 1.353   -13.072 -8.402  1.00 32.31  ? 143 ARG A CG  1 
ATOM   937  C CD  . ARG A 1 127 ? -0.048  -13.632 -8.234  1.00 35.93  ? 143 ARG A CD  1 
ATOM   938  N NE  . ARG A 1 127 ? -0.275  -14.004 -6.838  1.00 49.76  ? 143 ARG A NE  1 
ATOM   939  C CZ  . ARG A 1 127 ? -1.469  -14.200 -6.280  1.00 52.55  ? 143 ARG A CZ  1 
ATOM   940  N NH1 . ARG A 1 127 ? -2.587  -14.055 -6.994  1.00 35.24  ? 143 ARG A NH1 1 
ATOM   941  N NH2 . ARG A 1 127 ? -1.535  -14.539 -4.997  1.00 43.13  ? 143 ARG A NH2 1 
ATOM   942  N N   . THR A 1 128 ? 3.131   -8.919  -7.783  1.00 13.88  ? 144 THR A N   1 
ATOM   943  C CA  . THR A 1 128 ? 3.138   -7.529  -7.362  1.00 14.58  ? 144 THR A CA  1 
ATOM   944  C C   . THR A 1 128 ? 2.133   -6.712  -8.151  1.00 14.54  ? 144 THR A C   1 
ATOM   945  O O   . THR A 1 128 ? 1.916   -6.928  -9.349  1.00 18.49  ? 144 THR A O   1 
ATOM   946  C CB  . THR A 1 128 ? 4.530   -6.907  -7.500  1.00 13.46  ? 144 THR A CB  1 
ATOM   947  O OG1 . THR A 1 128 ? 4.956   -7.008  -8.861  1.00 18.05  ? 144 THR A OG1 1 
ATOM   948  C CG2 . THR A 1 128 ? 5.537   -7.632  -6.601  1.00 10.13  ? 144 THR A CG2 1 
ATOM   949  N N   . VAL A 1 129 ? 1.521   -5.767  -7.458  1.00 14.33  ? 145 VAL A N   1 
ATOM   950  C CA  . VAL A 1 129 ? 0.506   -4.895  -8.044  1.00 16.62  ? 145 VAL A CA  1 
ATOM   951  C C   . VAL A 1 129 ? 0.765   -3.476  -7.542  1.00 15.44  ? 145 VAL A C   1 
ATOM   952  O O   . VAL A 1 129 ? 1.004   -3.280  -6.349  1.00 16.90  ? 145 VAL A O   1 
ATOM   953  C CB  . VAL A 1 129 ? -0.923  -5.333  -7.658  1.00 15.91  ? 145 VAL A CB  1 
ATOM   954  C CG1 . VAL A 1 129 ? -1.956  -4.365  -8.269  1.00 20.92  ? 145 VAL A CG1 1 
ATOM   955  C CG2 . VAL A 1 129 ? -1.193  -6.763  -8.106  1.00 18.53  ? 145 VAL A CG2 1 
ATOM   956  N N   . GLY A 1 130 ? 0.746   -2.493  -8.433  1.00 16.39  ? 146 GLY A N   1 
ATOM   957  C CA  . GLY A 1 130 ? 0.940   -1.108  -8.017  1.00 15.59  ? 146 GLY A CA  1 
ATOM   958  C C   . GLY A 1 130 ? -0.299  -0.310  -8.365  1.00 19.19  ? 146 GLY A C   1 
ATOM   959  O O   . GLY A 1 130 ? -0.883  -0.555  -9.415  1.00 14.52  ? 146 GLY A O   1 
ATOM   960  N N   . THR A 1 131 ? -0.746  0.598   -7.492  1.00 11.08  ? 147 THR A N   1 
ATOM   961  C CA  . THR A 1 131 ? -1.821  1.502   -7.906  1.00 17.31  ? 147 THR A CA  1 
ATOM   962  C C   . THR A 1 131 ? -1.558  2.930   -7.468  1.00 19.59  ? 147 THR A C   1 
ATOM   963  O O   . THR A 1 131 ? -0.738  3.200   -6.589  1.00 17.01  ? 147 THR A O   1 
ATOM   964  C CB  . THR A 1 131 ? -3.240  1.088   -7.371  1.00 18.36  ? 147 THR A CB  1 
ATOM   965  O OG1 . THR A 1 131 ? -3.235  1.016   -5.941  1.00 21.00  ? 147 THR A OG1 1 
ATOM   966  C CG2 . THR A 1 131 ? -3.695  -0.250  -7.951  1.00 23.61  ? 147 THR A CG2 1 
ATOM   967  N N   . HIS A 1 132 ? -2.274  3.835   -8.123  1.00 15.80  ? 148 HIS A N   1 
ATOM   968  C CA  . HIS A 1 132 ? -2.214  5.252   -7.851  1.00 12.61  ? 148 HIS A CA  1 
ATOM   969  C C   . HIS A 1 132 ? -3.641  5.701   -7.559  1.00 20.52  ? 148 HIS A C   1 
ATOM   970  O O   . HIS A 1 132 ? -4.519  5.612   -8.417  1.00 20.65  ? 148 HIS A O   1 
ATOM   971  C CB  . HIS A 1 132 ? -1.630  5.988   -9.050  1.00 18.70  ? 148 HIS A CB  1 
ATOM   972  C CG  . HIS A 1 132 ? -1.526  7.470   -8.876  1.00 24.05  ? 148 HIS A CG  1 
ATOM   973  N ND1 . HIS A 1 132 ? -1.432  8.336   -9.949  1.00 22.10  ? 148 HIS A ND1 1 
ATOM   974  C CD2 . HIS A 1 132 ? -1.458  8.244   -7.767  1.00 22.90  ? 148 HIS A CD2 1 
ATOM   975  C CE1 . HIS A 1 132 ? -1.328  9.573   -9.507  1.00 28.24  ? 148 HIS A CE1 1 
ATOM   976  N NE2 . HIS A 1 132 ? -1.339  9.550   -8.186  1.00 25.16  ? 148 HIS A NE2 1 
ATOM   977  N N   . ARG A 1 133 ? -3.877  6.130   -6.334  1.00 12.38  ? 149 ARG A N   1 
ATOM   978  C CA  . ARG A 1 133 ? -5.180  6.631   -5.930  1.00 16.34  ? 149 ARG A CA  1 
ATOM   979  C C   . ARG A 1 133 ? -5.153  8.160   -5.868  1.00 24.76  ? 149 ARG A C   1 
ATOM   980  O O   . ARG A 1 133 ? -4.300  8.748   -5.194  1.00 22.09  ? 149 ARG A O   1 
ATOM   981  C CB  . ARG A 1 133 ? -5.582  6.048   -4.571  1.00 16.88  ? 149 ARG A CB  1 
ATOM   982  C CG  . ARG A 1 133 ? -5.485  4.516   -4.493  1.00 24.15  ? 149 ARG A CG  1 
ATOM   983  C CD  . ARG A 1 133 ? -5.856  3.957   -3.093  1.00 25.18  ? 149 ARG A CD  1 
ATOM   984  N NE  . ARG A 1 133 ? -7.253  4.225   -2.753  1.00 26.42  ? 149 ARG A NE  1 
ATOM   985  C CZ  . ARG A 1 133 ? -8.283  3.483   -3.161  1.00 31.41  ? 149 ARG A CZ  1 
ATOM   986  N NH1 . ARG A 1 133 ? -8.087  2.406   -3.919  1.00 22.12  ? 149 ARG A NH1 1 
ATOM   987  N NH2 . ARG A 1 133 ? -9.513  3.817   -2.802  1.00 20.74  ? 149 ARG A NH2 1 
ATOM   988  N N   . ILE A 1 134 ? -6.079  8.804   -6.571  1.00 18.25  ? 150 ILE A N   1 
ATOM   989  C CA  . ILE A 1 134 ? -6.222  10.264  -6.497  1.00 20.99  ? 150 ILE A CA  1 
ATOM   990  C C   . ILE A 1 134 ? -7.631  10.588  -6.048  1.00 29.22  ? 150 ILE A C   1 
ATOM   991  O O   . ILE A 1 134 ? -8.567  10.433  -6.828  1.00 26.45  ? 150 ILE A O   1 
ATOM   992  C CB  . ILE A 1 134 ? -5.954  10.937  -7.842  1.00 25.43  ? 150 ILE A CB  1 
ATOM   993  C CG1 . ILE A 1 134 ? -4.618  10.468  -8.408  1.00 27.73  ? 150 ILE A CG1 1 
ATOM   994  C CG2 . ILE A 1 134 ? -5.946  12.451  -7.696  1.00 34.95  ? 150 ILE A CG2 1 
ATOM   995  C CD1 . ILE A 1 134 ? -4.696  10.103  -9.874  1.00 37.80  ? 150 ILE A CD1 1 
ATOM   996  N N   . ILE A 1 135 ? -7.789  11.020  -4.798  1.00 27.22  ? 151 ILE A N   1 
ATOM   997  C CA  . ILE A 1 135 ? -9.128  11.194  -4.232  1.00 33.21  ? 151 ILE A CA  1 
ATOM   998  C C   . ILE A 1 135 ? -9.415  12.614  -3.763  1.00 38.08  ? 151 ILE A C   1 
ATOM   999  O O   . ILE A 1 135 ? -8.647  13.195  -3.002  1.00 37.07  ? 151 ILE A O   1 
ATOM   1000 C CB  . ILE A 1 135 ? -9.372  10.272  -3.023  1.00 33.24  ? 151 ILE A CB  1 
ATOM   1001 C CG1 . ILE A 1 135 ? -8.828  8.860   -3.270  1.00 39.17  ? 151 ILE A CG1 1 
ATOM   1002 C CG2 . ILE A 1 135 ? -10.860 10.237  -2.686  1.00 34.61  ? 151 ILE A CG2 1 
ATOM   1003 C CD1 . ILE A 1 135 ? -9.432  8.182   -4.465  1.00 33.35  ? 151 ILE A CD1 1 
ATOM   1004 N N   . GLN A 1 136 ? -10.541 13.156  -4.204  1.00 33.09  ? 152 GLN A N   1 
ATOM   1005 C CA  . GLN A 1 136 ? -10.977 14.470  -3.756  1.00 39.79  ? 152 GLN A CA  1 
ATOM   1006 C C   . GLN A 1 136 ? -12.167 14.308  -2.816  1.00 51.48  ? 152 GLN A C   1 
ATOM   1007 O O   . GLN A 1 136 ? -13.169 13.685  -3.182  1.00 36.42  ? 152 GLN A O   1 
ATOM   1008 C CB  . GLN A 1 136 ? -11.339 15.349  -4.949  1.00 42.28  ? 152 GLN A CB  1 
ATOM   1009 C CG  . GLN A 1 136 ? -11.759 16.750  -4.578  1.00 56.21  ? 152 GLN A CG  1 
ATOM   1010 C CD  . GLN A 1 136 ? -11.837 17.666  -5.779  1.00 58.59  ? 152 GLN A CD  1 
ATOM   1011 O OE1 . GLN A 1 136 ? -11.745 17.222  -6.925  1.00 72.95  ? 152 GLN A OE1 1 
ATOM   1012 N NE2 . GLN A 1 136 ? -11.998 18.956  -5.524  1.00 69.65  ? 152 GLN A NE2 1 
ATOM   1013 N N   . THR A 1 137 ? -12.042 14.844  -1.600  1.00 51.00  ? 153 THR A N   1 
ATOM   1014 C CA  . THR A 1 137 ? -13.079 14.682  -0.577  1.00 50.51  ? 153 THR A CA  1 
ATOM   1015 C C   . THR A 1 137 ? -13.522 16.040  -0.053  1.00 52.05  ? 153 THR A C   1 
ATOM   1016 O O   . THR A 1 137 ? -12.742 16.990  -0.052  1.00 53.20  ? 153 THR A O   1 
ATOM   1017 C CB  . THR A 1 137 ? -12.580 13.802  0.562   1.00 44.03  ? 153 THR A CB  1 
ATOM   1018 N N   . MET A 1 138 ? -14.776 16.124  0.384   1.00 58.12  ? 154 MET A N   1 
ATOM   1019 C CA  . MET A 1 138 ? -15.379 17.394  0.795   1.00 56.48  ? 154 MET A CA  1 
ATOM   1020 C C   . MET A 1 138 ? -14.889 17.851  2.171   1.00 63.28  ? 154 MET A C   1 
ATOM   1021 O O   . MET A 1 138 ? -14.248 18.902  2.302   1.00 57.92  ? 154 MET A O   1 
ATOM   1022 C CB  . MET A 1 138 ? -16.890 17.276  0.788   1.00 45.31  ? 154 MET A CB  1 
ATOM   1023 N N   . ARG A 1 144 ? -8.646  19.824  -1.471  1.00 66.16  ? 160 ARG A N   1 
ATOM   1024 C CA  . ARG A 1 144 ? -9.533  18.694  -1.238  1.00 58.22  ? 160 ARG A CA  1 
ATOM   1025 C C   . ARG A 1 144 ? -8.892  17.378  -1.693  1.00 59.42  ? 160 ARG A C   1 
ATOM   1026 O O   . ARG A 1 144 ? -9.221  16.300  -1.176  1.00 51.48  ? 160 ARG A O   1 
ATOM   1027 C CB  . ARG A 1 144 ? -10.861 18.919  -1.946  1.00 54.49  ? 160 ARG A CB  1 
ATOM   1028 N N   . THR A 1 145 ? -7.963  17.480  -2.644  1.00 53.28  ? 161 THR A N   1 
ATOM   1029 C CA  . THR A 1 145 ? -7.324  16.315  -3.254  1.00 49.63  ? 161 THR A CA  1 
ATOM   1030 C C   . THR A 1 145 ? -6.339  15.600  -2.323  1.00 46.38  ? 161 THR A C   1 
ATOM   1031 O O   . THR A 1 145 ? -5.506  16.228  -1.682  1.00 45.41  ? 161 THR A O   1 
ATOM   1032 C CB  . THR A 1 145 ? -6.622  16.730  -4.541  1.00 46.06  ? 161 THR A CB  1 
ATOM   1033 N N   . GLY A 1 146 ? -6.451  14.276  -2.263  1.00 44.61  ? 162 GLY A N   1 
ATOM   1034 C CA  . GLY A 1 146 ? -5.545  13.438  -1.496  1.00 34.26  ? 162 GLY A CA  1 
ATOM   1035 C C   . GLY A 1 146 ? -5.025  12.312  -2.381  1.00 40.81  ? 162 GLY A C   1 
ATOM   1036 O O   . GLY A 1 146 ? -5.800  11.598  -3.026  1.00 38.50  ? 162 GLY A O   1 
ATOM   1037 N N   . GLU A 1 147 ? -3.708  12.146  -2.412  1.00 26.33  ? 163 GLU A N   1 
ATOM   1038 C CA  . GLU A 1 147 ? -3.077  11.269  -3.389  1.00 25.67  ? 163 GLU A CA  1 
ATOM   1039 C C   . GLU A 1 147 ? -2.149  10.246  -2.729  1.00 28.76  ? 163 GLU A C   1 
ATOM   1040 O O   . GLU A 1 147 ? -1.473  10.570  -1.757  1.00 49.27  ? 163 GLU A O   1 
ATOM   1041 C CB  . GLU A 1 147 ? -2.308  12.127  -4.394  1.00 25.43  ? 163 GLU A CB  1 
ATOM   1042 C CG  . GLU A 1 147 ? -1.532  11.378  -5.435  1.00 30.95  ? 163 GLU A CG  1 
ATOM   1043 C CD  . GLU A 1 147 ? -0.897  12.314  -6.445  1.00 34.27  ? 163 GLU A CD  1 
ATOM   1044 O OE1 . GLU A 1 147 ? -0.352  11.834  -7.452  1.00 32.47  ? 163 GLU A OE1 1 
ATOM   1045 O OE2 . GLU A 1 147 ? -0.949  13.541  -6.232  1.00 42.96  ? 163 GLU A OE2 1 
ATOM   1046 N N   . LEU A 1 148 ? -2.130  9.013   -3.245  1.00 22.65  ? 164 LEU A N   1 
ATOM   1047 C CA  . LEU A 1 148 ? -1.129  8.038   -2.796  1.00 19.91  ? 164 LEU A CA  1 
ATOM   1048 C C   . LEU A 1 148 ? -0.801  6.985   -3.846  1.00 22.99  ? 164 LEU A C   1 
ATOM   1049 O O   . LEU A 1 148 ? -1.560  6.769   -4.800  1.00 21.75  ? 164 LEU A O   1 
ATOM   1050 C CB  . LEU A 1 148 ? -1.581  7.354   -1.493  1.00 21.96  ? 164 LEU A CB  1 
ATOM   1051 C CG  . LEU A 1 148 ? -2.810  6.441   -1.415  1.00 25.39  ? 164 LEU A CG  1 
ATOM   1052 C CD1 . LEU A 1 148 ? -2.512  5.048   -1.933  1.00 27.64  ? 164 LEU A CD1 1 
ATOM   1053 C CD2 . LEU A 1 148 ? -3.331  6.359   0.011   1.00 30.78  ? 164 LEU A CD2 1 
ATOM   1054 N N   . TYR A 1 149 ? 0.353   6.354   -3.660  1.00 18.69  ? 165 TYR A N   1 
ATOM   1055 C CA  . TYR A 1 149 ? 0.743   5.177   -4.408  1.00 18.43  ? 165 TYR A CA  1 
ATOM   1056 C C   . TYR A 1 149 ? 0.800   3.993   -3.451  1.00 23.54  ? 165 TYR A C   1 
ATOM   1057 O O   . TYR A 1 149 ? 1.213   4.138   -2.296  1.00 21.36  ? 165 TYR A O   1 
ATOM   1058 C CB  . TYR A 1 149 ? 2.083   5.388   -5.098  1.00 16.18  ? 165 TYR A CB  1 
ATOM   1059 C CG  . TYR A 1 149 ? 2.022   6.360   -6.243  1.00 20.51  ? 165 TYR A CG  1 
ATOM   1060 C CD1 . TYR A 1 149 ? 1.938   5.907   -7.551  1.00 22.45  ? 165 TYR A CD1 1 
ATOM   1061 C CD2 . TYR A 1 149 ? 2.044   7.742   -6.028  1.00 23.30  ? 165 TYR A CD2 1 
ATOM   1062 C CE1 . TYR A 1 149 ? 1.891   6.789   -8.609  1.00 24.60  ? 165 TYR A CE1 1 
ATOM   1063 C CE2 . TYR A 1 149 ? 1.997   8.637   -7.099  1.00 22.52  ? 165 TYR A CE2 1 
ATOM   1064 C CZ  . TYR A 1 149 ? 1.917   8.148   -8.380  1.00 25.67  ? 165 TYR A CZ  1 
ATOM   1065 O OH  . TYR A 1 149 ? 1.874   9.008   -9.459  1.00 26.62  ? 165 TYR A OH  1 
ATOM   1066 N N   . ASN A 1 150 ? 0.335   2.841   -3.934  1.00 15.42  ? 166 ASN A N   1 
ATOM   1067 C CA  . ASN A 1 150 ? 0.284   1.593   -3.181  1.00 20.53  ? 166 ASN A CA  1 
ATOM   1068 C C   . ASN A 1 150 ? 1.028   0.532   -3.963  1.00 17.16  ? 166 ASN A C   1 
ATOM   1069 O O   . ASN A 1 150 ? 0.759   0.358   -5.148  1.00 17.69  ? 166 ASN A O   1 
ATOM   1070 C CB  . ASN A 1 150 ? -1.158  1.111   -2.993  1.00 25.93  ? 166 ASN A CB  1 
ATOM   1071 C CG  . ASN A 1 150 ? -1.723  1.448   -1.651  1.00 37.00  ? 166 ASN A CG  1 
ATOM   1072 O OD1 . ASN A 1 150 ? -1.034  1.375   -0.634  1.00 52.06  ? 166 ASN A OD1 1 
ATOM   1073 N ND2 . ASN A 1 150 ? -2.999  1.810   -1.627  1.00 43.92  ? 166 ASN A ND2 1 
ATOM   1074 N N   . TYR A 1 151 ? 1.922   -0.201  -3.316  1.00 15.22  ? 167 TYR A N   1 
ATOM   1075 C CA  . TYR A 1 151 ? 2.569   -1.324  -3.988  1.00 11.83  ? 167 TYR A CA  1 
ATOM   1076 C C   . TYR A 1 151 ? 2.421   -2.514  -3.076  1.00 18.89  ? 167 TYR A C   1 
ATOM   1077 O O   . TYR A 1 151 ? 2.716   -2.444  -1.887  1.00 12.11  ? 167 TYR A O   1 
ATOM   1078 C CB  . TYR A 1 151 ? 4.038   -1.040  -4.307  1.00 13.41  ? 167 TYR A CB  1 
ATOM   1079 C CG  . TYR A 1 151 ? 4.183   0.168   -5.196  1.00 16.93  ? 167 TYR A CG  1 
ATOM   1080 C CD1 . TYR A 1 151 ? 4.177   0.034   -6.578  1.00 18.73  ? 167 TYR A CD1 1 
ATOM   1081 C CD2 . TYR A 1 151 ? 4.283   1.451   -4.657  1.00 16.17  ? 167 TYR A CD2 1 
ATOM   1082 C CE1 . TYR A 1 151 ? 4.275   1.144   -7.403  1.00 18.95  ? 167 TYR A CE1 1 
ATOM   1083 C CE2 . TYR A 1 151 ? 4.388   2.570   -5.482  1.00 13.19  ? 167 TYR A CE2 1 
ATOM   1084 C CZ  . TYR A 1 151 ? 4.386   2.408   -6.846  1.00 17.25  ? 167 TYR A CZ  1 
ATOM   1085 O OH  . TYR A 1 151 ? 4.486   3.510   -7.672  1.00 20.73  ? 167 TYR A OH  1 
ATOM   1086 N N   . VAL A 1 152 ? 1.933   -3.603  -3.649  1.00 12.29  ? 168 VAL A N   1 
ATOM   1087 C CA  . VAL A 1 152 ? 1.622   -4.796  -2.900  1.00 12.30  ? 168 VAL A CA  1 
ATOM   1088 C C   . VAL A 1 152 ? 2.426   -5.971  -3.433  1.00 14.76  ? 168 VAL A C   1 
ATOM   1089 O O   . VAL A 1 152 ? 2.448   -6.187  -4.646  1.00 15.42  ? 168 VAL A O   1 
ATOM   1090 C CB  . VAL A 1 152 ? 0.118   -5.122  -3.018  1.00 13.72  ? 168 VAL A CB  1 
ATOM   1091 C CG1 . VAL A 1 152 ? -0.190  -6.501  -2.399  1.00 16.22  ? 168 VAL A CG1 1 
ATOM   1092 C CG2 . VAL A 1 152 ? -0.709  -4.038  -2.376  1.00 14.56  ? 168 VAL A CG2 1 
ATOM   1093 N N   . ALA A 1 153 ? 3.076   -6.721  -2.547  1.00 13.83  ? 169 ALA A N   1 
ATOM   1094 C CA  . ALA A 1 153 ? 3.720   -7.970  -2.949  1.00 11.81  ? 169 ALA A CA  1 
ATOM   1095 C C   . ALA A 1 153 ? 3.138   -9.122  -2.164  1.00 19.20  ? 169 ALA A C   1 
ATOM   1096 O O   . ALA A 1 153 ? 3.072   -9.067  -0.942  1.00 19.10  ? 169 ALA A O   1 
ATOM   1097 C CB  . ALA A 1 153 ? 5.226   -7.904  -2.746  1.00 13.68  ? 169 ALA A CB  1 
ATOM   1098 N N   . SER A 1 154 ? 2.726   -10.166 -2.879  1.00 15.44  ? 170 SER A N   1 
ATOM   1099 C CA  . SER A 1 154 ? 2.104   -11.340 -2.287  1.00 14.84  ? 170 SER A CA  1 
ATOM   1100 C C   . SER A 1 154 ? 2.944   -12.589 -2.531  1.00 14.78  ? 170 SER A C   1 
ATOM   1101 O O   . SER A 1 154 ? 3.286   -12.880 -3.671  1.00 15.46  ? 170 SER A O   1 
ATOM   1102 C CB  . SER A 1 154 ? 0.711   -11.549 -2.888  1.00 22.32  ? 170 SER A CB  1 
ATOM   1103 O OG  . SER A 1 154 ? 0.206   -12.826 -2.554  1.00 30.76  ? 170 SER A OG  1 
ATOM   1104 N N   . PHE A 1 155 ? 3.277   -13.317 -1.472  1.00 18.28  ? 171 PHE A N   1 
ATOM   1105 C CA  . PHE A 1 155 ? 3.935   -14.609 -1.623  1.00 22.15  ? 171 PHE A CA  1 
ATOM   1106 C C   . PHE A 1 155 ? 3.550   -15.477 -0.446  1.00 22.46  ? 171 PHE A C   1 
ATOM   1107 O O   . PHE A 1 155 ? 3.625   -15.050 0.700   1.00 18.19  ? 171 PHE A O   1 
ATOM   1108 C CB  . PHE A 1 155 ? 5.467   -14.469 -1.741  1.00 20.36  ? 171 PHE A CB  1 
ATOM   1109 C CG  . PHE A 1 155 ? 6.101   -13.711 -0.617  1.00 16.45  ? 171 PHE A CG  1 
ATOM   1110 C CD1 . PHE A 1 155 ? 6.063   -12.325 -0.585  1.00 25.07  ? 171 PHE A CD1 1 
ATOM   1111 C CD2 . PHE A 1 155 ? 6.755   -14.381 0.405   1.00 23.98  ? 171 PHE A CD2 1 
ATOM   1112 C CE1 . PHE A 1 155 ? 6.652   -11.615 0.449   1.00 25.01  ? 171 PHE A CE1 1 
ATOM   1113 C CE2 . PHE A 1 155 ? 7.347   -13.676 1.445   1.00 21.83  ? 171 PHE A CE2 1 
ATOM   1114 C CZ  . PHE A 1 155 ? 7.301   -12.292 1.464   1.00 18.65  ? 171 PHE A CZ  1 
ATOM   1115 N N   . ASP A 1 156 ? 3.113   -16.696 -0.739  1.00 26.74  ? 172 ASP A N   1 
ATOM   1116 C CA  . ASP A 1 156 ? 2.654   -17.611 0.300   1.00 25.47  ? 172 ASP A CA  1 
ATOM   1117 C C   . ASP A 1 156 ? 1.647   -16.907 1.197   1.00 18.05  ? 172 ASP A C   1 
ATOM   1118 O O   . ASP A 1 156 ? 0.709   -16.270 0.706   1.00 20.90  ? 172 ASP A O   1 
ATOM   1119 C CB  . ASP A 1 156 ? 3.826   -18.128 1.121   1.00 25.52  ? 172 ASP A CB  1 
ATOM   1120 C CG  . ASP A 1 156 ? 4.770   -18.971 0.304   1.00 47.34  ? 172 ASP A CG  1 
ATOM   1121 O OD1 . ASP A 1 156 ? 4.305   -19.620 -0.666  1.00 51.26  ? 172 ASP A OD1 1 
ATOM   1122 O OD2 . ASP A 1 156 ? 5.976   -18.978 0.627   1.00 60.52  ? 172 ASP A OD2 1 
ATOM   1123 N N   . ASN A 1 157 ? 1.851   -16.997 2.506   1.00 18.45  ? 173 ASN A N   1 
ATOM   1124 C CA  A ASN A 1 157 ? 0.938   -16.354 3.443   0.64 20.38  ? 173 ASN A CA  1 
ATOM   1125 C CA  B ASN A 1 157 ? 0.951   -16.359 3.460   0.36 22.43  ? 173 ASN A CA  1 
ATOM   1126 C C   . ASN A 1 157 ? 1.476   -15.002 3.905   1.00 18.32  ? 173 ASN A C   1 
ATOM   1127 O O   . ASN A 1 157 ? 1.145   -14.527 4.990   1.00 19.34  ? 173 ASN A O   1 
ATOM   1128 C CB  A ASN A 1 157 ? 0.669   -17.273 4.632   0.64 18.73  ? 173 ASN A CB  1 
ATOM   1129 C CB  B ASN A 1 157 ? 0.722   -17.257 4.680   0.36 18.27  ? 173 ASN A CB  1 
ATOM   1130 C CG  A ASN A 1 157 ? 0.019   -18.590 4.209   0.64 21.50  ? 173 ASN A CG  1 
ATOM   1131 C CG  B ASN A 1 157 ? 2.011   -17.640 5.391   0.36 18.58  ? 173 ASN A CG  1 
ATOM   1132 O OD1 A ASN A 1 157 ? -0.412  -18.735 3.066   0.64 28.34  ? 173 ASN A OD1 1 
ATOM   1133 O OD1 B ASN A 1 157 ? 2.933   -16.843 5.515   0.36 29.66  ? 173 ASN A OD1 1 
ATOM   1134 N ND2 A ASN A 1 157 ? -0.046  -19.548 5.121   0.64 21.51  ? 173 ASN A ND2 1 
ATOM   1135 N ND2 B ASN A 1 157 ? 2.071   -18.874 5.873   0.36 36.00  ? 173 ASN A ND2 1 
ATOM   1136 N N   . TYR A 1 158 ? 2.309   -14.391 3.068   1.00 15.94  ? 174 TYR A N   1 
ATOM   1137 C CA  . TYR A 1 158 ? 2.873   -13.091 3.395   1.00 17.91  ? 174 TYR A CA  1 
ATOM   1138 C C   . TYR A 1 158 ? 2.366   -12.053 2.434   1.00 18.36  ? 174 TYR A C   1 
ATOM   1139 O O   . TYR A 1 158 ? 2.144   -12.311 1.247   1.00 13.81  ? 174 TYR A O   1 
ATOM   1140 C CB  . TYR A 1 158 ? 4.406   -13.106 3.358   1.00 16.27  ? 174 TYR A CB  1 
ATOM   1141 C CG  . TYR A 1 158 ? 5.048   -13.884 4.475   1.00 21.38  ? 174 TYR A CG  1 
ATOM   1142 C CD1 . TYR A 1 158 ? 5.395   -13.265 5.666   1.00 24.93  ? 174 TYR A CD1 1 
ATOM   1143 C CD2 . TYR A 1 158 ? 5.318   -15.249 4.334   1.00 28.42  ? 174 TYR A CD2 1 
ATOM   1144 C CE1 . TYR A 1 158 ? 5.987   -13.975 6.692   1.00 28.67  ? 174 TYR A CE1 1 
ATOM   1145 C CE2 . TYR A 1 158 ? 5.905   -15.977 5.366   1.00 23.59  ? 174 TYR A CE2 1 
ATOM   1146 C CZ  . TYR A 1 158 ? 6.237   -15.331 6.539   1.00 30.45  ? 174 TYR A CZ  1 
ATOM   1147 O OH  . TYR A 1 158 ? 6.825   -16.032 7.564   1.00 35.76  ? 174 TYR A OH  1 
ATOM   1148 N N   . MET A 1 159 ? 2.226   -10.845 2.938   1.00 15.14  ? 175 MET A N   1 
ATOM   1149 C CA  . MET A 1 159 ? 1.911   -9.737  2.059   1.00 21.08  ? 175 MET A CA  1 
ATOM   1150 C C   . MET A 1 159 ? 2.706   -8.549  2.527   1.00 17.95  ? 175 MET A C   1 
ATOM   1151 O O   . MET A 1 159 ? 2.777   -8.323  3.730   1.00 15.51  ? 175 MET A O   1 
ATOM   1152 C CB  . MET A 1 159 ? 0.417   -9.439  2.086   1.00 19.63  ? 175 MET A CB  1 
ATOM   1153 C CG  . MET A 1 159 ? 0.016   -8.258  1.248   1.00 23.04  ? 175 MET A CG  1 
ATOM   1154 S SD  . MET A 1 159 ? -1.769  -8.290  0.957   1.00 32.66  ? 175 MET A SD  1 
ATOM   1155 C CE  . MET A 1 159 ? -1.863  -9.380  -0.457  1.00 20.73  ? 175 MET A CE  1 
ATOM   1156 N N   . VAL A 1 160 ? 3.321   -7.820  1.594   1.00 13.67  ? 176 VAL A N   1 
ATOM   1157 C CA  . VAL A 1 160 ? 4.072   -6.626  1.945   1.00 13.28  ? 176 VAL A CA  1 
ATOM   1158 C C   . VAL A 1 160 ? 3.453   -5.466  1.202   1.00 15.41  ? 176 VAL A C   1 
ATOM   1159 O O   . VAL A 1 160 ? 3.193   -5.562  0.005   1.00 14.76  ? 176 VAL A O   1 
ATOM   1160 C CB  . VAL A 1 160 ? 5.572   -6.748  1.594   1.00 22.84  ? 176 VAL A CB  1 
ATOM   1161 C CG1 . VAL A 1 160 ? 6.279   -5.409  1.804   1.00 20.68  ? 176 VAL A CG1 1 
ATOM   1162 C CG2 . VAL A 1 160 ? 6.230   -7.856  2.427   1.00 17.77  ? 176 VAL A CG2 1 
ATOM   1163 N N   . ILE A 1 161 ? 3.182   -4.383  1.916   1.00 13.73  ? 177 ILE A N   1 
ATOM   1164 C CA  . ILE A 1 161 ? 2.540   -3.231  1.314   1.00 15.44  ? 177 ILE A CA  1 
ATOM   1165 C C   . ILE A 1 161 ? 3.352   -1.963  1.548   1.00 14.24  ? 177 ILE A C   1 
ATOM   1166 O O   . ILE A 1 161 ? 3.621   -1.591  2.694   1.00 19.53  ? 177 ILE A O   1 
ATOM   1167 C CB  . ILE A 1 161 ? 1.125   -3.004  1.872   1.00 17.66  ? 177 ILE A CB  1 
ATOM   1168 C CG1 . ILE A 1 161 ? 0.309   -4.298  1.823   1.00 21.30  ? 177 ILE A CG1 1 
ATOM   1169 C CG2 . ILE A 1 161 ? 0.439   -1.886  1.100   1.00 25.03  ? 177 ILE A CG2 1 
ATOM   1170 C CD1 . ILE A 1 161 ? -1.104  -4.102  2.288   1.00 33.65  ? 177 ILE A CD1 1 
ATOM   1171 N N   . VAL A 1 162 ? 3.745   -1.313  0.461   1.00 12.30  ? 178 VAL A N   1 
ATOM   1172 C CA  . VAL A 1 162 ? 4.389   -0.012  0.563   1.00 11.74  ? 178 VAL A CA  1 
ATOM   1173 C C   . VAL A 1 162 ? 3.374   1.035   0.130   1.00 15.16  ? 178 VAL A C   1 
ATOM   1174 O O   . VAL A 1 162 ? 2.774   0.936   -0.947  1.00 17.13  ? 178 VAL A O   1 
ATOM   1175 C CB  . VAL A 1 162 ? 5.684   0.072   -0.292  1.00 16.45  ? 178 VAL A CB  1 
ATOM   1176 C CG1 . VAL A 1 162 ? 6.261   1.514   -0.290  1.00 10.88  ? 178 VAL A CG1 1 
ATOM   1177 C CG2 . VAL A 1 162 ? 6.723   -0.933  0.234   1.00 13.07  ? 178 VAL A CG2 1 
ATOM   1178 N N   . THR A 1 163 ? 3.154   2.018   0.994   1.00 14.99  ? 179 THR A N   1 
ATOM   1179 C CA  . THR A 1 163 ? 2.290   3.148   0.667   1.00 16.76  ? 179 THR A CA  1 
ATOM   1180 C C   . THR A 1 163 ? 3.124   4.420   0.668   1.00 15.96  ? 179 THR A C   1 
ATOM   1181 O O   . THR A 1 163 ? 3.857   4.681   1.624   1.00 19.31  ? 179 THR A O   1 
ATOM   1182 C CB  . THR A 1 163 ? 1.131   3.284   1.665   1.00 17.54  ? 179 THR A CB  1 
ATOM   1183 O OG1 . THR A 1 163 ? 0.389   2.053   1.699   1.00 20.70  ? 179 THR A OG1 1 
ATOM   1184 C CG2 . THR A 1 163 ? 0.206   4.420   1.237   1.00 21.94  ? 179 THR A CG2 1 
ATOM   1185 N N   . ALA A 1 164 ? 3.043   5.190   -0.412  1.00 14.52  ? 180 ALA A N   1 
ATOM   1186 C CA  . ALA A 1 164 ? 3.781   6.449   -0.517  1.00 15.40  ? 180 ALA A CA  1 
ATOM   1187 C C   . ALA A 1 164 ? 2.815   7.585   -0.824  1.00 18.04  ? 180 ALA A C   1 
ATOM   1188 O O   . ALA A 1 164 ? 2.007   7.464   -1.739  1.00 14.38  ? 180 ALA A O   1 
ATOM   1189 C CB  . ALA A 1 164 ? 4.840   6.362   -1.593  1.00 15.47  ? 180 ALA A CB  1 
ATOM   1190 N N   . ASN A 1 165 ? 2.898   8.683   -0.075  1.00 15.55  ? 181 ASN A N   1 
ATOM   1191 C CA  . ASN A 1 165 ? 2.001   9.824   -0.302  1.00 16.74  ? 181 ASN A CA  1 
ATOM   1192 C C   . ASN A 1 165 ? 2.732   11.153  -0.066  1.00 22.62  ? 181 ASN A C   1 
ATOM   1193 O O   . ASN A 1 165 ? 3.675   11.202  0.717   1.00 17.81  ? 181 ASN A O   1 
ATOM   1194 C CB  . ASN A 1 165 ? 0.772   9.716   0.608   1.00 16.60  ? 181 ASN A CB  1 
ATOM   1195 C CG  . ASN A 1 165 ? 1.113   9.925   2.066   1.00 21.64  ? 181 ASN A CG  1 
ATOM   1196 O OD1 . ASN A 1 165 ? 1.427   8.985   2.780   1.00 28.07  ? 181 ASN A OD1 1 
ATOM   1197 N ND2 . ASN A 1 165 ? 1.079   11.169  2.510   1.00 24.69  ? 181 ASN A ND2 1 
ATOM   1198 N N   . PRO A 1 166 ? 2.305   12.231  -0.752  1.00 24.53  ? 182 PRO A N   1 
ATOM   1199 C CA  . PRO A 1 166 ? 2.878   13.550  -0.453  1.00 19.27  ? 182 PRO A CA  1 
ATOM   1200 C C   . PRO A 1 166 ? 2.545   13.954  0.980   1.00 21.53  ? 182 PRO A C   1 
ATOM   1201 O O   . PRO A 1 166 ? 1.426   13.678  1.426   1.00 23.16  ? 182 PRO A O   1 
ATOM   1202 C CB  . PRO A 1 166 ? 2.177   14.493  -1.447  1.00 19.28  ? 182 PRO A CB  1 
ATOM   1203 C CG  . PRO A 1 166 ? 1.407   13.620  -2.388  1.00 24.68  ? 182 PRO A CG  1 
ATOM   1204 C CD  . PRO A 1 166 ? 1.154   12.325  -1.666  1.00 17.26  ? 182 PRO A CD  1 
ATOM   1205 N N   . LEU A 1 167 ? 3.487   14.559  1.698   1.00 23.25  ? 183 LEU A N   1 
ATOM   1206 C CA  . LEU A 1 167 ? 3.143   15.201  2.957   1.00 21.23  ? 183 LEU A CA  1 
ATOM   1207 C C   . LEU A 1 167 ? 2.315   16.437  2.602   1.00 35.74  ? 183 LEU A C   1 
ATOM   1208 O O   . LEU A 1 167 ? 2.737   17.262  1.788   1.00 34.36  ? 183 LEU A O   1 
ATOM   1209 C CB  . LEU A 1 167 ? 4.377   15.605  3.752   1.00 27.04  ? 183 LEU A CB  1 
ATOM   1210 C CG  . LEU A 1 167 ? 5.284   14.514  4.317   1.00 23.38  ? 183 LEU A CG  1 
ATOM   1211 C CD1 . LEU A 1 167 ? 6.557   15.127  4.896   1.00 31.34  ? 183 LEU A CD1 1 
ATOM   1212 C CD2 . LEU A 1 167 ? 4.556   13.705  5.383   1.00 27.87  ? 183 LEU A CD2 1 
ATOM   1213 N N   . VAL A 1 168 ? 1.124   16.533  3.170   1.00 26.66  ? 184 VAL A N   1 
ATOM   1214 C CA  . VAL A 1 168 ? 0.293   17.716  3.009   1.00 32.48  ? 184 VAL A CA  1 
ATOM   1215 C C   . VAL A 1 168 ? 0.321   18.464  4.323   1.00 40.77  ? 184 VAL A C   1 
ATOM   1216 O O   . VAL A 1 168 ? -0.334  18.076  5.296   1.00 36.36  ? 184 VAL A O   1 
ATOM   1217 C CB  . VAL A 1 168 ? -1.150  17.361  2.611   1.00 35.53  ? 184 VAL A CB  1 
ATOM   1218 C CG1 . VAL A 1 168 ? -2.015  18.626  2.576   1.00 40.76  ? 184 VAL A CG1 1 
ATOM   1219 C CG2 . VAL A 1 168 ? -1.168  16.648  1.258   1.00 36.96  ? 184 VAL A CG2 1 
ATOM   1220 N N   . LEU A 1 169 ? 1.140   19.506  4.362   1.00 25.83  ? 185 LEU A N   1 
ATOM   1221 C CA  . LEU A 1 169 ? 1.346   20.237  5.593   1.00 28.66  ? 185 LEU A CA  1 
ATOM   1222 C C   . LEU A 1 169 ? 0.723   21.622  5.447   1.00 40.75  ? 185 LEU A C   1 
ATOM   1223 O O   . LEU A 1 169 ? 0.725   22.172  4.344   1.00 30.76  ? 185 LEU A O   1 
ATOM   1224 C CB  . LEU A 1 169 ? 2.833   20.336  5.923   1.00 32.31  ? 185 LEU A CB  1 
ATOM   1225 C CG  . LEU A 1 169 ? 3.565   18.992  6.006   1.00 42.45  ? 185 LEU A CG  1 
ATOM   1226 C CD1 . LEU A 1 169 ? 5.002   19.185  6.486   1.00 33.26  ? 185 LEU A CD1 1 
ATOM   1227 C CD2 . LEU A 1 169 ? 2.826   17.999  6.900   1.00 40.10  ? 185 LEU A CD2 1 
ATOM   1228 N N   . PRO A 1 170 ? 0.182   22.181  6.554   1.00 33.47  ? 186 PRO A N   1 
ATOM   1229 C CA  . PRO A 1 170 ? -0.455  23.499  6.537   1.00 36.95  ? 186 PRO A CA  1 
ATOM   1230 C C   . PRO A 1 170 ? 0.445   24.534  5.866   1.00 30.92  ? 186 PRO A C   1 
ATOM   1231 O O   . PRO A 1 170 ? 1.564   24.733  6.342   1.00 35.56  ? 186 PRO A O   1 
ATOM   1232 C CB  . PRO A 1 170 ? -0.650  23.820  8.027   1.00 34.22  ? 186 PRO A CB  1 
ATOM   1233 C CG  . PRO A 1 170 ? -0.727  22.495  8.695   1.00 32.61  ? 186 PRO A CG  1 
ATOM   1234 C CD  . PRO A 1 170 ? 0.188   21.595  7.910   1.00 33.24  ? 186 PRO A CD  1 
ATOM   1235 N N   . ASP A 1 171 ? -0.027  25.110  4.758   1.00 33.98  ? 187 ASP A N   1 
ATOM   1236 C CA  . ASP A 1 171 ? 0.594   26.265  4.099   1.00 41.69  ? 187 ASP A CA  1 
ATOM   1237 C C   . ASP A 1 171 ? 1.949   25.970  3.464   1.00 48.06  ? 187 ASP A C   1 
ATOM   1238 O O   . ASP A 1 171 ? 2.757   26.879  3.273   1.00 36.76  ? 187 ASP A O   1 
ATOM   1239 C CB  . ASP A 1 171 ? 0.755   27.421  5.093   1.00 36.29  ? 187 ASP A CB  1 
ATOM   1240 C CG  . ASP A 1 171 ? -0.556  27.823  5.745   1.00 41.70  ? 187 ASP A CG  1 
ATOM   1241 O OD1 . ASP A 1 171 ? -1.566  27.981  5.011   1.00 39.57  ? 187 ASP A OD1 1 
ATOM   1242 O OD2 . ASP A 1 171 ? -0.566  27.974  6.994   1.00 32.59  ? 187 ASP A OD2 1 
ATOM   1243 N N   . LYS A 1 172 ? 2.204   24.706  3.140   1.00 37.05  ? 188 LYS A N   1 
ATOM   1244 C CA  . LYS A 1 172 ? 3.440   24.351  2.455   1.00 31.17  ? 188 LYS A CA  1 
ATOM   1245 C C   . LYS A 1 172 ? 3.101   23.807  1.076   1.00 30.88  ? 188 LYS A C   1 
ATOM   1246 O O   . LYS A 1 172 ? 1.999   23.298  0.865   1.00 29.73  ? 188 LYS A O   1 
ATOM   1247 C CB  . LYS A 1 172 ? 4.242   23.335  3.263   1.00 30.31  ? 188 LYS A CB  1 
ATOM   1248 C CG  . LYS A 1 172 ? 4.767   23.873  4.585   1.00 37.81  ? 188 LYS A CG  1 
ATOM   1249 C CD  . LYS A 1 172 ? 5.681   22.853  5.255   0.57 47.13  ? 188 LYS A CD  1 
ATOM   1250 C CE  . LYS A 1 172 ? 5.657   22.978  6.773   0.58 52.53  ? 188 LYS A CE  1 
ATOM   1251 N NZ  . LYS A 1 172 ? 6.871   23.655  7.311   0.96 48.34  ? 188 LYS A NZ  1 
ATOM   1252 N N   . PRO A 1 173 ? 4.037   23.920  0.127   1.00 26.09  ? 189 PRO A N   1 
ATOM   1253 C CA  . PRO A 1 173 ? 3.739   23.383  -1.203  1.00 32.96  ? 189 PRO A CA  1 
ATOM   1254 C C   . PRO A 1 173 ? 3.764   21.864  -1.166  1.00 36.30  ? 189 PRO A C   1 
ATOM   1255 O O   . PRO A 1 173 ? 4.303   21.294  -0.219  1.00 29.45  ? 189 PRO A O   1 
ATOM   1256 C CB  . PRO A 1 173 ? 4.875   23.927  -2.080  1.00 34.65  ? 189 PRO A CB  1 
ATOM   1257 C CG  . PRO A 1 173 ? 5.718   24.820  -1.174  1.00 44.66  ? 189 PRO A CG  1 
ATOM   1258 C CD  . PRO A 1 173 ? 5.424   24.396  0.229   1.00 31.22  ? 189 PRO A CD  1 
ATOM   1259 N N   . VAL A 1 174 ? 3.199   21.225  -2.183  1.00 35.32  ? 190 VAL A N   1 
ATOM   1260 C CA  . VAL A 1 174 ? 3.161   19.777  -2.244  1.00 33.53  ? 190 VAL A CA  1 
ATOM   1261 C C   . VAL A 1 174 ? 4.336   19.269  -3.071  1.00 32.15  ? 190 VAL A C   1 
ATOM   1262 O O   . VAL A 1 174 ? 4.731   19.888  -4.060  1.00 37.91  ? 190 VAL A O   1 
ATOM   1263 C CB  . VAL A 1 174 ? 1.825   19.286  -2.842  1.00 38.29  ? 190 VAL A CB  1 
ATOM   1264 C CG1 . VAL A 1 174 ? 1.586   19.932  -4.195  1.00 39.37  ? 190 VAL A CG1 1 
ATOM   1265 C CG2 . VAL A 1 174 ? 1.799   17.770  -2.955  1.00 46.87  ? 190 VAL A CG2 1 
ATOM   1266 N N   . ALA A 1 175 ? 4.929   18.161  -2.644  1.00 29.35  ? 191 ALA A N   1 
ATOM   1267 C CA  . ALA A 1 175 ? 5.982   17.548  -3.424  1.00 27.26  ? 191 ALA A CA  1 
ATOM   1268 C C   . ALA A 1 175 ? 5.403   16.398  -4.220  1.00 21.63  ? 191 ALA A C   1 
ATOM   1269 O O   . ALA A 1 175 ? 4.357   15.847  -3.864  1.00 26.73  ? 191 ALA A O   1 
ATOM   1270 C CB  . ALA A 1 175 ? 7.116   17.059  -2.523  1.00 29.07  ? 191 ALA A CB  1 
ATOM   1271 N N   . LYS A 1 176 ? 6.088   16.049  -5.300  1.00 25.69  ? 192 LYS A N   1 
ATOM   1272 C CA  . LYS A 1 176 ? 5.787   14.861  -6.081  1.00 27.36  ? 192 LYS A CA  1 
ATOM   1273 C C   . LYS A 1 176 ? 6.194   13.617  -5.288  1.00 26.70  ? 192 LYS A C   1 
ATOM   1274 O O   . LYS A 1 176 ? 7.194   13.646  -4.575  1.00 19.19  ? 192 LYS A O   1 
ATOM   1275 C CB  . LYS A 1 176 ? 6.539   14.914  -7.404  1.00 25.00  ? 192 LYS A CB  1 
ATOM   1276 C CG  . LYS A 1 176 ? 5.965   14.070  -8.509  1.00 42.45  ? 192 LYS A CG  1 
ATOM   1277 C CD  . LYS A 1 176 ? 6.774   14.248  -9.792  1.00 40.45  ? 192 LYS A CD  1 
ATOM   1278 C CE  . LYS A 1 176 ? 6.110   13.512  -10.960 1.00 48.25  ? 192 LYS A CE  1 
ATOM   1279 N NZ  . LYS A 1 176 ? 5.379   14.421  -11.903 1.00 35.99  ? 192 LYS A NZ  1 
ATOM   1280 N N   . VAL A 1 177 ? 5.431   12.534  -5.415  1.00 25.62  ? 193 VAL A N   1 
ATOM   1281 C CA  . VAL A 1 177 ? 5.808   11.261  -4.801  1.00 22.17  ? 193 VAL A CA  1 
ATOM   1282 C C   . VAL A 1 177 ? 7.006   10.620  -5.514  1.00 21.79  ? 193 VAL A C   1 
ATOM   1283 O O   . VAL A 1 177 ? 7.006   10.506  -6.739  1.00 17.01  ? 193 VAL A O   1 
ATOM   1284 C CB  . VAL A 1 177 ? 4.631   10.255  -4.821  1.00 28.51  ? 193 VAL A CB  1 
ATOM   1285 C CG1 . VAL A 1 177 ? 5.063   8.919   -4.219  1.00 17.79  ? 193 VAL A CG1 1 
ATOM   1286 C CG2 . VAL A 1 177 ? 3.423   10.815  -4.078  1.00 25.91  ? 193 VAL A CG2 1 
ATOM   1287 N N   . ASP A 1 178 ? 8.009   10.192  -4.743  1.00 20.02  ? 194 ASP A N   1 
ATOM   1288 C CA  . ASP A 1 178 ? 9.144   9.414   -5.266  1.00 20.19  ? 194 ASP A CA  1 
ATOM   1289 C C   . ASP A 1 178 ? 8.718   7.941   -5.419  1.00 18.01  ? 194 ASP A C   1 
ATOM   1290 O O   . ASP A 1 178 ? 8.965   7.125   -4.529  1.00 13.54  ? 194 ASP A O   1 
ATOM   1291 C CB  . ASP A 1 178 ? 10.355  9.529   -4.323  1.00 18.60  ? 194 ASP A CB  1 
ATOM   1292 C CG  . ASP A 1 178 ? 11.638  8.969   -4.920  1.00 24.29  ? 194 ASP A CG  1 
ATOM   1293 O OD1 . ASP A 1 178 ? 11.579  8.185   -5.896  1.00 19.61  ? 194 ASP A OD1 1 
ATOM   1294 O OD2 . ASP A 1 178 ? 12.723  9.320   -4.396  1.00 27.12  ? 194 ASP A OD2 1 
ATOM   1295 N N   . THR A 1 179 ? 8.075   7.611   -6.539  1.00 16.52  ? 195 THR A N   1 
ATOM   1296 C CA  . THR A 1 179 ? 7.579   6.253   -6.773  1.00 15.08  ? 195 THR A CA  1 
ATOM   1297 C C   . THR A 1 179 ? 8.714   5.275   -7.014  1.00 16.64  ? 195 THR A C   1 
ATOM   1298 O O   . THR A 1 179 ? 8.579   4.081   -6.771  1.00 14.98  ? 195 THR A O   1 
ATOM   1299 C CB  . THR A 1 179 ? 6.624   6.187   -7.980  1.00 18.25  ? 195 THR A CB  1 
ATOM   1300 O OG1 . THR A 1 179 ? 7.324   6.587   -9.161  1.00 18.24  ? 195 THR A OG1 1 
ATOM   1301 C CG2 . THR A 1 179 ? 5.397   7.103   -7.772  1.00 17.22  ? 195 THR A CG2 1 
ATOM   1302 N N   . GLU A 1 180 ? 9.826   5.779   -7.530  1.00 18.32  ? 196 GLU A N   1 
ATOM   1303 C CA  . GLU A 1 180 ? 11.009  4.951   -7.698  1.00 17.98  ? 196 GLU A CA  1 
ATOM   1304 C C   . GLU A 1 180 ? 11.452  4.399   -6.338  1.00 15.22  ? 196 GLU A C   1 
ATOM   1305 O O   . GLU A 1 180 ? 11.696  3.206   -6.187  1.00 19.54  ? 196 GLU A O   1 
ATOM   1306 C CB  . GLU A 1 180 ? 12.139  5.757   -8.352  1.00 19.41  ? 196 GLU A CB  1 
ATOM   1307 C CG  . GLU A 1 180 ? 13.382  4.937   -8.629  1.00 30.70  ? 196 GLU A CG  1 
ATOM   1308 C CD  . GLU A 1 180 ? 14.501  5.765   -9.230  1.00 38.42  ? 196 GLU A CD  1 
ATOM   1309 O OE1 . GLU A 1 180 ? 14.765  6.882   -8.723  1.00 38.20  ? 196 GLU A OE1 1 
ATOM   1310 O OE2 . GLU A 1 180 ? 15.113  5.299   -10.210 1.00 40.41  ? 196 GLU A OE2 1 
ATOM   1311 N N   . ARG A 1 181 ? 11.553  5.268   -5.345  1.00 16.14  ? 197 ARG A N   1 
ATOM   1312 C CA  . ARG A 1 181 ? 11.918  4.834   -3.996  1.00 16.78  ? 197 ARG A CA  1 
ATOM   1313 C C   . ARG A 1 181 ? 10.888  3.879   -3.382  1.00 19.73  ? 197 ARG A C   1 
ATOM   1314 O O   . ARG A 1 181 ? 11.248  2.905   -2.717  1.00 14.94  ? 197 ARG A O   1 
ATOM   1315 C CB  . ARG A 1 181 ? 12.080  6.037   -3.087  1.00 17.83  ? 197 ARG A CB  1 
ATOM   1316 C CG  . ARG A 1 181 ? 12.718  5.711   -1.746  1.00 25.03  ? 197 ARG A CG  1 
ATOM   1317 C CD  . ARG A 1 181 ? 12.786  6.992   -0.891  1.00 35.61  ? 197 ARG A CD  1 
ATOM   1318 N NE  . ARG A 1 181 ? 13.919  6.961   0.020   1.00 39.10  ? 197 ARG A NE  1 
ATOM   1319 C CZ  . ARG A 1 181 ? 14.852  7.900   0.093   1.00 35.76  ? 197 ARG A CZ  1 
ATOM   1320 N NH1 . ARG A 1 181 ? 14.786  8.983   -0.682  1.00 35.40  ? 197 ARG A NH1 1 
ATOM   1321 N NH2 . ARG A 1 181 ? 15.844  7.757   0.956   1.00 44.03  ? 197 ARG A NH2 1 
ATOM   1322 N N   . ALA A 1 182 ? 9.602   4.174   -3.580  1.00 14.07  ? 198 ALA A N   1 
ATOM   1323 C CA  . ALA A 1 182 ? 8.552   3.266   -3.114  1.00 14.13  ? 198 ALA A CA  1 
ATOM   1324 C C   . ALA A 1 182 ? 8.744   1.873   -3.710  1.00 10.75  ? 198 ALA A C   1 
ATOM   1325 O O   . ALA A 1 182 ? 8.656   0.886   -3.003  1.00 13.03  ? 198 ALA A O   1 
ATOM   1326 C CB  . ALA A 1 182 ? 7.160   3.801   -3.474  1.00 10.63  ? 198 ALA A CB  1 
ATOM   1327 N N   . ARG A 1 183 ? 8.979   1.786   -5.014  1.00 13.12  ? 199 ARG A N   1 
ATOM   1328 C CA  . ARG A 1 183 ? 9.120   0.470   -5.642  1.00 18.61  ? 199 ARG A CA  1 
ATOM   1329 C C   . ARG A 1 183 ? 10.373  -0.250  -5.127  1.00 20.68  ? 199 ARG A C   1 
ATOM   1330 O O   . ARG A 1 183 ? 10.360  -1.462  -4.902  1.00 14.79  ? 199 ARG A O   1 
ATOM   1331 C CB  . ARG A 1 183 ? 9.151   0.593   -7.172  1.00 14.49  ? 199 ARG A CB  1 
ATOM   1332 C CG  . ARG A 1 183 ? 7.806   1.051   -7.787  1.00 13.50  ? 199 ARG A CG  1 
ATOM   1333 C CD  . ARG A 1 183 ? 7.814   0.953   -9.304  1.00 23.70  ? 199 ARG A CD  1 
ATOM   1334 N NE  . ARG A 1 183 ? 8.938   1.677   -9.895  1.00 29.89  ? 199 ARG A NE  1 
ATOM   1335 C CZ  . ARG A 1 183 ? 8.882   2.931   -10.337 1.00 35.06  ? 199 ARG A CZ  1 
ATOM   1336 N NH1 . ARG A 1 183 ? 7.747   3.616   -10.270 1.00 27.65  ? 199 ARG A NH1 1 
ATOM   1337 N NH2 . ARG A 1 183 ? 9.966   3.506   -10.847 1.00 34.21  ? 199 ARG A NH2 1 
ATOM   1338 N N   . GLU A 1 184 ? 11.454  0.489   -4.913  1.00 14.19  ? 200 GLU A N   1 
ATOM   1339 C CA  . GLU A 1 184 ? 12.654  -0.140  -4.347  1.00 17.33  ? 200 GLU A CA  1 
ATOM   1340 C C   . GLU A 1 184 ? 12.439  -0.574  -2.910  1.00 13.30  ? 200 GLU A C   1 
ATOM   1341 O O   . GLU A 1 184 ? 12.935  -1.631  -2.489  1.00 12.87  ? 200 GLU A O   1 
ATOM   1342 C CB  . GLU A 1 184 ? 13.856  0.803   -4.450  1.00 22.13  ? 200 GLU A CB  1 
ATOM   1343 C CG  . GLU A 1 184 ? 14.187  1.101   -5.911  1.00 34.00  ? 200 GLU A CG  1 
ATOM   1344 C CD  . GLU A 1 184 ? 15.232  2.177   -6.094  1.00 48.69  ? 200 GLU A CD  1 
ATOM   1345 O OE1 . GLU A 1 184 ? 15.701  2.750   -5.081  1.00 39.02  ? 200 GLU A OE1 1 
ATOM   1346 O OE2 . GLU A 1 184 ? 15.576  2.447   -7.266  1.00 57.48  ? 200 GLU A OE2 1 
ATOM   1347 N N   . LEU A 1 185 ? 11.685  0.214   -2.141  1.00 13.29  ? 201 LEU A N   1 
ATOM   1348 C CA  . LEU A 1 185 ? 11.338  -0.222  -0.790  1.00 12.38  ? 201 LEU A CA  1 
ATOM   1349 C C   . LEU A 1 185 ? 10.571  -1.554  -0.805  1.00 13.44  ? 201 LEU A C   1 
ATOM   1350 O O   . LEU A 1 185 ? 10.744  -2.370  0.095   1.00 11.75  ? 201 LEU A O   1 
ATOM   1351 C CB  . LEU A 1 185 ? 10.496  0.837   -0.062  1.00 11.84  ? 201 LEU A CB  1 
ATOM   1352 C CG  . LEU A 1 185 ? 11.260  2.052   0.473   1.00 21.20  ? 201 LEU A CG  1 
ATOM   1353 C CD1 . LEU A 1 185 ? 10.262  3.075   1.002   1.00 21.69  ? 201 LEU A CD1 1 
ATOM   1354 C CD2 . LEU A 1 185 ? 12.217  1.629   1.587   1.00 16.43  ? 201 LEU A CD2 1 
ATOM   1355 N N   . LEU A 1 186 ? 9.713   -1.761  -1.805  1.00 10.74  ? 202 LEU A N   1 
ATOM   1356 C CA  . LEU A 1 186 ? 8.946   -3.004  -1.862  1.00 10.76  ? 202 LEU A CA  1 
ATOM   1357 C C   . LEU A 1 186 ? 9.871   -4.202  -2.081  1.00 12.44  ? 202 LEU A C   1 
ATOM   1358 O O   . LEU A 1 186 ? 9.777   -5.212  -1.391  1.00 10.43  ? 202 LEU A O   1 
ATOM   1359 C CB  . LEU A 1 186 ? 7.896   -2.950  -2.963  1.00 13.67  ? 202 LEU A CB  1 
ATOM   1360 C CG  . LEU A 1 186 ? 7.099   -4.249  -3.105  1.00 13.88  ? 202 LEU A CG  1 
ATOM   1361 C CD1 . LEU A 1 186 ? 6.108   -4.409  -1.950  1.00 12.03  ? 202 LEU A CD1 1 
ATOM   1362 C CD2 . LEU A 1 186 ? 6.389   -4.304  -4.468  1.00 14.85  ? 202 LEU A CD2 1 
ATOM   1363 N N   . SER A 1 187 ? 10.773  -4.084  -3.047  1.00 12.28  ? 203 SER A N   1 
ATOM   1364 C CA  . SER A 1 187 ? 11.721  -5.151  -3.308  1.00 11.63  ? 203 SER A CA  1 
ATOM   1365 C C   . SER A 1 187 ? 12.616  -5.408  -2.104  1.00 13.88  ? 203 SER A C   1 
ATOM   1366 O O   . SER A 1 187 ? 12.895  -6.561  -1.748  1.00 15.24  ? 203 SER A O   1 
ATOM   1367 C CB  . SER A 1 187 ? 12.564  -4.804  -4.528  1.00 14.92  ? 203 SER A CB  1 
ATOM   1368 O OG  . SER A 1 187 ? 11.729  -4.685  -5.656  1.00 25.50  ? 203 SER A OG  1 
ATOM   1369 N N   . ALA A 1 188 ? 13.071  -4.333  -1.473  1.00 10.44  ? 204 ALA A N   1 
ATOM   1370 C CA  . ALA A 1 188 ? 13.984  -4.472  -0.355  1.00 14.75  ? 204 ALA A CA  1 
ATOM   1371 C C   . ALA A 1 188 ? 13.279  -5.110  0.838   1.00 12.10  ? 204 ALA A C   1 
ATOM   1372 O O   . ALA A 1 188 ? 13.873  -5.937  1.536   1.00 11.53  ? 204 ALA A O   1 
ATOM   1373 C CB  . ALA A 1 188 ? 14.591  -3.106  0.025   1.00 15.19  ? 204 ALA A CB  1 
ATOM   1374 N N   . ALA A 1 189 ? 12.018  -4.734  1.065   1.00 15.39  ? 205 ALA A N   1 
ATOM   1375 C CA  . ALA A 1 189 ? 11.265  -5.250  2.202   1.00 16.04  ? 205 ALA A CA  1 
ATOM   1376 C C   . ALA A 1 189 ? 10.987  -6.739  2.048   1.00 14.77  ? 205 ALA A C   1 
ATOM   1377 O O   . ALA A 1 189 ? 11.033  -7.493  3.021   1.00 16.36  ? 205 ALA A O   1 
ATOM   1378 C CB  . ALA A 1 189 ? 9.954   -4.499  2.365   1.00 15.20  ? 205 ALA A CB  1 
ATOM   1379 N N   . VAL A 1 190 ? 10.665  -7.151  0.826   1.00 13.43  ? 206 VAL A N   1 
ATOM   1380 C CA  . VAL A 1 190 ? 10.375  -8.550  0.577   1.00 12.89  ? 206 VAL A CA  1 
ATOM   1381 C C   . VAL A 1 190 ? 11.645  -9.354  0.820   1.00 14.11  ? 206 VAL A C   1 
ATOM   1382 O O   . VAL A 1 190 ? 11.603  -10.397 1.461   1.00 13.75  ? 206 VAL A O   1 
ATOM   1383 C CB  . VAL A 1 190 ? 9.827   -8.781  -0.841  1.00 13.93  ? 206 VAL A CB  1 
ATOM   1384 C CG1 . VAL A 1 190 ? 9.873   -10.254 -1.211  1.00 16.02  ? 206 VAL A CG1 1 
ATOM   1385 C CG2 . VAL A 1 190 ? 8.390   -8.272  -0.941  1.00 13.39  ? 206 VAL A CG2 1 
ATOM   1386 N N   . ALA A 1 191 ? 12.782  -8.841  0.367   1.00 13.76  ? 207 ALA A N   1 
ATOM   1387 C CA  . ALA A 1 191 ? 14.045  -9.554  0.546   1.00 14.94  ? 207 ALA A CA  1 
ATOM   1388 C C   . ALA A 1 191 ? 14.431  -9.604  2.021   1.00 17.91  ? 207 ALA A C   1 
ATOM   1389 O O   . ALA A 1 191 ? 14.973  -10.609 2.506   1.00 17.06  ? 207 ALA A O   1 
ATOM   1390 C CB  . ALA A 1 191 ? 15.158  -8.907  -0.290  1.00 13.51  ? 207 ALA A CB  1 
ATOM   1391 N N   . ALA A 1 192 ? 14.135  -8.535  2.753   1.00 13.26  ? 208 ALA A N   1 
ATOM   1392 C CA  . ALA A 1 192 ? 14.443  -8.505  4.186   1.00 11.61  ? 208 ALA A CA  1 
ATOM   1393 C C   . ALA A 1 192 ? 13.558  -9.491  4.965   1.00 16.29  ? 208 ALA A C   1 
ATOM   1394 O O   . ALA A 1 192 ? 14.047  -10.250 5.804   1.00 14.87  ? 208 ALA A O   1 
ATOM   1395 C CB  . ALA A 1 192 ? 14.276  -7.089  4.740   1.00 13.06  ? 208 ALA A CB  1 
ATOM   1396 N N   . VAL A 1 193 ? 12.256  -9.462  4.691   1.00 11.97  ? 209 VAL A N   1 
ATOM   1397 C CA  . VAL A 1 193 ? 11.297  -10.345 5.362   1.00 13.00  ? 209 VAL A CA  1 
ATOM   1398 C C   . VAL A 1 193 ? 11.584  -11.820 5.058   1.00 19.06  ? 209 VAL A C   1 
ATOM   1399 O O   . VAL A 1 193 ? 11.527  -12.664 5.942   1.00 15.98  ? 209 VAL A O   1 
ATOM   1400 C CB  . VAL A 1 193 ? 9.843   -10.003 4.957   1.00 14.75  ? 209 VAL A CB  1 
ATOM   1401 C CG1 . VAL A 1 193 ? 8.864   -11.100 5.401   1.00 17.43  ? 209 VAL A CG1 1 
ATOM   1402 C CG2 . VAL A 1 193 ? 9.432   -8.658  5.560   1.00 15.09  ? 209 VAL A CG2 1 
ATOM   1403 N N   . ARG A 1 194 ? 11.928  -12.130 3.815   1.00 15.47  ? 210 ARG A N   1 
ATOM   1404 C CA  . ARG A 1 194 ? 12.130  -13.530 3.434   1.00 16.20  ? 210 ARG A CA  1 
ATOM   1405 C C   . ARG A 1 194 ? 13.347  -14.168 4.071   1.00 22.87  ? 210 ARG A C   1 
ATOM   1406 O O   . ARG A 1 194 ? 13.333  -15.360 4.342   1.00 30.46  ? 210 ARG A O   1 
ATOM   1407 C CB  . ARG A 1 194 ? 12.248  -13.667 1.925   1.00 15.61  ? 210 ARG A CB  1 
ATOM   1408 C CG  . ARG A 1 194 ? 10.943  -13.590 1.190   1.00 21.63  ? 210 ARG A CG  1 
ATOM   1409 C CD  . ARG A 1 194 ? 11.232  -13.501 -0.270  1.00 24.02  ? 210 ARG A CD  1 
ATOM   1410 N NE  . ARG A 1 194 ? 10.107  -13.908 -1.082  1.00 21.54  ? 210 ARG A NE  1 
ATOM   1411 C CZ  . ARG A 1 194 ? 10.089  -13.798 -2.400  1.00 21.21  ? 210 ARG A CZ  1 
ATOM   1412 N NH1 . ARG A 1 194 ? 11.133  -13.278 -3.027  1.00 18.47  ? 210 ARG A NH1 1 
ATOM   1413 N NH2 . ARG A 1 194 ? 9.019   -14.181 -3.086  1.00 24.66  ? 210 ARG A NH2 1 
ATOM   1414 N N   . ALA A 1 195 ? 14.399  -13.397 4.326   1.00 24.00  ? 211 ALA A N   1 
ATOM   1415 C CA  . ALA A 1 195 ? 15.639  -14.017 4.786   1.00 37.05  ? 211 ALA A CA  1 
ATOM   1416 C C   . ALA A 1 195 ? 16.451  -13.114 5.694   1.00 45.57  ? 211 ALA A C   1 
ATOM   1417 O O   . ALA A 1 195 ? 17.619  -13.402 5.969   1.00 63.80  ? 211 ALA A O   1 
ATOM   1418 C CB  . ALA A 1 195 ? 16.494  -14.455 3.585   1.00 36.36  ? 211 ALA A CB  1 
HETATM 1419 I I   . IOD B 2 .   ? 9.557   -1.255  -11.855 0.45 57.06  ? 301 IOD A I   1 
HETATM 1420 I I   . IOD C 2 .   ? -10.953 -6.919  -15.091 1.00 135.57 ? 302 IOD A I   1 
HETATM 1421 I I   . IOD D 2 .   ? -26.776 9.580   -11.717 1.00 128.34 ? 303 IOD A I   1 
HETATM 1422 I I   . IOD E 2 .   ? 20.147  16.483  7.429   0.29 67.18  ? 304 IOD A I   1 
HETATM 1423 I I   . IOD F 2 .   ? 3.152   3.535   -14.881 0.25 48.84  ? 305 IOD A I   1 
HETATM 1424 I I   . IOD G 2 .   ? -20.413 10.694  -1.536  0.34 64.52  ? 306 IOD A I   1 
HETATM 1425 O O   . HOH H 3 .   ? 0.983   27.806  8.051   1.00 38.36  ? 401 HOH A O   1 
HETATM 1426 O O   . HOH H 3 .   ? -22.734 11.398  -2.983  1.00 51.10  ? 402 HOH A O   1 
HETATM 1427 O O   . HOH H 3 .   ? 17.704  8.556   2.544   1.00 36.99  ? 403 HOH A O   1 
HETATM 1428 O O   . HOH H 3 .   ? 6.475   -13.541 10.758  1.00 22.93  ? 404 HOH A O   1 
HETATM 1429 O O   . HOH H 3 .   ? 7.773   -19.031 6.619   1.00 44.62  ? 405 HOH A O   1 
HETATM 1430 O O   . HOH H 3 .   ? 15.237  0.752   -0.097  1.00 37.65  ? 406 HOH A O   1 
HETATM 1431 O O   . HOH H 3 .   ? 15.956  -12.528 1.195   1.00 21.83  ? 407 HOH A O   1 
HETATM 1432 O O   . HOH H 3 .   ? -1.281  -21.187 7.765   1.00 38.38  ? 408 HOH A O   1 
HETATM 1433 O O   . HOH H 3 .   ? 16.490  -10.214 6.572   1.00 31.03  ? 409 HOH A O   1 
HETATM 1434 O O   . HOH H 3 .   ? 12.565  -6.734  -7.444  1.00 28.27  ? 410 HOH A O   1 
HETATM 1435 O O   . HOH H 3 .   ? -2.092  19.319  6.783   1.00 36.00  ? 411 HOH A O   1 
HETATM 1436 O O   . HOH H 3 .   ? -6.192  -7.487  -19.317 1.00 47.64  ? 412 HOH A O   1 
HETATM 1437 O O   . HOH H 3 .   ? 2.052   12.136  7.588   1.00 50.91  ? 413 HOH A O   1 
HETATM 1438 O O   . HOH H 3 .   ? 16.560  -5.880  1.879   1.00 13.42  ? 414 HOH A O   1 
HETATM 1439 O O   . HOH H 3 .   ? 1.105   -3.121  -11.177 1.00 18.40  ? 415 HOH A O   1 
HETATM 1440 O O   . HOH H 3 .   ? -3.789  29.422  5.682   1.00 39.66  ? 416 HOH A O   1 
HETATM 1441 O O   . HOH H 3 .   ? 18.224  -12.019 8.273   0.50 31.33  ? 417 HOH A O   1 
HETATM 1442 O O   . HOH H 3 .   ? 0.167   -7.885  -11.250 1.00 37.11  ? 418 HOH A O   1 
HETATM 1443 O O   . HOH H 3 .   ? -6.643  -18.006 0.847   1.00 41.94  ? 419 HOH A O   1 
HETATM 1444 O O   . HOH H 3 .   ? 2.097   15.585  -5.434  1.00 43.87  ? 420 HOH A O   1 
HETATM 1445 O O   . HOH H 3 .   ? -2.041  7.335   -12.526 1.00 35.69  ? 421 HOH A O   1 
HETATM 1446 O O   . HOH H 3 .   ? 6.566   -9.876  -9.244  1.00 23.70  ? 422 HOH A O   1 
HETATM 1447 O O   . HOH H 3 .   ? 12.769  -8.830  -3.414  1.00 16.66  ? 423 HOH A O   1 
HETATM 1448 O O   . HOH H 3 .   ? 14.531  4.155   0.819   1.00 37.21  ? 424 HOH A O   1 
HETATM 1449 O O   . HOH H 3 .   ? -13.724 -12.808 6.407   1.00 47.86  ? 425 HOH A O   1 
HETATM 1450 O O   . HOH H 3 .   ? 16.626  8.701   9.804   1.00 33.27  ? 426 HOH A O   1 
HETATM 1451 O O   . HOH H 3 .   ? 5.223   2.512   17.730  1.00 46.20  ? 427 HOH A O   1 
HETATM 1452 O O   . HOH H 3 .   ? -25.587 6.500   -6.592  1.00 40.12  ? 428 HOH A O   1 
HETATM 1453 O O   . HOH H 3 .   ? 0.017   -10.773 -11.118 1.00 49.38  ? 429 HOH A O   1 
HETATM 1454 O O   . HOH H 3 .   ? 10.506  -18.123 10.570  1.00 39.53  ? 430 HOH A O   1 
HETATM 1455 O O   . HOH H 3 .   ? 19.380  -12.860 3.746   1.00 36.46  ? 431 HOH A O   1 
HETATM 1456 O O   . HOH H 3 .   ? 16.131  12.198  11.449  1.00 34.67  ? 432 HOH A O   1 
HETATM 1457 O O   . HOH H 3 .   ? 12.048  14.702  8.224   1.00 41.59  ? 433 HOH A O   1 
HETATM 1458 O O   . HOH H 3 .   ? -5.106  -12.107 14.222  1.00 30.78  ? 434 HOH A O   1 
HETATM 1459 O O   . HOH H 3 .   ? 5.405   10.726  -9.175  1.00 35.58  ? 435 HOH A O   1 
HETATM 1460 O O   . HOH H 3 .   ? 18.667  -0.721  5.399   1.00 28.03  ? 436 HOH A O   1 
HETATM 1461 O O   . HOH H 3 .   ? 21.607  2.786   9.357   1.00 27.91  ? 437 HOH A O   1 
HETATM 1462 O O   . HOH H 3 .   ? 3.300   -9.983  -10.527 1.00 28.07  ? 438 HOH A O   1 
HETATM 1463 O O   . HOH H 3 .   ? 13.563  -10.856 -6.971  1.00 34.01  ? 439 HOH A O   1 
HETATM 1464 O O   . HOH H 3 .   ? 11.161  -4.616  -11.877 1.00 28.52  ? 440 HOH A O   1 
HETATM 1465 O O   . HOH H 3 .   ? 19.614  7.384   9.040   1.00 49.19  ? 441 HOH A O   1 
HETATM 1466 O O   . HOH H 3 .   ? 3.631   -3.738  -13.227 1.00 22.12  ? 442 HOH A O   1 
HETATM 1467 O O   . HOH H 3 .   ? 17.542  3.408   0.000   1.00 42.39  ? 443 HOH A O   1 
HETATM 1468 O O   . HOH H 3 .   ? 13.464  -11.486 -2.554  1.00 18.90  ? 444 HOH A O   1 
HETATM 1469 O O   . HOH H 3 .   ? -10.124 12.170  -11.839 1.00 32.97  ? 445 HOH A O   1 
HETATM 1470 O O   . HOH H 3 .   ? -3.188  -7.217  -20.607 1.00 35.68  ? 446 HOH A O   1 
HETATM 1471 O O   . HOH H 3 .   ? -2.716  -12.648 15.696  1.00 36.64  ? 447 HOH A O   1 
HETATM 1472 O O   . HOH H 3 .   ? 7.572   -13.362 -10.276 1.00 34.46  ? 448 HOH A O   1 
HETATM 1473 O O   . HOH H 3 .   ? 9.376   4.257   16.468  1.00 32.56  ? 449 HOH A O   1 
HETATM 1474 O O   . HOH H 3 .   ? 12.909  -2.500  -7.587  1.00 31.46  ? 450 HOH A O   1 
HETATM 1475 O O   . HOH H 3 .   ? 7.103   -11.527 14.217  1.00 37.95  ? 451 HOH A O   1 
HETATM 1476 O O   . HOH H 3 .   ? 19.740  5.407   3.691   1.00 36.51  ? 452 HOH A O   1 
HETATM 1477 O O   . HOH H 3 .   ? -1.700  12.983  1.520   1.00 37.75  ? 453 HOH A O   1 
HETATM 1478 O O   . HOH H 3 .   ? 4.708   -0.262  18.096  1.00 33.70  ? 454 HOH A O   1 
HETATM 1479 O O   . HOH H 3 .   ? 17.049  -0.803  3.463   1.00 31.73  ? 455 HOH A O   1 
HETATM 1480 O O   . HOH H 3 .   ? 12.840  1.315   -8.942  1.00 36.28  ? 456 HOH A O   1 
HETATM 1481 O O   . HOH H 3 .   ? 4.799   -12.979 13.526  1.00 36.85  ? 457 HOH A O   1 
HETATM 1482 O O   . HOH H 3 .   ? 7.873   21.519  -3.909  1.00 44.28  ? 458 HOH A O   1 
HETATM 1483 O O   . HOH H 3 .   ? 13.130  -5.008  -9.800  1.00 51.34  ? 459 HOH A O   1 
HETATM 1484 O O   . HOH H 3 .   ? -3.022  20.757  5.311   1.00 46.31  ? 460 HOH A O   1 
HETATM 1485 O O   . HOH H 3 .   ? 8.403   2.823   18.451  1.00 42.41  ? 461 HOH A O   1 
HETATM 1486 O O   . HOH H 3 .   ? 11.830  -0.782  -9.374  1.00 36.71  ? 462 HOH A O   1 
HETATM 1487 O O   . HOH H 3 .   ? 16.202  -6.515  11.613  1.00 38.94  ? 463 HOH A O   1 
HETATM 1488 O O   . HOH H 3 .   ? -0.438  -4.847  -12.710 1.00 37.97  ? 464 HOH A O   1 
HETATM 1489 O O   . HOH H 3 .   ? 11.101  17.154  6.763   1.00 50.47  ? 465 HOH A O   1 
HETATM 1490 O O   . HOH H 3 .   ? 17.800  -3.577  2.259   0.50 19.22  ? 466 HOH A O   1 
HETATM 1491 O O   . HOH H 3 .   ? 10.233  -7.173  18.543  1.00 45.94  ? 467 HOH A O   1 
HETATM 1492 O O   . HOH H 3 .   ? 2.154   6.581   3.094   1.00 23.25  ? 468 HOH A O   1 
HETATM 1493 O O   . HOH H 3 .   ? -1.439  -1.691  -5.264  1.00 22.40  ? 469 HOH A O   1 
HETATM 1494 O O   . HOH H 3 .   ? -0.594  -12.448 3.725   1.00 33.38  ? 470 HOH A O   1 
HETATM 1495 O O   . HOH H 3 .   ? -3.055  -5.573  -4.698  1.00 19.73  ? 471 HOH A O   1 
HETATM 1496 O O   . HOH H 3 .   ? -5.696  1.193   -4.300  1.00 26.36  ? 472 HOH A O   1 
HETATM 1497 O O   . HOH H 3 .   ? 7.720   8.411   10.973  1.00 22.61  ? 473 HOH A O   1 
HETATM 1498 O O   . HOH H 3 .   ? -4.560  -1.184  -2.697  1.00 26.93  ? 474 HOH A O   1 
HETATM 1499 O O   . HOH H 3 .   ? 4.654   17.164  0.208   1.00 26.41  ? 475 HOH A O   1 
HETATM 1500 O O   . HOH H 3 .   ? 4.868   2.893   -10.257 1.00 19.65  ? 476 HOH A O   1 
HETATM 1501 O O   . HOH H 3 .   ? -3.771  -3.007  -5.014  1.00 17.96  ? 477 HOH A O   1 
HETATM 1502 O O   . HOH H 3 .   ? 3.171   12.713  -6.972  1.00 29.21  ? 478 HOH A O   1 
HETATM 1503 O O   . HOH H 3 .   ? 4.195   5.265   -12.056 1.00 22.87  ? 479 HOH A O   1 
HETATM 1504 O O   . HOH H 3 .   ? -7.353  6.204   -0.759  1.00 31.18  ? 480 HOH A O   1 
HETATM 1505 O O   . HOH H 3 .   ? -6.221  9.125   -1.033  1.00 29.99  ? 481 HOH A O   1 
HETATM 1506 O O   . HOH H 3 .   ? 9.811   16.929  4.435   1.00 35.23  ? 482 HOH A O   1 
HETATM 1507 O O   . HOH H 3 .   ? -6.396  5.230   1.604   1.00 35.13  ? 483 HOH A O   1 
HETATM 1508 O O   . HOH H 3 .   ? 18.555  -0.744  10.598  1.00 30.30  ? 484 HOH A O   1 
HETATM 1509 O O   . HOH H 3 .   ? -7.728  0.201   -11.037 1.00 20.82  ? 485 HOH A O   1 
HETATM 1510 O O   . HOH H 3 .   ? -4.787  -14.054 -5.591  1.00 42.07  ? 486 HOH A O   1 
HETATM 1511 O O   . HOH H 3 .   ? 13.158  16.160  4.887   1.00 25.60  ? 487 HOH A O   1 
HETATM 1512 O O   . HOH H 3 .   ? -8.322  -9.486  -8.470  1.00 29.40  ? 488 HOH A O   1 
HETATM 1513 O O   . HOH H 3 .   ? 12.533  10.546  -2.066  1.00 37.80  ? 489 HOH A O   1 
HETATM 1514 O O   . HOH H 3 .   ? 10.191  -2.027  12.324  1.00 31.21  ? 490 HOH A O   1 
HETATM 1515 O O   . HOH H 3 .   ? -5.897  -3.203  -6.654  1.00 24.53  ? 491 HOH A O   1 
HETATM 1516 O O   . HOH H 3 .   ? -10.008 5.583   -0.563  1.00 28.51  ? 492 HOH A O   1 
HETATM 1517 O O   . HOH H 3 .   ? -21.679 2.494   -9.945  1.00 32.83  ? 493 HOH A O   1 
HETATM 1518 O O   . HOH H 3 .   ? -8.789  -7.102  -2.324  1.00 32.24  ? 494 HOH A O   1 
HETATM 1519 O O   . HOH H 3 .   ? 8.873   -3.340  13.436  1.00 28.72  ? 495 HOH A O   1 
HETATM 1520 O O   . HOH H 3 .   ? -3.218  -5.519  -12.231 1.00 37.44  ? 496 HOH A O   1 
HETATM 1521 O O   . HOH H 3 .   ? -11.541 7.528   0.142   1.00 44.26  ? 497 HOH A O   1 
HETATM 1522 O O   . HOH H 3 .   ? -10.431 1.020   -17.132 1.00 27.55  ? 498 HOH A O   1 
HETATM 1523 O O   . HOH H 3 .   ? -2.303  14.069  -0.787  1.00 31.01  ? 499 HOH A O   1 
HETATM 1524 O O   . HOH H 3 .   ? 14.549  7.604   -6.340  1.00 35.98  ? 500 HOH A O   1 
HETATM 1525 O O   . HOH H 3 .   ? 10.036  -5.411  13.879  1.00 30.81  ? 501 HOH A O   1 
HETATM 1526 O O   . HOH H 3 .   ? 3.393   -2.939  18.018  1.00 34.65  ? 502 HOH A O   1 
HETATM 1527 O O   . HOH H 3 .   ? -1.647  -12.755 -0.858  1.00 32.74  ? 503 HOH A O   1 
HETATM 1528 O O   . HOH H 3 .   ? -2.817  11.012  0.719   1.00 31.67  ? 504 HOH A O   1 
HETATM 1529 O O   . HOH H 3 .   ? -18.975 3.550   -2.217  1.00 48.85  ? 505 HOH A O   1 
HETATM 1530 O O   . HOH H 3 .   ? 12.425  -15.260 13.015  1.00 41.27  ? 506 HOH A O   1 
HETATM 1531 O O   . HOH H 3 .   ? -7.198  -1.020  -8.346  1.00 35.33  ? 507 HOH A O   1 
HETATM 1532 O O   . HOH H 3 .   ? -9.940  -5.500  -5.402  1.00 45.91  ? 508 HOH A O   1 
HETATM 1533 O O   . HOH H 3 .   ? -0.767  -13.737 1.522   1.00 26.86  ? 509 HOH A O   1 
HETATM 1534 O O   . HOH H 3 .   ? -8.652  -9.599  -0.534  1.00 39.89  ? 510 HOH A O   1 
HETATM 1535 O O   . HOH H 3 .   ? -3.309  -14.893 -2.754  1.00 48.13  ? 511 HOH A O   1 
HETATM 1536 O O   . HOH H 3 .   ? -22.156 2.735   -7.536  1.00 43.53  ? 512 HOH A O   1 
HETATM 1537 O O   . HOH H 3 .   ? 3.004   20.288  2.122   1.00 35.75  ? 513 HOH A O   1 
HETATM 1538 O O   . HOH H 3 .   ? -13.067 20.380  2.732   1.00 54.33  ? 514 HOH A O   1 
HETATM 1539 O O   . HOH H 3 .   ? -5.639  -16.573 -3.215  1.00 38.54  ? 515 HOH A O   1 
HETATM 1540 O O   . HOH H 3 .   ? -10.133 -4.685  3.916   1.00 41.59  ? 516 HOH A O   1 
HETATM 1541 O O   . HOH H 3 .   ? -3.123  -4.992  16.614  1.00 38.98  ? 517 HOH A O   1 
HETATM 1542 O O   . HOH H 3 .   ? -3.453  0.730   1.858   1.00 48.44  ? 518 HOH A O   1 
HETATM 1543 O O   . HOH H 3 .   ? -2.728  -1.511  -0.735  1.00 40.04  ? 519 HOH A O   1 
HETATM 1544 O O   . HOH H 3 .   ? 13.962  12.352  -6.056  1.00 41.62  ? 520 HOH A O   1 
HETATM 1545 O O   . HOH H 3 .   ? 13.733  13.292  -3.824  1.00 49.91  ? 521 HOH A O   1 
HETATM 1546 O O   . HOH H 3 .   ? -16.791 -4.820  -9.458  1.00 42.43  ? 522 HOH A O   1 
HETATM 1547 O O   . HOH H 3 .   ? 11.000  19.227  -0.078  1.00 48.53  ? 523 HOH A O   1 
HETATM 1548 O O   . HOH H 3 .   ? 11.765  18.088  -2.424  1.00 50.76  ? 524 HOH A O   1 
HETATM 1549 O O   . HOH H 3 .   ? -14.262 22.855  1.658   1.00 60.26  ? 525 HOH A O   1 
HETATM 1550 O O   . HOH H 3 .   ? -18.967 5.796   -19.344 1.00 47.03  ? 526 HOH A O   1 
HETATM 1551 O O   . HOH H 3 .   ? -4.119  2.737   0.623   1.00 53.25  ? 527 HOH A O   1 
HETATM 1552 O O   . HOH H 3 .   ? -12.343 20.789  -0.081  1.00 53.58  ? 528 HOH A O   1 
HETATM 1553 O O   . HOH H 3 .   ? 10.288  13.589  -4.119  1.00 42.71  ? 529 HOH A O   1 
# 
